data_1DSY
# 
_entry.id   1DSY 
# 
_audit_conform.dict_name       mmcif_pdbx.dic 
_audit_conform.dict_version    5.385 
_audit_conform.dict_location   http://mmcif.pdb.org/dictionaries/ascii/mmcif_pdbx.dic 
# 
loop_
_database_2.database_id 
_database_2.database_code 
_database_2.pdbx_database_accession 
_database_2.pdbx_DOI 
PDB   1DSY         pdb_00001dsy 10.2210/pdb1dsy/pdb 
RCSB  RCSB010338   ?            ?                   
WWPDB D_1000010338 ?            ?                   
# 
loop_
_pdbx_audit_revision_history.ordinal 
_pdbx_audit_revision_history.data_content_type 
_pdbx_audit_revision_history.major_revision 
_pdbx_audit_revision_history.minor_revision 
_pdbx_audit_revision_history.revision_date 
1 'Structure model' 1 0 2000-01-26 
2 'Structure model' 1 1 2008-04-27 
3 'Structure model' 1 2 2011-07-13 
4 'Structure model' 1 3 2024-02-07 
# 
_pdbx_audit_revision_details.ordinal             1 
_pdbx_audit_revision_details.revision_ordinal    1 
_pdbx_audit_revision_details.data_content_type   'Structure model' 
_pdbx_audit_revision_details.provider            repository 
_pdbx_audit_revision_details.type                'Initial release' 
_pdbx_audit_revision_details.description         ? 
_pdbx_audit_revision_details.details             ? 
# 
loop_
_pdbx_audit_revision_group.ordinal 
_pdbx_audit_revision_group.revision_ordinal 
_pdbx_audit_revision_group.data_content_type 
_pdbx_audit_revision_group.group 
1 2 'Structure model' 'Version format compliance' 
2 3 'Structure model' 'Version format compliance' 
3 4 'Structure model' 'Data collection'           
4 4 'Structure model' 'Database references'       
5 4 'Structure model' 'Derived calculations'      
# 
loop_
_pdbx_audit_revision_category.ordinal 
_pdbx_audit_revision_category.revision_ordinal 
_pdbx_audit_revision_category.data_content_type 
_pdbx_audit_revision_category.category 
1 4 'Structure model' chem_comp_atom         
2 4 'Structure model' chem_comp_bond         
3 4 'Structure model' database_2             
4 4 'Structure model' pdbx_struct_conn_angle 
5 4 'Structure model' struct_conn            
6 4 'Structure model' struct_site            
# 
loop_
_pdbx_audit_revision_item.ordinal 
_pdbx_audit_revision_item.revision_ordinal 
_pdbx_audit_revision_item.data_content_type 
_pdbx_audit_revision_item.item 
1  4 'Structure model' '_database_2.pdbx_DOI'                        
2  4 'Structure model' '_database_2.pdbx_database_accession'         
3  4 'Structure model' '_pdbx_struct_conn_angle.ptnr1_auth_comp_id'  
4  4 'Structure model' '_pdbx_struct_conn_angle.ptnr1_auth_seq_id'   
5  4 'Structure model' '_pdbx_struct_conn_angle.ptnr1_label_asym_id' 
6  4 'Structure model' '_pdbx_struct_conn_angle.ptnr1_label_atom_id' 
7  4 'Structure model' '_pdbx_struct_conn_angle.ptnr1_label_comp_id' 
8  4 'Structure model' '_pdbx_struct_conn_angle.ptnr1_label_seq_id'  
9  4 'Structure model' '_pdbx_struct_conn_angle.ptnr3_auth_comp_id'  
10 4 'Structure model' '_pdbx_struct_conn_angle.ptnr3_auth_seq_id'   
11 4 'Structure model' '_pdbx_struct_conn_angle.ptnr3_label_asym_id' 
12 4 'Structure model' '_pdbx_struct_conn_angle.ptnr3_label_atom_id' 
13 4 'Structure model' '_pdbx_struct_conn_angle.ptnr3_label_comp_id' 
14 4 'Structure model' '_pdbx_struct_conn_angle.ptnr3_label_seq_id'  
15 4 'Structure model' '_pdbx_struct_conn_angle.value'               
16 4 'Structure model' '_struct_conn.pdbx_dist_value'                
17 4 'Structure model' '_struct_conn.ptnr1_auth_comp_id'             
18 4 'Structure model' '_struct_conn.ptnr1_auth_seq_id'              
19 4 'Structure model' '_struct_conn.ptnr1_label_asym_id'            
20 4 'Structure model' '_struct_conn.ptnr1_label_atom_id'            
21 4 'Structure model' '_struct_conn.ptnr1_label_comp_id'            
22 4 'Structure model' '_struct_conn.ptnr1_label_seq_id'             
23 4 'Structure model' '_struct_conn.ptnr2_auth_comp_id'             
24 4 'Structure model' '_struct_conn.ptnr2_auth_seq_id'              
25 4 'Structure model' '_struct_conn.ptnr2_label_asym_id'            
26 4 'Structure model' '_struct_conn.ptnr2_label_atom_id'            
27 4 'Structure model' '_struct_conn.ptnr2_label_comp_id'            
28 4 'Structure model' '_struct_conn.ptnr2_label_seq_id'             
29 4 'Structure model' '_struct_site.pdbx_auth_asym_id'              
30 4 'Structure model' '_struct_site.pdbx_auth_comp_id'              
31 4 'Structure model' '_struct_site.pdbx_auth_seq_id'               
# 
_pdbx_database_status.status_code                     REL 
_pdbx_database_status.entry_id                        1DSY 
_pdbx_database_status.recvd_initial_deposition_date   2000-01-10 
_pdbx_database_status.deposit_site                    RCSB 
_pdbx_database_status.process_site                    RCSB 
_pdbx_database_status.SG_entry                        . 
_pdbx_database_status.pdb_format_compatible           Y 
_pdbx_database_status.status_code_mr                  ? 
_pdbx_database_status.status_code_sf                  ? 
_pdbx_database_status.status_code_cs                  ? 
_pdbx_database_status.status_code_nmr_data            ? 
_pdbx_database_status.methods_development_category    ? 
# 
loop_
_audit_author.name 
_audit_author.pdbx_ordinal 
'Verdaguer, N.'         1 
'Corbalan-Garcia, S.'   2 
'Ochoa, W.F.'           3 
'Fita, I.'              4 
'Gomez-Fernandez, J.C.' 5 
# 
_citation.id                        primary 
_citation.title                     
'Ca(2+) bridges the C2 membrane-binding domain of protein kinase Calpha directly to phosphatidylserine.' 
_citation.journal_abbrev            'EMBO J.' 
_citation.journal_volume            18 
_citation.page_first                6329 
_citation.page_last                 6338 
_citation.year                      1999 
_citation.journal_id_ASTM           EMJODG 
_citation.country                   UK 
_citation.journal_id_ISSN           0261-4189 
_citation.journal_id_CSD            0897 
_citation.book_publisher            ? 
_citation.pdbx_database_id_PubMed   10562545 
_citation.pdbx_database_id_DOI      10.1093/emboj/18.22.6329 
# 
loop_
_citation_author.citation_id 
_citation_author.name 
_citation_author.ordinal 
_citation_author.identifier_ORCID 
primary 'Verdaguer, N.'         1 ? 
primary 'Corbalan-Garcia, S.'   2 ? 
primary 'Ochoa, W.F.'           3 ? 
primary 'Fita, I.'              4 ? 
primary 'Gomez-Fernandez, J.C.' 5 ? 
# 
loop_
_entity.id 
_entity.type 
_entity.src_method 
_entity.pdbx_description 
_entity.formula_weight 
_entity.pdbx_number_of_molecules 
_entity.pdbx_ec 
_entity.pdbx_mutation 
_entity.pdbx_fragment 
_entity.details 
1 polymer     man 'PROTEIN KINASE C, ALPHA TYPE'         16240.451 1  2.7.1.- ? 'CALCIUM/PHOSPHOLIPID BINDING DOMAIN' ? 
2 non-polymer syn 'CALCIUM ION'                          40.078    2  ?       ? ?                                     ? 
3 non-polymer syn 'PHOSPHATE ION'                        94.971    1  ?       ? ?                                     ? 
4 non-polymer syn 1,2-DICAPROYL-SN-PHOSPHATIDYL-L-SERINE 455.437   1  ?       ? ?                                     ? 
5 water       nat water                                  18.015    39 ?       ? ?                                     ? 
# 
_entity_poly.entity_id                      1 
_entity_poly.type                           'polypeptide(L)' 
_entity_poly.nstd_linkage                   no 
_entity_poly.nstd_monomer                   no 
_entity_poly.pdbx_seq_one_letter_code       
;HTEKRGRIYLKAEVTDEKLHVTVRDAKNLIPMDPNGLSDPYVKLKLIPDPKNESKQKTKTIRSTLNPQWNESFTFKLKPS
DKDRRLSVEIWDWDRTTRNDFMGSLSFGVSELMKMPASGWYKLLNQEEGEYYNVPIPEG
;
_entity_poly.pdbx_seq_one_letter_code_can   
;HTEKRGRIYLKAEVTDEKLHVTVRDAKNLIPMDPNGLSDPYVKLKLIPDPKNESKQKTKTIRSTLNPQWNESFTFKLKPS
DKDRRLSVEIWDWDRTTRNDFMGSLSFGVSELMKMPASGWYKLLNQEEGEYYNVPIPEG
;
_entity_poly.pdbx_strand_id                 A 
_entity_poly.pdbx_target_identifier         ? 
# 
loop_
_pdbx_entity_nonpoly.entity_id 
_pdbx_entity_nonpoly.name 
_pdbx_entity_nonpoly.comp_id 
2 'CALCIUM ION'                          CA  
3 'PHOSPHATE ION'                        PO4 
4 1,2-DICAPROYL-SN-PHOSPHATIDYL-L-SERINE PSF 
5 water                                  HOH 
# 
loop_
_entity_poly_seq.entity_id 
_entity_poly_seq.num 
_entity_poly_seq.mon_id 
_entity_poly_seq.hetero 
1 1   HIS n 
1 2   THR n 
1 3   GLU n 
1 4   LYS n 
1 5   ARG n 
1 6   GLY n 
1 7   ARG n 
1 8   ILE n 
1 9   TYR n 
1 10  LEU n 
1 11  LYS n 
1 12  ALA n 
1 13  GLU n 
1 14  VAL n 
1 15  THR n 
1 16  ASP n 
1 17  GLU n 
1 18  LYS n 
1 19  LEU n 
1 20  HIS n 
1 21  VAL n 
1 22  THR n 
1 23  VAL n 
1 24  ARG n 
1 25  ASP n 
1 26  ALA n 
1 27  LYS n 
1 28  ASN n 
1 29  LEU n 
1 30  ILE n 
1 31  PRO n 
1 32  MET n 
1 33  ASP n 
1 34  PRO n 
1 35  ASN n 
1 36  GLY n 
1 37  LEU n 
1 38  SER n 
1 39  ASP n 
1 40  PRO n 
1 41  TYR n 
1 42  VAL n 
1 43  LYS n 
1 44  LEU n 
1 45  LYS n 
1 46  LEU n 
1 47  ILE n 
1 48  PRO n 
1 49  ASP n 
1 50  PRO n 
1 51  LYS n 
1 52  ASN n 
1 53  GLU n 
1 54  SER n 
1 55  LYS n 
1 56  GLN n 
1 57  LYS n 
1 58  THR n 
1 59  LYS n 
1 60  THR n 
1 61  ILE n 
1 62  ARG n 
1 63  SER n 
1 64  THR n 
1 65  LEU n 
1 66  ASN n 
1 67  PRO n 
1 68  GLN n 
1 69  TRP n 
1 70  ASN n 
1 71  GLU n 
1 72  SER n 
1 73  PHE n 
1 74  THR n 
1 75  PHE n 
1 76  LYS n 
1 77  LEU n 
1 78  LYS n 
1 79  PRO n 
1 80  SER n 
1 81  ASP n 
1 82  LYS n 
1 83  ASP n 
1 84  ARG n 
1 85  ARG n 
1 86  LEU n 
1 87  SER n 
1 88  VAL n 
1 89  GLU n 
1 90  ILE n 
1 91  TRP n 
1 92  ASP n 
1 93  TRP n 
1 94  ASP n 
1 95  ARG n 
1 96  THR n 
1 97  THR n 
1 98  ARG n 
1 99  ASN n 
1 100 ASP n 
1 101 PHE n 
1 102 MET n 
1 103 GLY n 
1 104 SER n 
1 105 LEU n 
1 106 SER n 
1 107 PHE n 
1 108 GLY n 
1 109 VAL n 
1 110 SER n 
1 111 GLU n 
1 112 LEU n 
1 113 MET n 
1 114 LYS n 
1 115 MET n 
1 116 PRO n 
1 117 ALA n 
1 118 SER n 
1 119 GLY n 
1 120 TRP n 
1 121 TYR n 
1 122 LYS n 
1 123 LEU n 
1 124 LEU n 
1 125 ASN n 
1 126 GLN n 
1 127 GLU n 
1 128 GLU n 
1 129 GLY n 
1 130 GLU n 
1 131 TYR n 
1 132 TYR n 
1 133 ASN n 
1 134 VAL n 
1 135 PRO n 
1 136 ILE n 
1 137 PRO n 
1 138 GLU n 
1 139 GLY n 
# 
_entity_src_gen.entity_id                          1 
_entity_src_gen.pdbx_src_id                        1 
_entity_src_gen.pdbx_alt_source_flag               sample 
_entity_src_gen.pdbx_seq_type                      ? 
_entity_src_gen.pdbx_beg_seq_num                   ? 
_entity_src_gen.pdbx_end_seq_num                   ? 
_entity_src_gen.gene_src_common_name               'Norway rat' 
_entity_src_gen.gene_src_genus                     Rattus 
_entity_src_gen.pdbx_gene_src_gene                 ? 
_entity_src_gen.gene_src_species                   ? 
_entity_src_gen.gene_src_strain                    ? 
_entity_src_gen.gene_src_tissue                    ? 
_entity_src_gen.gene_src_tissue_fraction           ? 
_entity_src_gen.gene_src_details                   ? 
_entity_src_gen.pdbx_gene_src_fragment             ? 
_entity_src_gen.pdbx_gene_src_scientific_name      'Rattus norvegicus' 
_entity_src_gen.pdbx_gene_src_ncbi_taxonomy_id     10116 
_entity_src_gen.pdbx_gene_src_variant              ? 
_entity_src_gen.pdbx_gene_src_cell_line            ? 
_entity_src_gen.pdbx_gene_src_atcc                 ? 
_entity_src_gen.pdbx_gene_src_organ                ? 
_entity_src_gen.pdbx_gene_src_organelle            ? 
_entity_src_gen.pdbx_gene_src_cell                 ? 
_entity_src_gen.pdbx_gene_src_cellular_location    ? 
_entity_src_gen.host_org_common_name               ? 
_entity_src_gen.pdbx_host_org_scientific_name      'Escherichia coli BL21(DE3)' 
_entity_src_gen.pdbx_host_org_ncbi_taxonomy_id     469008 
_entity_src_gen.host_org_genus                     Escherichia 
_entity_src_gen.pdbx_host_org_gene                 ? 
_entity_src_gen.pdbx_host_org_organ                ? 
_entity_src_gen.host_org_species                   'Escherichia coli' 
_entity_src_gen.pdbx_host_org_tissue               ? 
_entity_src_gen.pdbx_host_org_tissue_fraction      ? 
_entity_src_gen.pdbx_host_org_strain               'BL21(DE3)' 
_entity_src_gen.pdbx_host_org_variant              ? 
_entity_src_gen.pdbx_host_org_cell_line            ? 
_entity_src_gen.pdbx_host_org_atcc                 ? 
_entity_src_gen.pdbx_host_org_culture_collection   ? 
_entity_src_gen.pdbx_host_org_cell                 ? 
_entity_src_gen.pdbx_host_org_organelle            ? 
_entity_src_gen.pdbx_host_org_cellular_location    ? 
_entity_src_gen.pdbx_host_org_vector_type          ? 
_entity_src_gen.pdbx_host_org_vector               'PET28C(+)' 
_entity_src_gen.host_org_details                   ? 
_entity_src_gen.expression_system_id               ? 
_entity_src_gen.plasmid_name                       ? 
_entity_src_gen.plasmid_details                    ? 
_entity_src_gen.pdbx_description                   ? 
# 
loop_
_chem_comp.id 
_chem_comp.type 
_chem_comp.mon_nstd_flag 
_chem_comp.name 
_chem_comp.pdbx_synonyms 
_chem_comp.formula 
_chem_comp.formula_weight 
ALA 'L-peptide linking' y ALANINE                                ?                  'C3 H7 N O2'      89.093  
ARG 'L-peptide linking' y ARGININE                               ?                  'C6 H15 N4 O2 1'  175.209 
ASN 'L-peptide linking' y ASPARAGINE                             ?                  'C4 H8 N2 O3'     132.118 
ASP 'L-peptide linking' y 'ASPARTIC ACID'                        ?                  'C4 H7 N O4'      133.103 
CA  non-polymer         . 'CALCIUM ION'                          ?                  'Ca 2'            40.078  
GLN 'L-peptide linking' y GLUTAMINE                              ?                  'C5 H10 N2 O3'    146.144 
GLU 'L-peptide linking' y 'GLUTAMIC ACID'                        ?                  'C5 H9 N O4'      147.129 
GLY 'peptide linking'   y GLYCINE                                ?                  'C2 H5 N O2'      75.067  
HIS 'L-peptide linking' y HISTIDINE                              ?                  'C6 H10 N3 O2 1'  156.162 
HOH non-polymer         . WATER                                  ?                  'H2 O'            18.015  
ILE 'L-peptide linking' y ISOLEUCINE                             ?                  'C6 H13 N O2'     131.173 
LEU 'L-peptide linking' y LEUCINE                                ?                  'C6 H13 N O2'     131.173 
LYS 'L-peptide linking' y LYSINE                                 ?                  'C6 H15 N2 O2 1'  147.195 
MET 'L-peptide linking' y METHIONINE                             ?                  'C5 H11 N O2 S'   149.211 
PHE 'L-peptide linking' y PHENYLALANINE                          ?                  'C9 H11 N O2'     165.189 
PO4 non-polymer         . 'PHOSPHATE ION'                        ?                  'O4 P -3'         94.971  
PRO 'L-peptide linking' y PROLINE                                ?                  'C5 H9 N O2'      115.130 
PSF non-polymer         . 1,2-DICAPROYL-SN-PHOSPHATIDYL-L-SERINE PHOSPHATIDYLSERINE 'C18 H34 N O10 P' 455.437 
SER 'L-peptide linking' y SERINE                                 ?                  'C3 H7 N O3'      105.093 
THR 'L-peptide linking' y THREONINE                              ?                  'C4 H9 N O3'      119.119 
TRP 'L-peptide linking' y TRYPTOPHAN                             ?                  'C11 H12 N2 O2'   204.225 
TYR 'L-peptide linking' y TYROSINE                               ?                  'C9 H11 N O3'     181.189 
VAL 'L-peptide linking' y VALINE                                 ?                  'C5 H11 N O2'     117.146 
# 
loop_
_pdbx_poly_seq_scheme.asym_id 
_pdbx_poly_seq_scheme.entity_id 
_pdbx_poly_seq_scheme.seq_id 
_pdbx_poly_seq_scheme.mon_id 
_pdbx_poly_seq_scheme.ndb_seq_num 
_pdbx_poly_seq_scheme.pdb_seq_num 
_pdbx_poly_seq_scheme.auth_seq_num 
_pdbx_poly_seq_scheme.pdb_mon_id 
_pdbx_poly_seq_scheme.auth_mon_id 
_pdbx_poly_seq_scheme.pdb_strand_id 
_pdbx_poly_seq_scheme.pdb_ins_code 
_pdbx_poly_seq_scheme.hetero 
A 1 1   HIS 1   155 ?   ?   ?   A . n 
A 1 2   THR 2   156 156 THR ALA A . n 
A 1 3   GLU 3   157 157 GLU ALA A . n 
A 1 4   LYS 4   158 158 LYS LYS A . n 
A 1 5   ARG 5   159 159 ARG ARG A . n 
A 1 6   GLY 6   160 160 GLY GLY A . n 
A 1 7   ARG 7   161 161 ARG ARG A . n 
A 1 8   ILE 8   162 162 ILE ILE A . n 
A 1 9   TYR 9   163 163 TYR TYR A . n 
A 1 10  LEU 10  164 164 LEU LEU A . n 
A 1 11  LYS 11  165 165 LYS LYS A . n 
A 1 12  ALA 12  166 166 ALA ALA A . n 
A 1 13  GLU 13  167 167 GLU GLU A . n 
A 1 14  VAL 14  168 168 VAL VAL A . n 
A 1 15  THR 15  169 169 THR THR A . n 
A 1 16  ASP 16  170 170 ASP ASP A . n 
A 1 17  GLU 17  171 171 GLU GLU A . n 
A 1 18  LYS 18  172 172 LYS LYS A . n 
A 1 19  LEU 19  173 173 LEU LEU A . n 
A 1 20  HIS 20  174 174 HIS HIS A . n 
A 1 21  VAL 21  175 175 VAL VAL A . n 
A 1 22  THR 22  176 176 THR THR A . n 
A 1 23  VAL 23  177 177 VAL VAL A . n 
A 1 24  ARG 24  178 178 ARG ARG A . n 
A 1 25  ASP 25  179 179 ASP ASP A . n 
A 1 26  ALA 26  180 180 ALA ALA A . n 
A 1 27  LYS 27  181 181 LYS LYS A . n 
A 1 28  ASN 28  182 182 ASN ASN A . n 
A 1 29  LEU 29  183 183 LEU LEU A . n 
A 1 30  ILE 30  184 184 ILE ILE A . n 
A 1 31  PRO 31  185 185 PRO PRO A . n 
A 1 32  MET 32  186 186 MET MET A . n 
A 1 33  ASP 33  187 187 ASP ASP A . n 
A 1 34  PRO 34  188 188 PRO PRO A . n 
A 1 35  ASN 35  189 189 ASN ASN A . n 
A 1 36  GLY 36  190 190 GLY GLY A . n 
A 1 37  LEU 37  191 191 LEU LEU A . n 
A 1 38  SER 38  192 192 SER SER A . n 
A 1 39  ASP 39  193 193 ASP ASP A . n 
A 1 40  PRO 40  194 194 PRO PRO A . n 
A 1 41  TYR 41  195 195 TYR TYR A . n 
A 1 42  VAL 42  196 196 VAL VAL A . n 
A 1 43  LYS 43  197 197 LYS LYS A . n 
A 1 44  LEU 44  198 198 LEU LEU A . n 
A 1 45  LYS 45  199 199 LYS LYS A . n 
A 1 46  LEU 46  200 200 LEU LEU A . n 
A 1 47  ILE 47  201 201 ILE ILE A . n 
A 1 48  PRO 48  202 202 PRO PRO A . n 
A 1 49  ASP 49  203 203 ASP ASP A . n 
A 1 50  PRO 50  204 204 PRO PRO A . n 
A 1 51  LYS 51  205 205 LYS LYS A . n 
A 1 52  ASN 52  206 206 ASN ASN A . n 
A 1 53  GLU 53  207 207 GLU GLU A . n 
A 1 54  SER 54  208 208 SER SER A . n 
A 1 55  LYS 55  209 209 LYS LYS A . n 
A 1 56  GLN 56  210 210 GLN GLN A . n 
A 1 57  LYS 57  211 211 LYS LYS A . n 
A 1 58  THR 58  212 212 THR THR A . n 
A 1 59  LYS 59  213 213 LYS LYS A . n 
A 1 60  THR 60  214 214 THR THR A . n 
A 1 61  ILE 61  215 215 ILE ILE A . n 
A 1 62  ARG 62  216 216 ARG ARG A . n 
A 1 63  SER 63  217 217 SER SER A . n 
A 1 64  THR 64  218 218 THR THR A . n 
A 1 65  LEU 65  219 219 LEU LEU A . n 
A 1 66  ASN 66  220 220 ASN ASN A . n 
A 1 67  PRO 67  221 221 PRO PRO A . n 
A 1 68  GLN 68  222 222 GLN GLN A . n 
A 1 69  TRP 69  223 223 TRP TRP A . n 
A 1 70  ASN 70  224 224 ASN ASN A . n 
A 1 71  GLU 71  225 225 GLU GLU A . n 
A 1 72  SER 72  226 226 SER SER A . n 
A 1 73  PHE 73  227 227 PHE PHE A . n 
A 1 74  THR 74  228 228 THR THR A . n 
A 1 75  PHE 75  229 229 PHE PHE A . n 
A 1 76  LYS 76  230 230 LYS LYS A . n 
A 1 77  LEU 77  231 231 LEU LEU A . n 
A 1 78  LYS 78  232 232 LYS LYS A . n 
A 1 79  PRO 79  233 233 PRO PRO A . n 
A 1 80  SER 80  234 234 SER SER A . n 
A 1 81  ASP 81  235 235 ASP ASP A . n 
A 1 82  LYS 82  236 236 LYS LYS A . n 
A 1 83  ASP 83  237 237 ASP ASP A . n 
A 1 84  ARG 84  238 238 ARG ARG A . n 
A 1 85  ARG 85  239 239 ARG ARG A . n 
A 1 86  LEU 86  240 240 LEU LEU A . n 
A 1 87  SER 87  241 241 SER SER A . n 
A 1 88  VAL 88  242 242 VAL VAL A . n 
A 1 89  GLU 89  243 243 GLU GLU A . n 
A 1 90  ILE 90  244 244 ILE ILE A . n 
A 1 91  TRP 91  245 245 TRP TRP A . n 
A 1 92  ASP 92  246 246 ASP ASP A . n 
A 1 93  TRP 93  247 247 TRP TRP A . n 
A 1 94  ASP 94  248 248 ASP ASP A . n 
A 1 95  ARG 95  249 249 ARG ARG A . n 
A 1 96  THR 96  250 250 THR THR A . n 
A 1 97  THR 97  251 251 THR THR A . n 
A 1 98  ARG 98  252 252 ARG ALA A . n 
A 1 99  ASN 99  253 253 ASN ASN A . n 
A 1 100 ASP 100 254 254 ASP ASP A . n 
A 1 101 PHE 101 255 255 PHE PHE A . n 
A 1 102 MET 102 256 256 MET MET A . n 
A 1 103 GLY 103 257 257 GLY GLY A . n 
A 1 104 SER 104 258 258 SER SER A . n 
A 1 105 LEU 105 259 259 LEU LEU A . n 
A 1 106 SER 106 260 260 SER SER A . n 
A 1 107 PHE 107 261 261 PHE PHE A . n 
A 1 108 GLY 108 262 262 GLY GLY A . n 
A 1 109 VAL 109 263 263 VAL VAL A . n 
A 1 110 SER 110 264 264 SER SER A . n 
A 1 111 GLU 111 265 265 GLU GLU A . n 
A 1 112 LEU 112 266 266 LEU LEU A . n 
A 1 113 MET 113 267 267 MET MET A . n 
A 1 114 LYS 114 268 268 LYS LYS A . n 
A 1 115 MET 115 269 269 MET ALA A . n 
A 1 116 PRO 116 270 270 PRO PRO A . n 
A 1 117 ALA 117 271 271 ALA ALA A . n 
A 1 118 SER 118 272 272 SER SER A . n 
A 1 119 GLY 119 273 273 GLY GLY A . n 
A 1 120 TRP 120 274 274 TRP TRP A . n 
A 1 121 TYR 121 275 275 TYR TYR A . n 
A 1 122 LYS 122 276 276 LYS LYS A . n 
A 1 123 LEU 123 277 277 LEU LEU A . n 
A 1 124 LEU 124 278 278 LEU LEU A . n 
A 1 125 ASN 125 279 279 ASN ASN A . n 
A 1 126 GLN 126 280 280 GLN GLN A . n 
A 1 127 GLU 127 281 281 GLU GLU A . n 
A 1 128 GLU 128 282 282 GLU GLU A . n 
A 1 129 GLY 129 283 283 GLY GLY A . n 
A 1 130 GLU 130 284 284 GLU GLU A . n 
A 1 131 TYR 131 285 285 TYR TYR A . n 
A 1 132 TYR 132 286 286 TYR TYR A . n 
A 1 133 ASN 133 287 287 ASN ASN A . n 
A 1 134 VAL 134 288 288 VAL VAL A . n 
A 1 135 PRO 135 289 289 PRO PRO A . n 
A 1 136 ILE 136 290 290 ILE ILE A . n 
A 1 137 PRO 137 291 291 PRO PRO A . n 
A 1 138 GLU 138 292 292 GLU ALA A . n 
A 1 139 GLY 139 293 ?   ?   ?   A . n 
# 
loop_
_pdbx_nonpoly_scheme.asym_id 
_pdbx_nonpoly_scheme.entity_id 
_pdbx_nonpoly_scheme.mon_id 
_pdbx_nonpoly_scheme.ndb_seq_num 
_pdbx_nonpoly_scheme.pdb_seq_num 
_pdbx_nonpoly_scheme.auth_seq_num 
_pdbx_nonpoly_scheme.pdb_mon_id 
_pdbx_nonpoly_scheme.auth_mon_id 
_pdbx_nonpoly_scheme.pdb_strand_id 
_pdbx_nonpoly_scheme.pdb_ins_code 
B 2 CA  1  501 501 CA  CA  A . 
C 2 CA  1  502 502 CA  CA  A . 
D 3 PO4 1  601 601 PO4 PO4 A . 
E 4 PSF 1  401 401 PSF PSE A . 
F 5 HOH 1  301 301 HOH HOH A . 
F 5 HOH 2  302 302 HOH HOH A . 
F 5 HOH 3  303 303 HOH HOH A . 
F 5 HOH 4  304 304 HOH HOH A . 
F 5 HOH 5  305 305 HOH HOH A . 
F 5 HOH 6  306 306 HOH HOH A . 
F 5 HOH 7  307 307 HOH HOH A . 
F 5 HOH 8  308 308 HOH HOH A . 
F 5 HOH 9  309 309 HOH HOH A . 
F 5 HOH 10 310 310 HOH HOH A . 
F 5 HOH 11 311 311 HOH HOH A . 
F 5 HOH 12 312 312 HOH HOH A . 
F 5 HOH 13 313 313 HOH HOH A . 
F 5 HOH 14 314 314 HOH HOH A . 
F 5 HOH 15 315 315 HOH HOH A . 
F 5 HOH 16 316 316 HOH HOH A . 
F 5 HOH 17 317 317 HOH HOH A . 
F 5 HOH 18 318 318 HOH HOH A . 
F 5 HOH 19 319 319 HOH HOH A . 
F 5 HOH 20 320 320 HOH HOH A . 
F 5 HOH 21 321 321 HOH HOH A . 
F 5 HOH 22 322 322 HOH HOH A . 
F 5 HOH 23 323 323 HOH HOH A . 
F 5 HOH 24 324 324 HOH HOH A . 
F 5 HOH 25 325 325 HOH HOH A . 
F 5 HOH 26 326 326 HOH HOH A . 
F 5 HOH 27 327 327 HOH HOH A . 
F 5 HOH 28 328 328 HOH HOH A . 
F 5 HOH 29 329 329 HOH HOH A . 
F 5 HOH 30 330 330 HOH HOH A . 
F 5 HOH 31 331 331 HOH HOH A . 
F 5 HOH 32 332 332 HOH HOH A . 
F 5 HOH 33 333 333 HOH HOH A . 
F 5 HOH 34 334 334 HOH HOH A . 
F 5 HOH 35 335 335 HOH HOH A . 
F 5 HOH 36 336 336 HOH HOH A . 
F 5 HOH 37 337 337 HOH HOH A . 
F 5 HOH 38 338 338 HOH HOH A . 
F 5 HOH 39 339 339 HOH HOH A . 
# 
loop_
_pdbx_unobs_or_zero_occ_atoms.id 
_pdbx_unobs_or_zero_occ_atoms.PDB_model_num 
_pdbx_unobs_or_zero_occ_atoms.polymer_flag 
_pdbx_unobs_or_zero_occ_atoms.occupancy_flag 
_pdbx_unobs_or_zero_occ_atoms.auth_asym_id 
_pdbx_unobs_or_zero_occ_atoms.auth_comp_id 
_pdbx_unobs_or_zero_occ_atoms.auth_seq_id 
_pdbx_unobs_or_zero_occ_atoms.PDB_ins_code 
_pdbx_unobs_or_zero_occ_atoms.auth_atom_id 
_pdbx_unobs_or_zero_occ_atoms.label_alt_id 
_pdbx_unobs_or_zero_occ_atoms.label_asym_id 
_pdbx_unobs_or_zero_occ_atoms.label_comp_id 
_pdbx_unobs_or_zero_occ_atoms.label_seq_id 
_pdbx_unobs_or_zero_occ_atoms.label_atom_id 
1  1 Y 1 A THR 156 ? OG1 ? A THR 2   OG1 
2  1 Y 1 A THR 156 ? CG2 ? A THR 2   CG2 
3  1 Y 1 A GLU 157 ? CG  ? A GLU 3   CG  
4  1 Y 1 A GLU 157 ? CD  ? A GLU 3   CD  
5  1 Y 1 A GLU 157 ? OE1 ? A GLU 3   OE1 
6  1 Y 1 A GLU 157 ? OE2 ? A GLU 3   OE2 
7  1 Y 1 A ARG 252 ? CG  ? A ARG 98  CG  
8  1 Y 1 A ARG 252 ? CD  ? A ARG 98  CD  
9  1 Y 1 A ARG 252 ? NE  ? A ARG 98  NE  
10 1 Y 1 A ARG 252 ? CZ  ? A ARG 98  CZ  
11 1 Y 1 A ARG 252 ? NH1 ? A ARG 98  NH1 
12 1 Y 1 A ARG 252 ? NH2 ? A ARG 98  NH2 
13 1 Y 1 A MET 269 ? CG  ? A MET 115 CG  
14 1 Y 1 A MET 269 ? SD  ? A MET 115 SD  
15 1 Y 1 A MET 269 ? CE  ? A MET 115 CE  
16 1 Y 1 A GLU 292 ? CG  ? A GLU 138 CG  
17 1 Y 1 A GLU 292 ? CD  ? A GLU 138 CD  
18 1 Y 1 A GLU 292 ? OE1 ? A GLU 138 OE1 
19 1 Y 1 A GLU 292 ? OE2 ? A GLU 138 OE2 
20 1 N 1 A PSF 401 ? C8  ? E PSF 1   C8  
21 1 N 1 A PSF 401 ? C9  ? E PSF 1   C9  
22 1 N 1 A PSF 401 ? C10 ? E PSF 1   C10 
23 1 N 1 A PSF 401 ? C16 ? E PSF 1   C16 
24 1 N 1 A PSF 401 ? C17 ? E PSF 1   C17 
# 
loop_
_software.name 
_software.classification 
_software.version 
_software.citation_id 
_software.pdbx_ordinal 
AMoRE     phasing          . ? 1 
CNS       refinement       . ? 2 
DENZO     'data reduction' . ? 3 
SCALEPACK 'data scaling'   . ? 4 
# 
_cell.entry_id           1DSY 
_cell.length_a           58.8 
_cell.length_b           58.8 
_cell.length_c           91.7 
_cell.angle_alpha        90.0 
_cell.angle_beta         90.0 
_cell.angle_gamma        120.0 
_cell.Z_PDB              6 
_cell.pdbx_unique_axis   ? 
# 
_symmetry.entry_id                         1DSY 
_symmetry.space_group_name_H-M             'P 32 2 1' 
_symmetry.pdbx_full_space_group_name_H-M   ? 
_symmetry.cell_setting                     ? 
_symmetry.Int_Tables_number                154 
# 
_exptl.entry_id          1DSY 
_exptl.method            'X-RAY DIFFRACTION' 
_exptl.crystals_number   1 
# 
_exptl_crystal.id                    1 
_exptl_crystal.density_meas          ? 
_exptl_crystal.density_Matthews      2.82 
_exptl_crystal.density_percent_sol   56.32 
_exptl_crystal.description           ? 
# 
_exptl_crystal_grow.crystal_id      1 
_exptl_crystal_grow.method          'VAPOR DIFFUSION, HANGING DROP' 
_exptl_crystal_grow.temp            293 
_exptl_crystal_grow.temp_details    ? 
_exptl_crystal_grow.pH              6.5 
_exptl_crystal_grow.pdbx_details    'PEG8K, POTASSIUM PHOSPHATE, pH 6.5, VAPOR DIFFUSION, HANGING DROP, temperature 293K' 
_exptl_crystal_grow.pdbx_pH_range   . 
# 
_diffrn.id                     1 
_diffrn.ambient_temp           293.0 
_diffrn.ambient_temp_details   ? 
_diffrn.crystal_id             1 
# 
_diffrn_detector.diffrn_id              1 
_diffrn_detector.detector               'IMAGE PLATE' 
_diffrn_detector.type                   MARRESEARCH 
_diffrn_detector.pdbx_collection_date   1999-02-25 
_diffrn_detector.details                ? 
# 
_diffrn_radiation.diffrn_id                        1 
_diffrn_radiation.wavelength_id                    1 
_diffrn_radiation.pdbx_monochromatic_or_laue_m_l   M 
_diffrn_radiation.monochromator                    ? 
_diffrn_radiation.pdbx_diffrn_protocol             'SINGLE WAVELENGTH' 
_diffrn_radiation.pdbx_scattering_type             x-ray 
# 
_diffrn_radiation_wavelength.id           1 
_diffrn_radiation_wavelength.wavelength   1.5418 
_diffrn_radiation_wavelength.wt           1.0 
# 
_diffrn_source.diffrn_id                   1 
_diffrn_source.source                      'ROTATING ANODE' 
_diffrn_source.type                        RIGAKU 
_diffrn_source.pdbx_synchrotron_site       ? 
_diffrn_source.pdbx_synchrotron_beamline   ? 
_diffrn_source.pdbx_wavelength             1.5418 
_diffrn_source.pdbx_wavelength_list        ? 
# 
_reflns.entry_id                     1DSY 
_reflns.observed_criterion_sigma_I   0 
_reflns.observed_criterion_sigma_F   0 
_reflns.d_resolution_low             20.0 
_reflns.d_resolution_high            2.6 
_reflns.number_obs                   5610 
_reflns.number_all                   5950 
_reflns.percent_possible_obs         94.3 
_reflns.pdbx_Rmerge_I_obs            0.0920000 
_reflns.pdbx_Rsym_value              ? 
_reflns.pdbx_netI_over_sigmaI        9.4 
_reflns.B_iso_Wilson_estimate        36.9 
_reflns.pdbx_redundancy              2.9 
_reflns.R_free_details               ? 
_reflns.limit_h_max                  ? 
_reflns.limit_h_min                  ? 
_reflns.limit_k_max                  ? 
_reflns.limit_k_min                  ? 
_reflns.limit_l_max                  ? 
_reflns.limit_l_min                  ? 
_reflns.observed_criterion_F_max     ? 
_reflns.observed_criterion_F_min     ? 
_reflns.pdbx_diffrn_id               1 
_reflns.pdbx_ordinal                 1 
# 
_reflns_shell.d_res_high             2.6 
_reflns_shell.d_res_low              2.69 
_reflns_shell.percent_possible_all   95.1 
_reflns_shell.Rmerge_I_obs           0.2810000 
_reflns_shell.pdbx_Rsym_value        ? 
_reflns_shell.meanI_over_sigI_obs    ? 
_reflns_shell.pdbx_redundancy        3.9 
_reflns_shell.percent_possible_obs   ? 
_reflns_shell.number_unique_all      562 
_reflns_shell.pdbx_diffrn_id         ? 
_reflns_shell.pdbx_ordinal           1 
# 
_refine.entry_id                                 1DSY 
_refine.ls_number_reflns_obs                     5432 
_refine.ls_number_reflns_all                     5969 
_refine.pdbx_ls_sigma_I                          ? 
_refine.pdbx_ls_sigma_F                          2.0 
_refine.pdbx_data_cutoff_high_absF               ? 
_refine.pdbx_data_cutoff_low_absF                ? 
_refine.ls_d_res_low                             18.0 
_refine.ls_d_res_high                            2.6 
_refine.ls_percent_reflns_obs                    ? 
_refine.ls_R_factor_obs                          ? 
_refine.ls_R_factor_all                          ? 
_refine.ls_R_factor_R_work                       0.1947000 
_refine.ls_R_factor_R_free                       0.2327000 
_refine.ls_R_factor_R_free_error                 ? 
_refine.ls_R_factor_R_free_error_details         ? 
_refine.ls_percent_reflns_R_free                 ? 
_refine.ls_number_reflns_R_free                  416 
_refine.ls_number_parameters                     ? 
_refine.ls_number_restraints                     ? 
_refine.occupancy_min                            ? 
_refine.occupancy_max                            ? 
_refine.B_iso_mean                               ? 
_refine.aniso_B[1][1]                            ? 
_refine.aniso_B[2][2]                            ? 
_refine.aniso_B[3][3]                            ? 
_refine.aniso_B[1][2]                            ? 
_refine.aniso_B[1][3]                            ? 
_refine.aniso_B[2][3]                            ? 
_refine.solvent_model_details                    ? 
_refine.solvent_model_param_ksol                 ? 
_refine.solvent_model_param_bsol                 ? 
_refine.pdbx_ls_cross_valid_method               ? 
_refine.details                                  ? 
_refine.pdbx_starting_model                      ? 
_refine.pdbx_method_to_determine_struct          ? 
_refine.pdbx_isotropic_thermal_model             ? 
_refine.pdbx_stereochemistry_target_values       'Engh & Huber' 
_refine.pdbx_stereochem_target_val_spec_case     ? 
_refine.pdbx_R_Free_selection_details            random 
_refine.pdbx_overall_ESU_R_Free                  ? 
_refine.overall_SU_B                             ? 
_refine.ls_redundancy_reflns_obs                 ? 
_refine.B_iso_min                                ? 
_refine.B_iso_max                                ? 
_refine.overall_SU_ML                            ? 
_refine.pdbx_overall_ESU_R                       ? 
_refine.pdbx_data_cutoff_high_rms_absF           ? 
_refine.pdbx_refine_id                           'X-RAY DIFFRACTION' 
_refine.pdbx_diffrn_id                           1 
_refine.pdbx_TLS_residual_ADP_flag               ? 
_refine.correlation_coeff_Fo_to_Fc               ? 
_refine.correlation_coeff_Fo_to_Fc_free          ? 
_refine.pdbx_solvent_vdw_probe_radii             ? 
_refine.pdbx_solvent_ion_probe_radii             ? 
_refine.pdbx_solvent_shrinkage_radii             ? 
_refine.pdbx_overall_phase_error                 ? 
_refine.overall_SU_R_Cruickshank_DPI             ? 
_refine.pdbx_overall_SU_R_free_Cruickshank_DPI   ? 
_refine.pdbx_overall_SU_R_Blow_DPI               ? 
_refine.pdbx_overall_SU_R_free_Blow_DPI          ? 
# 
_refine_hist.pdbx_refine_id                   'X-RAY DIFFRACTION' 
_refine_hist.cycle_id                         LAST 
_refine_hist.pdbx_number_atoms_protein        1109 
_refine_hist.pdbx_number_atoms_nucleic_acid   0 
_refine_hist.pdbx_number_atoms_ligand         32 
_refine_hist.number_atoms_solvent             39 
_refine_hist.number_atoms_total               1180 
_refine_hist.d_res_high                       2.6 
_refine_hist.d_res_low                        18.0 
# 
loop_
_refine_ls_restr.type 
_refine_ls_restr.dev_ideal 
_refine_ls_restr.dev_ideal_target 
_refine_ls_restr.weight 
_refine_ls_restr.number 
_refine_ls_restr.pdbx_refine_id 
_refine_ls_restr.pdbx_restraint_function 
c_bond_d  1.667 ? ? ? 'X-RAY DIFFRACTION' ? 
c_angle_d 2.899 ? ? ? 'X-RAY DIFFRACTION' ? 
# 
_struct.entry_id                  1DSY 
_struct.title                     'C2 DOMAIN FROM PROTEIN KINASE C (ALPHA) COMPLEXED WITH CA2+ AND PHOSPHATIDYLSERINE' 
_struct.pdbx_model_details        ? 
_struct.pdbx_CASP_flag            ? 
_struct.pdbx_model_type_details   ? 
# 
_struct_keywords.entry_id        1DSY 
_struct_keywords.pdbx_keywords   TRANSFERASE 
_struct_keywords.text            
'CALCIUM++, PHOSPHOLIPID BINDING PROTEIN, CALCIUM-BINDING PROTEIN, PHOSPHATIDYLSERINE, PROTEIN KINASE C, TRANSFERASE' 
# 
loop_
_struct_asym.id 
_struct_asym.pdbx_blank_PDB_chainid_flag 
_struct_asym.pdbx_modified 
_struct_asym.entity_id 
_struct_asym.details 
A N N 1 ? 
B N N 2 ? 
C N N 2 ? 
D N N 3 ? 
E N N 4 ? 
F N N 5 ? 
# 
_struct_ref.id                         1 
_struct_ref.db_name                    UNP 
_struct_ref.db_code                    KPCA_RAT 
_struct_ref.entity_id                  1 
_struct_ref.pdbx_db_accession          P05696 
_struct_ref.pdbx_align_begin           ? 
_struct_ref.pdbx_seq_one_letter_code   ? 
_struct_ref.pdbx_db_isoform            ? 
# 
_struct_ref_seq.align_id                      1 
_struct_ref_seq.ref_id                        1 
_struct_ref_seq.pdbx_PDB_id_code              1DSY 
_struct_ref_seq.pdbx_strand_id                A 
_struct_ref_seq.seq_align_beg                 1 
_struct_ref_seq.pdbx_seq_align_beg_ins_code   ? 
_struct_ref_seq.seq_align_end                 139 
_struct_ref_seq.pdbx_seq_align_end_ins_code   ? 
_struct_ref_seq.pdbx_db_accession             P05696 
_struct_ref_seq.db_align_beg                  155 
_struct_ref_seq.pdbx_db_align_beg_ins_code    ? 
_struct_ref_seq.db_align_end                  293 
_struct_ref_seq.pdbx_db_align_end_ins_code    ? 
_struct_ref_seq.pdbx_auth_seq_align_beg       155 
_struct_ref_seq.pdbx_auth_seq_align_end       293 
# 
_pdbx_struct_assembly.id                   1 
_pdbx_struct_assembly.details              author_defined_assembly 
_pdbx_struct_assembly.method_details       ? 
_pdbx_struct_assembly.oligomeric_details   monomeric 
_pdbx_struct_assembly.oligomeric_count     1 
# 
_pdbx_struct_assembly_gen.assembly_id       1 
_pdbx_struct_assembly_gen.oper_expression   1 
_pdbx_struct_assembly_gen.asym_id_list      A,B,C,D,E,F 
# 
_pdbx_struct_oper_list.id                   1 
_pdbx_struct_oper_list.type                 'identity operation' 
_pdbx_struct_oper_list.name                 1_555 
_pdbx_struct_oper_list.symmetry_operation   x,y,z 
_pdbx_struct_oper_list.matrix[1][1]         1.0000000000 
_pdbx_struct_oper_list.matrix[1][2]         0.0000000000 
_pdbx_struct_oper_list.matrix[1][3]         0.0000000000 
_pdbx_struct_oper_list.vector[1]            0.0000000000 
_pdbx_struct_oper_list.matrix[2][1]         0.0000000000 
_pdbx_struct_oper_list.matrix[2][2]         1.0000000000 
_pdbx_struct_oper_list.matrix[2][3]         0.0000000000 
_pdbx_struct_oper_list.vector[2]            0.0000000000 
_pdbx_struct_oper_list.matrix[3][1]         0.0000000000 
_pdbx_struct_oper_list.matrix[3][2]         0.0000000000 
_pdbx_struct_oper_list.matrix[3][3]         1.0000000000 
_pdbx_struct_oper_list.vector[3]            0.0000000000 
# 
_struct_biol.id   1 
# 
loop_
_struct_conf.conf_type_id 
_struct_conf.id 
_struct_conf.pdbx_PDB_helix_id 
_struct_conf.beg_label_comp_id 
_struct_conf.beg_label_asym_id 
_struct_conf.beg_label_seq_id 
_struct_conf.pdbx_beg_PDB_ins_code 
_struct_conf.end_label_comp_id 
_struct_conf.end_label_asym_id 
_struct_conf.end_label_seq_id 
_struct_conf.pdbx_end_PDB_ins_code 
_struct_conf.beg_auth_comp_id 
_struct_conf.beg_auth_asym_id 
_struct_conf.beg_auth_seq_id 
_struct_conf.end_auth_comp_id 
_struct_conf.end_auth_asym_id 
_struct_conf.end_auth_seq_id 
_struct_conf.pdbx_PDB_helix_class 
_struct_conf.details 
_struct_conf.pdbx_PDB_helix_length 
HELX_P HELX_P1 1 LYS A 78  ? LYS A 82  ? LYS A 232 LYS A 236 5 ? 5 
HELX_P HELX_P2 2 VAL A 109 ? MET A 115 ? VAL A 263 MET A 269 1 ? 7 
HELX_P HELX_P3 3 ASN A 125 ? GLU A 130 ? ASN A 279 GLU A 284 1 ? 6 
# 
_struct_conf_type.id          HELX_P 
_struct_conf_type.criteria    ? 
_struct_conf_type.reference   ? 
# 
loop_
_struct_conn.id 
_struct_conn.conn_type_id 
_struct_conn.pdbx_leaving_atom_flag 
_struct_conn.pdbx_PDB_id 
_struct_conn.ptnr1_label_asym_id 
_struct_conn.ptnr1_label_comp_id 
_struct_conn.ptnr1_label_seq_id 
_struct_conn.ptnr1_label_atom_id 
_struct_conn.pdbx_ptnr1_label_alt_id 
_struct_conn.pdbx_ptnr1_PDB_ins_code 
_struct_conn.pdbx_ptnr1_standard_comp_id 
_struct_conn.ptnr1_symmetry 
_struct_conn.ptnr2_label_asym_id 
_struct_conn.ptnr2_label_comp_id 
_struct_conn.ptnr2_label_seq_id 
_struct_conn.ptnr2_label_atom_id 
_struct_conn.pdbx_ptnr2_label_alt_id 
_struct_conn.pdbx_ptnr2_PDB_ins_code 
_struct_conn.ptnr1_auth_asym_id 
_struct_conn.ptnr1_auth_comp_id 
_struct_conn.ptnr1_auth_seq_id 
_struct_conn.ptnr2_auth_asym_id 
_struct_conn.ptnr2_auth_comp_id 
_struct_conn.ptnr2_auth_seq_id 
_struct_conn.ptnr2_symmetry 
_struct_conn.pdbx_ptnr3_label_atom_id 
_struct_conn.pdbx_ptnr3_label_seq_id 
_struct_conn.pdbx_ptnr3_label_comp_id 
_struct_conn.pdbx_ptnr3_label_asym_id 
_struct_conn.pdbx_ptnr3_label_alt_id 
_struct_conn.pdbx_ptnr3_PDB_ins_code 
_struct_conn.details 
_struct_conn.pdbx_dist_value 
_struct_conn.pdbx_value_order 
_struct_conn.pdbx_role 
metalc1  metalc ? ? A MET 32  O   ? ? ? 1_555 B CA . CA ? ? A MET 186 A CA 501 1_555 ? ? ? ? ? ? ? 2.237 ? ? 
metalc2  metalc ? ? A ASP 33  OD1 ? ? ? 1_555 B CA . CA ? ? A ASP 187 A CA 501 1_555 ? ? ? ? ? ? ? 2.353 ? ? 
metalc3  metalc ? ? A ASP 33  OD2 ? ? ? 1_555 C CA . CA ? ? A ASP 187 A CA 502 1_555 ? ? ? ? ? ? ? 2.684 ? ? 
metalc4  metalc ? ? A ASP 33  OD1 ? ? ? 1_555 C CA . CA ? ? A ASP 187 A CA 502 1_555 ? ? ? ? ? ? ? 2.679 ? ? 
metalc5  metalc ? ? A ASP 39  OD2 ? ? ? 1_555 C CA . CA ? ? A ASP 193 A CA 502 1_555 ? ? ? ? ? ? ? 2.535 ? ? 
metalc6  metalc ? ? A ASP 92  OD2 ? ? ? 1_555 B CA . CA ? ? A ASP 246 A CA 501 1_555 ? ? ? ? ? ? ? 2.293 ? ? 
metalc7  metalc ? ? A ASP 92  OD1 ? ? ? 1_555 C CA . CA ? ? A ASP 246 A CA 502 1_555 ? ? ? ? ? ? ? 2.565 ? ? 
metalc8  metalc ? ? A ASP 92  OD2 ? ? ? 1_555 C CA . CA ? ? A ASP 246 A CA 502 1_555 ? ? ? ? ? ? ? 3.229 ? ? 
metalc9  metalc ? ? A TRP 93  O   ? ? ? 1_555 C CA . CA ? ? A TRP 247 A CA 502 1_555 ? ? ? ? ? ? ? 2.344 ? ? 
metalc10 metalc ? ? A ASP 94  OD1 ? ? ? 1_555 B CA . CA ? ? A ASP 248 A CA 501 1_555 ? ? ? ? ? ? ? 2.610 ? ? 
metalc11 metalc ? ? A ASP 94  OD2 ? ? ? 1_555 B CA . CA ? ? A ASP 248 A CA 501 1_555 ? ? ? ? ? ? ? 2.711 ? ? 
metalc12 metalc ? ? A ASP 94  OD1 ? ? ? 1_555 C CA . CA ? ? A ASP 248 A CA 502 1_555 ? ? ? ? ? ? ? 2.429 ? ? 
metalc13 metalc ? ? A ASP 100 OD2 ? ? ? 1_555 B CA . CA ? ? A ASP 254 A CA 501 1_555 ? ? ? ? ? ? ? 2.409 ? ? 
metalc14 metalc ? ? F HOH .   O   ? ? ? 1_555 B CA . CA ? ? A HOH 304 A CA 501 1_555 ? ? ? ? ? ? ? 3.154 ? ? 
metalc15 metalc ? ? E PSF .   O4  ? ? ? 1_555 C CA . CA ? ? A PSF 401 A CA 502 1_555 ? ? ? ? ? ? ? 2.167 ? ? 
metalc16 metalc ? ? E PSF .   O3  ? ? ? 1_555 C CA . CA ? ? A PSF 401 A CA 502 1_555 ? ? ? ? ? ? ? 2.490 ? ? 
# 
_struct_conn_type.id          metalc 
_struct_conn_type.criteria    ? 
_struct_conn_type.reference   ? 
# 
loop_
_pdbx_struct_conn_angle.id 
_pdbx_struct_conn_angle.ptnr1_label_atom_id 
_pdbx_struct_conn_angle.ptnr1_label_alt_id 
_pdbx_struct_conn_angle.ptnr1_label_asym_id 
_pdbx_struct_conn_angle.ptnr1_label_comp_id 
_pdbx_struct_conn_angle.ptnr1_label_seq_id 
_pdbx_struct_conn_angle.ptnr1_auth_atom_id 
_pdbx_struct_conn_angle.ptnr1_auth_asym_id 
_pdbx_struct_conn_angle.ptnr1_auth_comp_id 
_pdbx_struct_conn_angle.ptnr1_auth_seq_id 
_pdbx_struct_conn_angle.ptnr1_PDB_ins_code 
_pdbx_struct_conn_angle.ptnr1_symmetry 
_pdbx_struct_conn_angle.ptnr2_label_atom_id 
_pdbx_struct_conn_angle.ptnr2_label_alt_id 
_pdbx_struct_conn_angle.ptnr2_label_asym_id 
_pdbx_struct_conn_angle.ptnr2_label_comp_id 
_pdbx_struct_conn_angle.ptnr2_label_seq_id 
_pdbx_struct_conn_angle.ptnr2_auth_atom_id 
_pdbx_struct_conn_angle.ptnr2_auth_asym_id 
_pdbx_struct_conn_angle.ptnr2_auth_comp_id 
_pdbx_struct_conn_angle.ptnr2_auth_seq_id 
_pdbx_struct_conn_angle.ptnr2_PDB_ins_code 
_pdbx_struct_conn_angle.ptnr2_symmetry 
_pdbx_struct_conn_angle.ptnr3_label_atom_id 
_pdbx_struct_conn_angle.ptnr3_label_alt_id 
_pdbx_struct_conn_angle.ptnr3_label_asym_id 
_pdbx_struct_conn_angle.ptnr3_label_comp_id 
_pdbx_struct_conn_angle.ptnr3_label_seq_id 
_pdbx_struct_conn_angle.ptnr3_auth_atom_id 
_pdbx_struct_conn_angle.ptnr3_auth_asym_id 
_pdbx_struct_conn_angle.ptnr3_auth_comp_id 
_pdbx_struct_conn_angle.ptnr3_auth_seq_id 
_pdbx_struct_conn_angle.ptnr3_PDB_ins_code 
_pdbx_struct_conn_angle.ptnr3_symmetry 
_pdbx_struct_conn_angle.value 
_pdbx_struct_conn_angle.value_esd 
1  O   ? A MET 32  ? A MET 186 ? 1_555 CA ? B CA . ? A CA 501 ? 1_555 OD1 ? A ASP 33  ? A ASP 187 ? 1_555 82.4  ? 
2  O   ? A MET 32  ? A MET 186 ? 1_555 CA ? B CA . ? A CA 501 ? 1_555 OD2 ? A ASP 92  ? A ASP 246 ? 1_555 99.7  ? 
3  OD1 ? A ASP 33  ? A ASP 187 ? 1_555 CA ? B CA . ? A CA 501 ? 1_555 OD2 ? A ASP 92  ? A ASP 246 ? 1_555 80.3  ? 
4  O   ? A MET 32  ? A MET 186 ? 1_555 CA ? B CA . ? A CA 501 ? 1_555 OD1 ? A ASP 94  ? A ASP 248 ? 1_555 156.9 ? 
5  OD1 ? A ASP 33  ? A ASP 187 ? 1_555 CA ? B CA . ? A CA 501 ? 1_555 OD1 ? A ASP 94  ? A ASP 248 ? 1_555 74.5  ? 
6  OD2 ? A ASP 92  ? A ASP 246 ? 1_555 CA ? B CA . ? A CA 501 ? 1_555 OD1 ? A ASP 94  ? A ASP 248 ? 1_555 75.9  ? 
7  O   ? A MET 32  ? A MET 186 ? 1_555 CA ? B CA . ? A CA 501 ? 1_555 OD2 ? A ASP 94  ? A ASP 248 ? 1_555 153.8 ? 
8  OD1 ? A ASP 33  ? A ASP 187 ? 1_555 CA ? B CA . ? A CA 501 ? 1_555 OD2 ? A ASP 94  ? A ASP 248 ? 1_555 121.6 ? 
9  OD2 ? A ASP 92  ? A ASP 246 ? 1_555 CA ? B CA . ? A CA 501 ? 1_555 OD2 ? A ASP 94  ? A ASP 248 ? 1_555 95.1  ? 
10 OD1 ? A ASP 94  ? A ASP 248 ? 1_555 CA ? B CA . ? A CA 501 ? 1_555 OD2 ? A ASP 94  ? A ASP 248 ? 1_555 48.5  ? 
11 O   ? A MET 32  ? A MET 186 ? 1_555 CA ? B CA . ? A CA 501 ? 1_555 OD2 ? A ASP 100 ? A ASP 254 ? 1_555 90.7  ? 
12 OD1 ? A ASP 33  ? A ASP 187 ? 1_555 CA ? B CA . ? A CA 501 ? 1_555 OD2 ? A ASP 100 ? A ASP 254 ? 1_555 171.9 ? 
13 OD2 ? A ASP 92  ? A ASP 246 ? 1_555 CA ? B CA . ? A CA 501 ? 1_555 OD2 ? A ASP 100 ? A ASP 254 ? 1_555 96.6  ? 
14 OD1 ? A ASP 94  ? A ASP 248 ? 1_555 CA ? B CA . ? A CA 501 ? 1_555 OD2 ? A ASP 100 ? A ASP 254 ? 1_555 112.2 ? 
15 OD2 ? A ASP 94  ? A ASP 248 ? 1_555 CA ? B CA . ? A CA 501 ? 1_555 OD2 ? A ASP 100 ? A ASP 254 ? 1_555 66.0  ? 
16 O   ? A MET 32  ? A MET 186 ? 1_555 CA ? B CA . ? A CA 501 ? 1_555 O   ? F HOH .   ? A HOH 304 ? 1_555 90.9  ? 
17 OD1 ? A ASP 33  ? A ASP 187 ? 1_555 CA ? B CA . ? A CA 501 ? 1_555 O   ? F HOH .   ? A HOH 304 ? 1_555 91.5  ? 
18 OD2 ? A ASP 92  ? A ASP 246 ? 1_555 CA ? B CA . ? A CA 501 ? 1_555 O   ? F HOH .   ? A HOH 304 ? 1_555 165.6 ? 
19 OD1 ? A ASP 94  ? A ASP 248 ? 1_555 CA ? B CA . ? A CA 501 ? 1_555 O   ? F HOH .   ? A HOH 304 ? 1_555 90.5  ? 
20 OD2 ? A ASP 94  ? A ASP 248 ? 1_555 CA ? B CA . ? A CA 501 ? 1_555 O   ? F HOH .   ? A HOH 304 ? 1_555 78.9  ? 
21 OD2 ? A ASP 100 ? A ASP 254 ? 1_555 CA ? B CA . ? A CA 501 ? 1_555 O   ? F HOH .   ? A HOH 304 ? 1_555 92.9  ? 
22 OD2 ? A ASP 33  ? A ASP 187 ? 1_555 CA ? C CA . ? A CA 502 ? 1_555 OD1 ? A ASP 33  ? A ASP 187 ? 1_555 48.2  ? 
23 OD2 ? A ASP 33  ? A ASP 187 ? 1_555 CA ? C CA . ? A CA 502 ? 1_555 OD2 ? A ASP 39  ? A ASP 193 ? 1_555 77.3  ? 
24 OD1 ? A ASP 33  ? A ASP 187 ? 1_555 CA ? C CA . ? A CA 502 ? 1_555 OD2 ? A ASP 39  ? A ASP 193 ? 1_555 123.0 ? 
25 OD2 ? A ASP 33  ? A ASP 187 ? 1_555 CA ? C CA . ? A CA 502 ? 1_555 OD1 ? A ASP 92  ? A ASP 246 ? 1_555 77.4  ? 
26 OD1 ? A ASP 33  ? A ASP 187 ? 1_555 CA ? C CA . ? A CA 502 ? 1_555 OD1 ? A ASP 92  ? A ASP 246 ? 1_555 92.6  ? 
27 OD2 ? A ASP 39  ? A ASP 193 ? 1_555 CA ? C CA . ? A CA 502 ? 1_555 OD1 ? A ASP 92  ? A ASP 246 ? 1_555 90.2  ? 
28 OD2 ? A ASP 33  ? A ASP 187 ? 1_555 CA ? C CA . ? A CA 502 ? 1_555 OD2 ? A ASP 92  ? A ASP 246 ? 1_555 76.8  ? 
29 OD1 ? A ASP 33  ? A ASP 187 ? 1_555 CA ? C CA . ? A CA 502 ? 1_555 OD2 ? A ASP 92  ? A ASP 246 ? 1_555 60.1  ? 
30 OD2 ? A ASP 39  ? A ASP 193 ? 1_555 CA ? C CA . ? A CA 502 ? 1_555 OD2 ? A ASP 92  ? A ASP 246 ? 1_555 129.9 ? 
31 OD1 ? A ASP 92  ? A ASP 246 ? 1_555 CA ? C CA . ? A CA 502 ? 1_555 OD2 ? A ASP 92  ? A ASP 246 ? 1_555 42.5  ? 
32 OD2 ? A ASP 33  ? A ASP 187 ? 1_555 CA ? C CA . ? A CA 502 ? 1_555 O   ? A TRP 93  ? A TRP 247 ? 1_555 156.8 ? 
33 OD1 ? A ASP 33  ? A ASP 187 ? 1_555 CA ? C CA . ? A CA 502 ? 1_555 O   ? A TRP 93  ? A TRP 247 ? 1_555 152.1 ? 
34 OD2 ? A ASP 39  ? A ASP 193 ? 1_555 CA ? C CA . ? A CA 502 ? 1_555 O   ? A TRP 93  ? A TRP 247 ? 1_555 84.9  ? 
35 OD1 ? A ASP 92  ? A ASP 246 ? 1_555 CA ? C CA . ? A CA 502 ? 1_555 O   ? A TRP 93  ? A TRP 247 ? 1_555 88.0  ? 
36 OD2 ? A ASP 92  ? A ASP 246 ? 1_555 CA ? C CA . ? A CA 502 ? 1_555 O   ? A TRP 93  ? A TRP 247 ? 1_555 104.4 ? 
37 OD2 ? A ASP 33  ? A ASP 187 ? 1_555 CA ? C CA . ? A CA 502 ? 1_555 OD1 ? A ASP 94  ? A ASP 248 ? 1_555 119.2 ? 
38 OD1 ? A ASP 33  ? A ASP 187 ? 1_555 CA ? C CA . ? A CA 502 ? 1_555 OD1 ? A ASP 94  ? A ASP 248 ? 1_555 72.1  ? 
39 OD2 ? A ASP 39  ? A ASP 193 ? 1_555 CA ? C CA . ? A CA 502 ? 1_555 OD1 ? A ASP 94  ? A ASP 248 ? 1_555 162.9 ? 
40 OD1 ? A ASP 92  ? A ASP 246 ? 1_555 CA ? C CA . ? A CA 502 ? 1_555 OD1 ? A ASP 94  ? A ASP 248 ? 1_555 97.5  ? 
41 OD2 ? A ASP 92  ? A ASP 246 ? 1_555 CA ? C CA . ? A CA 502 ? 1_555 OD1 ? A ASP 94  ? A ASP 248 ? 1_555 62.8  ? 
42 O   ? A TRP 93  ? A TRP 247 ? 1_555 CA ? C CA . ? A CA 502 ? 1_555 OD1 ? A ASP 94  ? A ASP 248 ? 1_555 80.2  ? 
43 OD2 ? A ASP 33  ? A ASP 187 ? 1_555 CA ? C CA . ? A CA 502 ? 1_555 O4  ? E PSF .   ? A PSF 401 ? 1_555 77.3  ? 
44 OD1 ? A ASP 33  ? A ASP 187 ? 1_555 CA ? C CA . ? A CA 502 ? 1_555 O4  ? E PSF .   ? A PSF 401 ? 1_555 94.6  ? 
45 OD2 ? A ASP 39  ? A ASP 193 ? 1_555 CA ? C CA . ? A CA 502 ? 1_555 O4  ? E PSF .   ? A PSF 401 ? 1_555 52.1  ? 
46 OD1 ? A ASP 92  ? A ASP 246 ? 1_555 CA ? C CA . ? A CA 502 ? 1_555 O4  ? E PSF .   ? A PSF 401 ? 1_555 138.4 ? 
47 OD2 ? A ASP 92  ? A ASP 246 ? 1_555 CA ? C CA . ? A CA 502 ? 1_555 O4  ? E PSF .   ? A PSF 401 ? 1_555 152.2 ? 
48 O   ? A TRP 93  ? A TRP 247 ? 1_555 CA ? C CA . ? A CA 502 ? 1_555 O4  ? E PSF .   ? A PSF 401 ? 1_555 103.3 ? 
49 OD1 ? A ASP 94  ? A ASP 248 ? 1_555 CA ? C CA . ? A CA 502 ? 1_555 O4  ? E PSF .   ? A PSF 401 ? 1_555 123.7 ? 
50 OD2 ? A ASP 33  ? A ASP 187 ? 1_555 CA ? C CA . ? A CA 502 ? 1_555 O3  ? E PSF .   ? A PSF 401 ? 1_555 79.5  ? 
51 OD1 ? A ASP 33  ? A ASP 187 ? 1_555 CA ? C CA . ? A CA 502 ? 1_555 O3  ? E PSF .   ? A PSF 401 ? 1_555 50.2  ? 
52 OD2 ? A ASP 39  ? A ASP 193 ? 1_555 CA ? C CA . ? A CA 502 ? 1_555 O3  ? E PSF .   ? A PSF 401 ? 1_555 113.1 ? 
53 OD1 ? A ASP 92  ? A ASP 246 ? 1_555 CA ? C CA . ? A CA 502 ? 1_555 O3  ? E PSF .   ? A PSF 401 ? 1_555 142.4 ? 
54 OD2 ? A ASP 92  ? A ASP 246 ? 1_555 CA ? C CA . ? A CA 502 ? 1_555 O3  ? E PSF .   ? A PSF 401 ? 1_555 103.3 ? 
55 O   ? A TRP 93  ? A TRP 247 ? 1_555 CA ? C CA . ? A CA 502 ? 1_555 O3  ? E PSF .   ? A PSF 401 ? 1_555 121.7 ? 
56 OD1 ? A ASP 94  ? A ASP 248 ? 1_555 CA ? C CA . ? A CA 502 ? 1_555 O3  ? E PSF .   ? A PSF 401 ? 1_555 68.9  ? 
57 O4  ? E PSF .   ? A PSF 401 ? 1_555 CA ? C CA . ? A CA 502 ? 1_555 O3  ? E PSF .   ? A PSF 401 ? 1_555 61.8  ? 
# 
_struct_mon_prot_cis.pdbx_id                1 
_struct_mon_prot_cis.label_comp_id          ILE 
_struct_mon_prot_cis.label_seq_id           47 
_struct_mon_prot_cis.label_asym_id          A 
_struct_mon_prot_cis.label_alt_id           . 
_struct_mon_prot_cis.pdbx_PDB_ins_code      ? 
_struct_mon_prot_cis.auth_comp_id           ILE 
_struct_mon_prot_cis.auth_seq_id            201 
_struct_mon_prot_cis.auth_asym_id           A 
_struct_mon_prot_cis.pdbx_label_comp_id_2   PRO 
_struct_mon_prot_cis.pdbx_label_seq_id_2    48 
_struct_mon_prot_cis.pdbx_label_asym_id_2   A 
_struct_mon_prot_cis.pdbx_PDB_ins_code_2    ? 
_struct_mon_prot_cis.pdbx_auth_comp_id_2    PRO 
_struct_mon_prot_cis.pdbx_auth_seq_id_2     202 
_struct_mon_prot_cis.pdbx_auth_asym_id_2    A 
_struct_mon_prot_cis.pdbx_PDB_model_num     1 
_struct_mon_prot_cis.pdbx_omega_angle       -0.60 
# 
loop_
_struct_sheet.id 
_struct_sheet.type 
_struct_sheet.number_strands 
_struct_sheet.details 
A ? 5 ? 
B ? 4 ? 
# 
loop_
_struct_sheet_order.sheet_id 
_struct_sheet_order.range_id_1 
_struct_sheet_order.range_id_2 
_struct_sheet_order.offset 
_struct_sheet_order.sense 
A 1 2 ? anti-parallel 
A 2 3 ? anti-parallel 
A 3 4 ? anti-parallel 
A 4 5 ? anti-parallel 
B 1 2 ? anti-parallel 
B 2 3 ? anti-parallel 
B 3 4 ? anti-parallel 
# 
loop_
_struct_sheet_range.sheet_id 
_struct_sheet_range.id 
_struct_sheet_range.beg_label_comp_id 
_struct_sheet_range.beg_label_asym_id 
_struct_sheet_range.beg_label_seq_id 
_struct_sheet_range.pdbx_beg_PDB_ins_code 
_struct_sheet_range.end_label_comp_id 
_struct_sheet_range.end_label_asym_id 
_struct_sheet_range.end_label_seq_id 
_struct_sheet_range.pdbx_end_PDB_ins_code 
_struct_sheet_range.beg_auth_comp_id 
_struct_sheet_range.beg_auth_asym_id 
_struct_sheet_range.beg_auth_seq_id 
_struct_sheet_range.end_auth_comp_id 
_struct_sheet_range.end_auth_asym_id 
_struct_sheet_range.end_auth_seq_id 
A 1 GLN A 68  ? LYS A 76  ? GLN A 222 LYS A 230 
A 2 LYS A 18  ? LYS A 27  ? LYS A 172 LYS A 181 
A 3 ARG A 7   ? VAL A 14  ? ARG A 161 VAL A 168 
A 4 ALA A 117 ? LYS A 122 ? ALA A 271 LYS A 276 
A 5 VAL A 134 ? ILE A 136 ? VAL A 288 ILE A 290 
B 1 GLN A 56  ? LYS A 57  ? GLN A 210 LYS A 211 
B 2 PRO A 40  ? ILE A 47  ? PRO A 194 ILE A 201 
B 3 ARG A 85  ? ASP A 92  ? ARG A 239 ASP A 246 
B 4 ASP A 100 ? GLY A 108 ? ASP A 254 GLY A 262 
# 
loop_
_pdbx_struct_sheet_hbond.sheet_id 
_pdbx_struct_sheet_hbond.range_id_1 
_pdbx_struct_sheet_hbond.range_id_2 
_pdbx_struct_sheet_hbond.range_1_label_atom_id 
_pdbx_struct_sheet_hbond.range_1_label_comp_id 
_pdbx_struct_sheet_hbond.range_1_label_asym_id 
_pdbx_struct_sheet_hbond.range_1_label_seq_id 
_pdbx_struct_sheet_hbond.range_1_PDB_ins_code 
_pdbx_struct_sheet_hbond.range_1_auth_atom_id 
_pdbx_struct_sheet_hbond.range_1_auth_comp_id 
_pdbx_struct_sheet_hbond.range_1_auth_asym_id 
_pdbx_struct_sheet_hbond.range_1_auth_seq_id 
_pdbx_struct_sheet_hbond.range_2_label_atom_id 
_pdbx_struct_sheet_hbond.range_2_label_comp_id 
_pdbx_struct_sheet_hbond.range_2_label_asym_id 
_pdbx_struct_sheet_hbond.range_2_label_seq_id 
_pdbx_struct_sheet_hbond.range_2_PDB_ins_code 
_pdbx_struct_sheet_hbond.range_2_auth_atom_id 
_pdbx_struct_sheet_hbond.range_2_auth_comp_id 
_pdbx_struct_sheet_hbond.range_2_auth_asym_id 
_pdbx_struct_sheet_hbond.range_2_auth_seq_id 
A 1 2 O PHE A 75  ? O PHE A 229 N LEU A 19  ? N LEU A 173 
A 2 3 N LYS A 27  ? N LYS A 181 O ARG A 7   ? O ARG A 161 
A 3 4 O ALA A 12  ? O ALA A 166 N ALA A 117 ? N ALA A 271 
A 4 5 N LYS A 122 ? N LYS A 276 O VAL A 134 ? O VAL A 288 
B 1 2 O GLN A 56  ? O GLN A 210 N LEU A 44  ? N LEU A 198 
B 2 3 N ILE A 47  ? N ILE A 201 O ARG A 85  ? O ARG A 239 
B 3 4 N ASP A 92  ? N ASP A 246 O ASP A 100 ? O ASP A 254 
# 
loop_
_struct_site.id 
_struct_site.pdbx_evidence_code 
_struct_site.pdbx_auth_asym_id 
_struct_site.pdbx_auth_comp_id 
_struct_site.pdbx_auth_seq_id 
_struct_site.pdbx_auth_ins_code 
_struct_site.pdbx_num_residues 
_struct_site.details 
AC1 Software A CA  501 ? 5  'BINDING SITE FOR RESIDUE CA A 501'  
AC2 Software A CA  502 ? 6  'BINDING SITE FOR RESIDUE CA A 502'  
AC3 Software A PO4 601 ? 6  'BINDING SITE FOR RESIDUE PO4 A 601' 
AC4 Software A PSF 401 ? 16 'BINDING SITE FOR RESIDUE PSF A 401' 
# 
loop_
_struct_site_gen.id 
_struct_site_gen.site_id 
_struct_site_gen.pdbx_num_res 
_struct_site_gen.label_comp_id 
_struct_site_gen.label_asym_id 
_struct_site_gen.label_seq_id 
_struct_site_gen.pdbx_auth_ins_code 
_struct_site_gen.auth_comp_id 
_struct_site_gen.auth_asym_id 
_struct_site_gen.auth_seq_id 
_struct_site_gen.label_atom_id 
_struct_site_gen.label_alt_id 
_struct_site_gen.symmetry 
_struct_site_gen.details 
1  AC1 5  MET A 32  ? MET A 186 . ? 1_555 ? 
2  AC1 5  ASP A 33  ? ASP A 187 . ? 1_555 ? 
3  AC1 5  ASP A 92  ? ASP A 246 . ? 1_555 ? 
4  AC1 5  ASP A 94  ? ASP A 248 . ? 1_555 ? 
5  AC1 5  ASP A 100 ? ASP A 254 . ? 1_555 ? 
6  AC2 6  ASP A 33  ? ASP A 187 . ? 1_555 ? 
7  AC2 6  ASP A 39  ? ASP A 193 . ? 1_555 ? 
8  AC2 6  ASP A 92  ? ASP A 246 . ? 1_555 ? 
9  AC2 6  TRP A 93  ? TRP A 247 . ? 1_555 ? 
10 AC2 6  ASP A 94  ? ASP A 248 . ? 1_555 ? 
11 AC2 6  PSF E .   ? PSF A 401 . ? 1_555 ? 
12 AC3 6  TYR A 41  ? TYR A 195 . ? 1_555 ? 
13 AC3 6  LYS A 43  ? LYS A 197 . ? 1_555 ? 
14 AC3 6  LYS A 55  ? LYS A 209 . ? 1_555 ? 
15 AC3 6  LYS A 57  ? LYS A 211 . ? 1_555 ? 
16 AC3 6  ASN A 99  ? ASN A 253 . ? 1_555 ? 
17 AC3 6  HOH F .   ? HOH A 316 . ? 1_555 ? 
18 AC4 16 ASP A 33  ? ASP A 187 . ? 1_555 ? 
19 AC4 16 PRO A 34  ? PRO A 188 . ? 1_555 ? 
20 AC4 16 ASN A 35  ? ASN A 189 . ? 1_555 ? 
21 AC4 16 ASP A 39  ? ASP A 193 . ? 1_555 ? 
22 AC4 16 ASP A 49  ? ASP A 203 . ? 5_665 ? 
23 AC4 16 GLU A 53  ? GLU A 207 . ? 5_665 ? 
24 AC4 16 SER A 54  ? SER A 208 . ? 5_665 ? 
25 AC4 16 ARG A 62  ? ARG A 216 . ? 1_555 ? 
26 AC4 16 ARG A 84  ? ARG A 238 . ? 5_665 ? 
27 AC4 16 TRP A 93  ? TRP A 247 . ? 1_555 ? 
28 AC4 16 ASP A 94  ? ASP A 248 . ? 1_555 ? 
29 AC4 16 ARG A 95  ? ARG A 249 . ? 1_555 ? 
30 AC4 16 THR A 96  ? THR A 250 . ? 1_555 ? 
31 AC4 16 THR A 97  ? THR A 251 . ? 1_555 ? 
32 AC4 16 HOH F .   ? HOH A 335 . ? 1_555 ? 
33 AC4 16 CA  C .   ? CA  A 502 . ? 1_555 ? 
# 
_pdbx_validate_close_contact.id               1 
_pdbx_validate_close_contact.PDB_model_num    1 
_pdbx_validate_close_contact.auth_atom_id_1   OD2 
_pdbx_validate_close_contact.auth_asym_id_1   A 
_pdbx_validate_close_contact.auth_comp_id_1   ASP 
_pdbx_validate_close_contact.auth_seq_id_1    193 
_pdbx_validate_close_contact.PDB_ins_code_1   ? 
_pdbx_validate_close_contact.label_alt_id_1   ? 
_pdbx_validate_close_contact.auth_atom_id_2   O4 
_pdbx_validate_close_contact.auth_asym_id_2   A 
_pdbx_validate_close_contact.auth_comp_id_2   PSF 
_pdbx_validate_close_contact.auth_seq_id_2    401 
_pdbx_validate_close_contact.PDB_ins_code_2   ? 
_pdbx_validate_close_contact.label_alt_id_2   ? 
_pdbx_validate_close_contact.dist             2.09 
# 
loop_
_pdbx_validate_rmsd_angle.id 
_pdbx_validate_rmsd_angle.PDB_model_num 
_pdbx_validate_rmsd_angle.auth_atom_id_1 
_pdbx_validate_rmsd_angle.auth_asym_id_1 
_pdbx_validate_rmsd_angle.auth_comp_id_1 
_pdbx_validate_rmsd_angle.auth_seq_id_1 
_pdbx_validate_rmsd_angle.PDB_ins_code_1 
_pdbx_validate_rmsd_angle.label_alt_id_1 
_pdbx_validate_rmsd_angle.auth_atom_id_2 
_pdbx_validate_rmsd_angle.auth_asym_id_2 
_pdbx_validate_rmsd_angle.auth_comp_id_2 
_pdbx_validate_rmsd_angle.auth_seq_id_2 
_pdbx_validate_rmsd_angle.PDB_ins_code_2 
_pdbx_validate_rmsd_angle.label_alt_id_2 
_pdbx_validate_rmsd_angle.auth_atom_id_3 
_pdbx_validate_rmsd_angle.auth_asym_id_3 
_pdbx_validate_rmsd_angle.auth_comp_id_3 
_pdbx_validate_rmsd_angle.auth_seq_id_3 
_pdbx_validate_rmsd_angle.PDB_ins_code_3 
_pdbx_validate_rmsd_angle.label_alt_id_3 
_pdbx_validate_rmsd_angle.angle_value 
_pdbx_validate_rmsd_angle.angle_target_value 
_pdbx_validate_rmsd_angle.angle_deviation 
_pdbx_validate_rmsd_angle.angle_standard_deviation 
_pdbx_validate_rmsd_angle.linker_flag 
1 1 N  A GLU 171 ? ? CA A GLU 171 ? ? C  A GLU 171 ? ? 86.69  111.00 -24.31 2.70 N 
2 1 CA A LEU 259 ? ? CB A LEU 259 ? ? CG A LEU 259 ? ? 132.09 115.30 16.79  2.30 N 
3 1 C  A ILE 290 ? ? N  A PRO 291 ? ? CD A PRO 291 ? ? 115.77 128.40 -12.63 2.10 Y 
# 
loop_
_pdbx_validate_torsion.id 
_pdbx_validate_torsion.PDB_model_num 
_pdbx_validate_torsion.auth_comp_id 
_pdbx_validate_torsion.auth_asym_id 
_pdbx_validate_torsion.auth_seq_id 
_pdbx_validate_torsion.PDB_ins_code 
_pdbx_validate_torsion.label_alt_id 
_pdbx_validate_torsion.phi 
_pdbx_validate_torsion.psi 
1 1 GLU A 157 ? ? 160.87  141.74 
2 1 LYS A 158 ? ? 31.43   -74.23 
3 1 ASP A 170 ? ? -166.26 -88.75 
4 1 GLU A 171 ? ? -173.23 29.63  
5 1 ARG A 178 ? ? -92.29  -76.89 
6 1 ASP A 193 ? ? -118.42 78.14  
7 1 SER A 260 ? ? -174.26 145.49 
# 
loop_
_pdbx_unobs_or_zero_occ_residues.id 
_pdbx_unobs_or_zero_occ_residues.PDB_model_num 
_pdbx_unobs_or_zero_occ_residues.polymer_flag 
_pdbx_unobs_or_zero_occ_residues.occupancy_flag 
_pdbx_unobs_or_zero_occ_residues.auth_asym_id 
_pdbx_unobs_or_zero_occ_residues.auth_comp_id 
_pdbx_unobs_or_zero_occ_residues.auth_seq_id 
_pdbx_unobs_or_zero_occ_residues.PDB_ins_code 
_pdbx_unobs_or_zero_occ_residues.label_asym_id 
_pdbx_unobs_or_zero_occ_residues.label_comp_id 
_pdbx_unobs_or_zero_occ_residues.label_seq_id 
1 1 Y 1 A HIS 155 ? A HIS 1   
2 1 Y 1 A GLY 293 ? A GLY 139 
# 
loop_
_chem_comp_atom.comp_id 
_chem_comp_atom.atom_id 
_chem_comp_atom.type_symbol 
_chem_comp_atom.pdbx_aromatic_flag 
_chem_comp_atom.pdbx_stereo_config 
_chem_comp_atom.pdbx_ordinal 
ALA N    N  N N 1   
ALA CA   C  N S 2   
ALA C    C  N N 3   
ALA O    O  N N 4   
ALA CB   C  N N 5   
ALA OXT  O  N N 6   
ALA H    H  N N 7   
ALA H2   H  N N 8   
ALA HA   H  N N 9   
ALA HB1  H  N N 10  
ALA HB2  H  N N 11  
ALA HB3  H  N N 12  
ALA HXT  H  N N 13  
ARG N    N  N N 14  
ARG CA   C  N S 15  
ARG C    C  N N 16  
ARG O    O  N N 17  
ARG CB   C  N N 18  
ARG CG   C  N N 19  
ARG CD   C  N N 20  
ARG NE   N  N N 21  
ARG CZ   C  N N 22  
ARG NH1  N  N N 23  
ARG NH2  N  N N 24  
ARG OXT  O  N N 25  
ARG H    H  N N 26  
ARG H2   H  N N 27  
ARG HA   H  N N 28  
ARG HB2  H  N N 29  
ARG HB3  H  N N 30  
ARG HG2  H  N N 31  
ARG HG3  H  N N 32  
ARG HD2  H  N N 33  
ARG HD3  H  N N 34  
ARG HE   H  N N 35  
ARG HH11 H  N N 36  
ARG HH12 H  N N 37  
ARG HH21 H  N N 38  
ARG HH22 H  N N 39  
ARG HXT  H  N N 40  
ASN N    N  N N 41  
ASN CA   C  N S 42  
ASN C    C  N N 43  
ASN O    O  N N 44  
ASN CB   C  N N 45  
ASN CG   C  N N 46  
ASN OD1  O  N N 47  
ASN ND2  N  N N 48  
ASN OXT  O  N N 49  
ASN H    H  N N 50  
ASN H2   H  N N 51  
ASN HA   H  N N 52  
ASN HB2  H  N N 53  
ASN HB3  H  N N 54  
ASN HD21 H  N N 55  
ASN HD22 H  N N 56  
ASN HXT  H  N N 57  
ASP N    N  N N 58  
ASP CA   C  N S 59  
ASP C    C  N N 60  
ASP O    O  N N 61  
ASP CB   C  N N 62  
ASP CG   C  N N 63  
ASP OD1  O  N N 64  
ASP OD2  O  N N 65  
ASP OXT  O  N N 66  
ASP H    H  N N 67  
ASP H2   H  N N 68  
ASP HA   H  N N 69  
ASP HB2  H  N N 70  
ASP HB3  H  N N 71  
ASP HD2  H  N N 72  
ASP HXT  H  N N 73  
CA  CA   CA N N 74  
GLN N    N  N N 75  
GLN CA   C  N S 76  
GLN C    C  N N 77  
GLN O    O  N N 78  
GLN CB   C  N N 79  
GLN CG   C  N N 80  
GLN CD   C  N N 81  
GLN OE1  O  N N 82  
GLN NE2  N  N N 83  
GLN OXT  O  N N 84  
GLN H    H  N N 85  
GLN H2   H  N N 86  
GLN HA   H  N N 87  
GLN HB2  H  N N 88  
GLN HB3  H  N N 89  
GLN HG2  H  N N 90  
GLN HG3  H  N N 91  
GLN HE21 H  N N 92  
GLN HE22 H  N N 93  
GLN HXT  H  N N 94  
GLU N    N  N N 95  
GLU CA   C  N S 96  
GLU C    C  N N 97  
GLU O    O  N N 98  
GLU CB   C  N N 99  
GLU CG   C  N N 100 
GLU CD   C  N N 101 
GLU OE1  O  N N 102 
GLU OE2  O  N N 103 
GLU OXT  O  N N 104 
GLU H    H  N N 105 
GLU H2   H  N N 106 
GLU HA   H  N N 107 
GLU HB2  H  N N 108 
GLU HB3  H  N N 109 
GLU HG2  H  N N 110 
GLU HG3  H  N N 111 
GLU HE2  H  N N 112 
GLU HXT  H  N N 113 
GLY N    N  N N 114 
GLY CA   C  N N 115 
GLY C    C  N N 116 
GLY O    O  N N 117 
GLY OXT  O  N N 118 
GLY H    H  N N 119 
GLY H2   H  N N 120 
GLY HA2  H  N N 121 
GLY HA3  H  N N 122 
GLY HXT  H  N N 123 
HIS N    N  N N 124 
HIS CA   C  N S 125 
HIS C    C  N N 126 
HIS O    O  N N 127 
HIS CB   C  N N 128 
HIS CG   C  Y N 129 
HIS ND1  N  Y N 130 
HIS CD2  C  Y N 131 
HIS CE1  C  Y N 132 
HIS NE2  N  Y N 133 
HIS OXT  O  N N 134 
HIS H    H  N N 135 
HIS H2   H  N N 136 
HIS HA   H  N N 137 
HIS HB2  H  N N 138 
HIS HB3  H  N N 139 
HIS HD1  H  N N 140 
HIS HD2  H  N N 141 
HIS HE1  H  N N 142 
HIS HE2  H  N N 143 
HIS HXT  H  N N 144 
HOH O    O  N N 145 
HOH H1   H  N N 146 
HOH H2   H  N N 147 
ILE N    N  N N 148 
ILE CA   C  N S 149 
ILE C    C  N N 150 
ILE O    O  N N 151 
ILE CB   C  N S 152 
ILE CG1  C  N N 153 
ILE CG2  C  N N 154 
ILE CD1  C  N N 155 
ILE OXT  O  N N 156 
ILE H    H  N N 157 
ILE H2   H  N N 158 
ILE HA   H  N N 159 
ILE HB   H  N N 160 
ILE HG12 H  N N 161 
ILE HG13 H  N N 162 
ILE HG21 H  N N 163 
ILE HG22 H  N N 164 
ILE HG23 H  N N 165 
ILE HD11 H  N N 166 
ILE HD12 H  N N 167 
ILE HD13 H  N N 168 
ILE HXT  H  N N 169 
LEU N    N  N N 170 
LEU CA   C  N S 171 
LEU C    C  N N 172 
LEU O    O  N N 173 
LEU CB   C  N N 174 
LEU CG   C  N N 175 
LEU CD1  C  N N 176 
LEU CD2  C  N N 177 
LEU OXT  O  N N 178 
LEU H    H  N N 179 
LEU H2   H  N N 180 
LEU HA   H  N N 181 
LEU HB2  H  N N 182 
LEU HB3  H  N N 183 
LEU HG   H  N N 184 
LEU HD11 H  N N 185 
LEU HD12 H  N N 186 
LEU HD13 H  N N 187 
LEU HD21 H  N N 188 
LEU HD22 H  N N 189 
LEU HD23 H  N N 190 
LEU HXT  H  N N 191 
LYS N    N  N N 192 
LYS CA   C  N S 193 
LYS C    C  N N 194 
LYS O    O  N N 195 
LYS CB   C  N N 196 
LYS CG   C  N N 197 
LYS CD   C  N N 198 
LYS CE   C  N N 199 
LYS NZ   N  N N 200 
LYS OXT  O  N N 201 
LYS H    H  N N 202 
LYS H2   H  N N 203 
LYS HA   H  N N 204 
LYS HB2  H  N N 205 
LYS HB3  H  N N 206 
LYS HG2  H  N N 207 
LYS HG3  H  N N 208 
LYS HD2  H  N N 209 
LYS HD3  H  N N 210 
LYS HE2  H  N N 211 
LYS HE3  H  N N 212 
LYS HZ1  H  N N 213 
LYS HZ2  H  N N 214 
LYS HZ3  H  N N 215 
LYS HXT  H  N N 216 
MET N    N  N N 217 
MET CA   C  N S 218 
MET C    C  N N 219 
MET O    O  N N 220 
MET CB   C  N N 221 
MET CG   C  N N 222 
MET SD   S  N N 223 
MET CE   C  N N 224 
MET OXT  O  N N 225 
MET H    H  N N 226 
MET H2   H  N N 227 
MET HA   H  N N 228 
MET HB2  H  N N 229 
MET HB3  H  N N 230 
MET HG2  H  N N 231 
MET HG3  H  N N 232 
MET HE1  H  N N 233 
MET HE2  H  N N 234 
MET HE3  H  N N 235 
MET HXT  H  N N 236 
PHE N    N  N N 237 
PHE CA   C  N S 238 
PHE C    C  N N 239 
PHE O    O  N N 240 
PHE CB   C  N N 241 
PHE CG   C  Y N 242 
PHE CD1  C  Y N 243 
PHE CD2  C  Y N 244 
PHE CE1  C  Y N 245 
PHE CE2  C  Y N 246 
PHE CZ   C  Y N 247 
PHE OXT  O  N N 248 
PHE H    H  N N 249 
PHE H2   H  N N 250 
PHE HA   H  N N 251 
PHE HB2  H  N N 252 
PHE HB3  H  N N 253 
PHE HD1  H  N N 254 
PHE HD2  H  N N 255 
PHE HE1  H  N N 256 
PHE HE2  H  N N 257 
PHE HZ   H  N N 258 
PHE HXT  H  N N 259 
PO4 P    P  N N 260 
PO4 O1   O  N N 261 
PO4 O2   O  N N 262 
PO4 O3   O  N N 263 
PO4 O4   O  N N 264 
PRO N    N  N N 265 
PRO CA   C  N S 266 
PRO C    C  N N 267 
PRO O    O  N N 268 
PRO CB   C  N N 269 
PRO CG   C  N N 270 
PRO CD   C  N N 271 
PRO OXT  O  N N 272 
PRO H    H  N N 273 
PRO HA   H  N N 274 
PRO HB2  H  N N 275 
PRO HB3  H  N N 276 
PRO HG2  H  N N 277 
PRO HG3  H  N N 278 
PRO HD2  H  N N 279 
PRO HD3  H  N N 280 
PRO HXT  H  N N 281 
PSF O2   O  N N 282 
PSF O1   O  N N 283 
PSF P    P  N R 284 
PSF O4   O  N N 285 
PSF O3   O  N N 286 
PSF C2   C  N N 287 
PSF C3   C  N N 288 
PSF O11  O  N N 289 
PSF O12  O  N N 290 
PSF C1   C  N N 291 
PSF C4   C  N N 292 
PSF C5   C  N N 293 
PSF O51  O  N N 294 
PSF O52  O  N N 295 
PSF C6   C  N N 296 
PSF C7   C  N N 297 
PSF C13  C  N N 298 
PSF C14  C  N N 299 
PSF C15  C  N N 300 
PSF N    N  N N 301 
PSF CA   C  N S 302 
PSF CB   C  N N 303 
PSF C    C  N N 304 
PSF OT1  O  N N 305 
PSF OT2  O  N N 306 
PSF C8   C  N N 307 
PSF C9   C  N N 308 
PSF C10  C  N N 309 
PSF C16  C  N N 310 
PSF C17  C  N N 311 
PSF HO3  H  N N 312 
PSF H21  H  N N 313 
PSF H22  H  N N 314 
PSF H31  H  N N 315 
PSF H41  H  N N 316 
PSF H42  H  N N 317 
PSF H61  H  N N 318 
PSF H62  H  N N 319 
PSF H71  H  N N 320 
PSF H72  H  N N 321 
PSF H131 H  N N 322 
PSF H132 H  N N 323 
PSF H141 H  N N 324 
PSF H142 H  N N 325 
PSF H151 H  N N 326 
PSF H152 H  N N 327 
PSF H1   H  N N 328 
PSF H2   H  N N 329 
PSF HA   H  N N 330 
PSF HB1  H  N N 331 
PSF HB2  H  N N 332 
PSF HXT  H  N N 333 
PSF H81  H  N N 334 
PSF H82  H  N N 335 
PSF H91  H  N N 336 
PSF H92  H  N N 337 
PSF H101 H  N N 338 
PSF H102 H  N N 339 
PSF H103 H  N N 340 
PSF H161 H  N N 341 
PSF H162 H  N N 342 
PSF H171 H  N N 343 
PSF H172 H  N N 344 
PSF H173 H  N N 345 
SER N    N  N N 346 
SER CA   C  N S 347 
SER C    C  N N 348 
SER O    O  N N 349 
SER CB   C  N N 350 
SER OG   O  N N 351 
SER OXT  O  N N 352 
SER H    H  N N 353 
SER H2   H  N N 354 
SER HA   H  N N 355 
SER HB2  H  N N 356 
SER HB3  H  N N 357 
SER HG   H  N N 358 
SER HXT  H  N N 359 
THR N    N  N N 360 
THR CA   C  N S 361 
THR C    C  N N 362 
THR O    O  N N 363 
THR CB   C  N R 364 
THR OG1  O  N N 365 
THR CG2  C  N N 366 
THR OXT  O  N N 367 
THR H    H  N N 368 
THR H2   H  N N 369 
THR HA   H  N N 370 
THR HB   H  N N 371 
THR HG1  H  N N 372 
THR HG21 H  N N 373 
THR HG22 H  N N 374 
THR HG23 H  N N 375 
THR HXT  H  N N 376 
TRP N    N  N N 377 
TRP CA   C  N S 378 
TRP C    C  N N 379 
TRP O    O  N N 380 
TRP CB   C  N N 381 
TRP CG   C  Y N 382 
TRP CD1  C  Y N 383 
TRP CD2  C  Y N 384 
TRP NE1  N  Y N 385 
TRP CE2  C  Y N 386 
TRP CE3  C  Y N 387 
TRP CZ2  C  Y N 388 
TRP CZ3  C  Y N 389 
TRP CH2  C  Y N 390 
TRP OXT  O  N N 391 
TRP H    H  N N 392 
TRP H2   H  N N 393 
TRP HA   H  N N 394 
TRP HB2  H  N N 395 
TRP HB3  H  N N 396 
TRP HD1  H  N N 397 
TRP HE1  H  N N 398 
TRP HE3  H  N N 399 
TRP HZ2  H  N N 400 
TRP HZ3  H  N N 401 
TRP HH2  H  N N 402 
TRP HXT  H  N N 403 
TYR N    N  N N 404 
TYR CA   C  N S 405 
TYR C    C  N N 406 
TYR O    O  N N 407 
TYR CB   C  N N 408 
TYR CG   C  Y N 409 
TYR CD1  C  Y N 410 
TYR CD2  C  Y N 411 
TYR CE1  C  Y N 412 
TYR CE2  C  Y N 413 
TYR CZ   C  Y N 414 
TYR OH   O  N N 415 
TYR OXT  O  N N 416 
TYR H    H  N N 417 
TYR H2   H  N N 418 
TYR HA   H  N N 419 
TYR HB2  H  N N 420 
TYR HB3  H  N N 421 
TYR HD1  H  N N 422 
TYR HD2  H  N N 423 
TYR HE1  H  N N 424 
TYR HE2  H  N N 425 
TYR HH   H  N N 426 
TYR HXT  H  N N 427 
VAL N    N  N N 428 
VAL CA   C  N S 429 
VAL C    C  N N 430 
VAL O    O  N N 431 
VAL CB   C  N N 432 
VAL CG1  C  N N 433 
VAL CG2  C  N N 434 
VAL OXT  O  N N 435 
VAL H    H  N N 436 
VAL H2   H  N N 437 
VAL HA   H  N N 438 
VAL HB   H  N N 439 
VAL HG11 H  N N 440 
VAL HG12 H  N N 441 
VAL HG13 H  N N 442 
VAL HG21 H  N N 443 
VAL HG22 H  N N 444 
VAL HG23 H  N N 445 
VAL HXT  H  N N 446 
# 
loop_
_chem_comp_bond.comp_id 
_chem_comp_bond.atom_id_1 
_chem_comp_bond.atom_id_2 
_chem_comp_bond.value_order 
_chem_comp_bond.pdbx_aromatic_flag 
_chem_comp_bond.pdbx_stereo_config 
_chem_comp_bond.pdbx_ordinal 
ALA N   CA   sing N N 1   
ALA N   H    sing N N 2   
ALA N   H2   sing N N 3   
ALA CA  C    sing N N 4   
ALA CA  CB   sing N N 5   
ALA CA  HA   sing N N 6   
ALA C   O    doub N N 7   
ALA C   OXT  sing N N 8   
ALA CB  HB1  sing N N 9   
ALA CB  HB2  sing N N 10  
ALA CB  HB3  sing N N 11  
ALA OXT HXT  sing N N 12  
ARG N   CA   sing N N 13  
ARG N   H    sing N N 14  
ARG N   H2   sing N N 15  
ARG CA  C    sing N N 16  
ARG CA  CB   sing N N 17  
ARG CA  HA   sing N N 18  
ARG C   O    doub N N 19  
ARG C   OXT  sing N N 20  
ARG CB  CG   sing N N 21  
ARG CB  HB2  sing N N 22  
ARG CB  HB3  sing N N 23  
ARG CG  CD   sing N N 24  
ARG CG  HG2  sing N N 25  
ARG CG  HG3  sing N N 26  
ARG CD  NE   sing N N 27  
ARG CD  HD2  sing N N 28  
ARG CD  HD3  sing N N 29  
ARG NE  CZ   sing N N 30  
ARG NE  HE   sing N N 31  
ARG CZ  NH1  sing N N 32  
ARG CZ  NH2  doub N N 33  
ARG NH1 HH11 sing N N 34  
ARG NH1 HH12 sing N N 35  
ARG NH2 HH21 sing N N 36  
ARG NH2 HH22 sing N N 37  
ARG OXT HXT  sing N N 38  
ASN N   CA   sing N N 39  
ASN N   H    sing N N 40  
ASN N   H2   sing N N 41  
ASN CA  C    sing N N 42  
ASN CA  CB   sing N N 43  
ASN CA  HA   sing N N 44  
ASN C   O    doub N N 45  
ASN C   OXT  sing N N 46  
ASN CB  CG   sing N N 47  
ASN CB  HB2  sing N N 48  
ASN CB  HB3  sing N N 49  
ASN CG  OD1  doub N N 50  
ASN CG  ND2  sing N N 51  
ASN ND2 HD21 sing N N 52  
ASN ND2 HD22 sing N N 53  
ASN OXT HXT  sing N N 54  
ASP N   CA   sing N N 55  
ASP N   H    sing N N 56  
ASP N   H2   sing N N 57  
ASP CA  C    sing N N 58  
ASP CA  CB   sing N N 59  
ASP CA  HA   sing N N 60  
ASP C   O    doub N N 61  
ASP C   OXT  sing N N 62  
ASP CB  CG   sing N N 63  
ASP CB  HB2  sing N N 64  
ASP CB  HB3  sing N N 65  
ASP CG  OD1  doub N N 66  
ASP CG  OD2  sing N N 67  
ASP OD2 HD2  sing N N 68  
ASP OXT HXT  sing N N 69  
GLN N   CA   sing N N 70  
GLN N   H    sing N N 71  
GLN N   H2   sing N N 72  
GLN CA  C    sing N N 73  
GLN CA  CB   sing N N 74  
GLN CA  HA   sing N N 75  
GLN C   O    doub N N 76  
GLN C   OXT  sing N N 77  
GLN CB  CG   sing N N 78  
GLN CB  HB2  sing N N 79  
GLN CB  HB3  sing N N 80  
GLN CG  CD   sing N N 81  
GLN CG  HG2  sing N N 82  
GLN CG  HG3  sing N N 83  
GLN CD  OE1  doub N N 84  
GLN CD  NE2  sing N N 85  
GLN NE2 HE21 sing N N 86  
GLN NE2 HE22 sing N N 87  
GLN OXT HXT  sing N N 88  
GLU N   CA   sing N N 89  
GLU N   H    sing N N 90  
GLU N   H2   sing N N 91  
GLU CA  C    sing N N 92  
GLU CA  CB   sing N N 93  
GLU CA  HA   sing N N 94  
GLU C   O    doub N N 95  
GLU C   OXT  sing N N 96  
GLU CB  CG   sing N N 97  
GLU CB  HB2  sing N N 98  
GLU CB  HB3  sing N N 99  
GLU CG  CD   sing N N 100 
GLU CG  HG2  sing N N 101 
GLU CG  HG3  sing N N 102 
GLU CD  OE1  doub N N 103 
GLU CD  OE2  sing N N 104 
GLU OE2 HE2  sing N N 105 
GLU OXT HXT  sing N N 106 
GLY N   CA   sing N N 107 
GLY N   H    sing N N 108 
GLY N   H2   sing N N 109 
GLY CA  C    sing N N 110 
GLY CA  HA2  sing N N 111 
GLY CA  HA3  sing N N 112 
GLY C   O    doub N N 113 
GLY C   OXT  sing N N 114 
GLY OXT HXT  sing N N 115 
HIS N   CA   sing N N 116 
HIS N   H    sing N N 117 
HIS N   H2   sing N N 118 
HIS CA  C    sing N N 119 
HIS CA  CB   sing N N 120 
HIS CA  HA   sing N N 121 
HIS C   O    doub N N 122 
HIS C   OXT  sing N N 123 
HIS CB  CG   sing N N 124 
HIS CB  HB2  sing N N 125 
HIS CB  HB3  sing N N 126 
HIS CG  ND1  sing Y N 127 
HIS CG  CD2  doub Y N 128 
HIS ND1 CE1  doub Y N 129 
HIS ND1 HD1  sing N N 130 
HIS CD2 NE2  sing Y N 131 
HIS CD2 HD2  sing N N 132 
HIS CE1 NE2  sing Y N 133 
HIS CE1 HE1  sing N N 134 
HIS NE2 HE2  sing N N 135 
HIS OXT HXT  sing N N 136 
HOH O   H1   sing N N 137 
HOH O   H2   sing N N 138 
ILE N   CA   sing N N 139 
ILE N   H    sing N N 140 
ILE N   H2   sing N N 141 
ILE CA  C    sing N N 142 
ILE CA  CB   sing N N 143 
ILE CA  HA   sing N N 144 
ILE C   O    doub N N 145 
ILE C   OXT  sing N N 146 
ILE CB  CG1  sing N N 147 
ILE CB  CG2  sing N N 148 
ILE CB  HB   sing N N 149 
ILE CG1 CD1  sing N N 150 
ILE CG1 HG12 sing N N 151 
ILE CG1 HG13 sing N N 152 
ILE CG2 HG21 sing N N 153 
ILE CG2 HG22 sing N N 154 
ILE CG2 HG23 sing N N 155 
ILE CD1 HD11 sing N N 156 
ILE CD1 HD12 sing N N 157 
ILE CD1 HD13 sing N N 158 
ILE OXT HXT  sing N N 159 
LEU N   CA   sing N N 160 
LEU N   H    sing N N 161 
LEU N   H2   sing N N 162 
LEU CA  C    sing N N 163 
LEU CA  CB   sing N N 164 
LEU CA  HA   sing N N 165 
LEU C   O    doub N N 166 
LEU C   OXT  sing N N 167 
LEU CB  CG   sing N N 168 
LEU CB  HB2  sing N N 169 
LEU CB  HB3  sing N N 170 
LEU CG  CD1  sing N N 171 
LEU CG  CD2  sing N N 172 
LEU CG  HG   sing N N 173 
LEU CD1 HD11 sing N N 174 
LEU CD1 HD12 sing N N 175 
LEU CD1 HD13 sing N N 176 
LEU CD2 HD21 sing N N 177 
LEU CD2 HD22 sing N N 178 
LEU CD2 HD23 sing N N 179 
LEU OXT HXT  sing N N 180 
LYS N   CA   sing N N 181 
LYS N   H    sing N N 182 
LYS N   H2   sing N N 183 
LYS CA  C    sing N N 184 
LYS CA  CB   sing N N 185 
LYS CA  HA   sing N N 186 
LYS C   O    doub N N 187 
LYS C   OXT  sing N N 188 
LYS CB  CG   sing N N 189 
LYS CB  HB2  sing N N 190 
LYS CB  HB3  sing N N 191 
LYS CG  CD   sing N N 192 
LYS CG  HG2  sing N N 193 
LYS CG  HG3  sing N N 194 
LYS CD  CE   sing N N 195 
LYS CD  HD2  sing N N 196 
LYS CD  HD3  sing N N 197 
LYS CE  NZ   sing N N 198 
LYS CE  HE2  sing N N 199 
LYS CE  HE3  sing N N 200 
LYS NZ  HZ1  sing N N 201 
LYS NZ  HZ2  sing N N 202 
LYS NZ  HZ3  sing N N 203 
LYS OXT HXT  sing N N 204 
MET N   CA   sing N N 205 
MET N   H    sing N N 206 
MET N   H2   sing N N 207 
MET CA  C    sing N N 208 
MET CA  CB   sing N N 209 
MET CA  HA   sing N N 210 
MET C   O    doub N N 211 
MET C   OXT  sing N N 212 
MET CB  CG   sing N N 213 
MET CB  HB2  sing N N 214 
MET CB  HB3  sing N N 215 
MET CG  SD   sing N N 216 
MET CG  HG2  sing N N 217 
MET CG  HG3  sing N N 218 
MET SD  CE   sing N N 219 
MET CE  HE1  sing N N 220 
MET CE  HE2  sing N N 221 
MET CE  HE3  sing N N 222 
MET OXT HXT  sing N N 223 
PHE N   CA   sing N N 224 
PHE N   H    sing N N 225 
PHE N   H2   sing N N 226 
PHE CA  C    sing N N 227 
PHE CA  CB   sing N N 228 
PHE CA  HA   sing N N 229 
PHE C   O    doub N N 230 
PHE C   OXT  sing N N 231 
PHE CB  CG   sing N N 232 
PHE CB  HB2  sing N N 233 
PHE CB  HB3  sing N N 234 
PHE CG  CD1  doub Y N 235 
PHE CG  CD2  sing Y N 236 
PHE CD1 CE1  sing Y N 237 
PHE CD1 HD1  sing N N 238 
PHE CD2 CE2  doub Y N 239 
PHE CD2 HD2  sing N N 240 
PHE CE1 CZ   doub Y N 241 
PHE CE1 HE1  sing N N 242 
PHE CE2 CZ   sing Y N 243 
PHE CE2 HE2  sing N N 244 
PHE CZ  HZ   sing N N 245 
PHE OXT HXT  sing N N 246 
PO4 P   O1   doub N N 247 
PO4 P   O2   sing N N 248 
PO4 P   O3   sing N N 249 
PO4 P   O4   sing N N 250 
PRO N   CA   sing N N 251 
PRO N   CD   sing N N 252 
PRO N   H    sing N N 253 
PRO CA  C    sing N N 254 
PRO CA  CB   sing N N 255 
PRO CA  HA   sing N N 256 
PRO C   O    doub N N 257 
PRO C   OXT  sing N N 258 
PRO CB  CG   sing N N 259 
PRO CB  HB2  sing N N 260 
PRO CB  HB3  sing N N 261 
PRO CG  CD   sing N N 262 
PRO CG  HG2  sing N N 263 
PRO CG  HG3  sing N N 264 
PRO CD  HD2  sing N N 265 
PRO CD  HD3  sing N N 266 
PRO OXT HXT  sing N N 267 
PSF O2  P    sing N N 268 
PSF O2  C2   sing N N 269 
PSF O1  P    sing N N 270 
PSF O1  CB   sing N N 271 
PSF P   O4   doub N N 272 
PSF P   O3   sing N N 273 
PSF O3  HO3  sing N N 274 
PSF C2  C3   sing N N 275 
PSF C2  H21  sing N N 276 
PSF C2  H22  sing N N 277 
PSF C3  O11  sing N N 278 
PSF C3  C4   sing N N 279 
PSF C3  H31  sing N N 280 
PSF O11 C1   sing N N 281 
PSF O12 C1   doub N N 282 
PSF C1  C13  sing N N 283 
PSF C4  O52  sing N N 284 
PSF C4  H41  sing N N 285 
PSF C4  H42  sing N N 286 
PSF C5  O51  doub N N 287 
PSF C5  O52  sing N N 288 
PSF C5  C6   sing N N 289 
PSF C6  C7   sing N N 290 
PSF C6  H61  sing N N 291 
PSF C6  H62  sing N N 292 
PSF C7  C8   sing N N 293 
PSF C7  H71  sing N N 294 
PSF C7  H72  sing N N 295 
PSF C13 C14  sing N N 296 
PSF C13 H131 sing N N 297 
PSF C13 H132 sing N N 298 
PSF C14 C15  sing N N 299 
PSF C14 H141 sing N N 300 
PSF C14 H142 sing N N 301 
PSF C15 C16  sing N N 302 
PSF C15 H151 sing N N 303 
PSF C15 H152 sing N N 304 
PSF N   CA   sing N N 305 
PSF N   H1   sing N N 306 
PSF N   H2   sing N N 307 
PSF CA  CB   sing N N 308 
PSF CA  C    sing N N 309 
PSF CA  HA   sing N N 310 
PSF CB  HB1  sing N N 311 
PSF CB  HB2  sing N N 312 
PSF C   OT1  doub N N 313 
PSF C   OT2  sing N N 314 
PSF OT2 HXT  sing N N 315 
PSF C8  C9   sing N N 316 
PSF C8  H81  sing N N 317 
PSF C8  H82  sing N N 318 
PSF C9  C10  sing N N 319 
PSF C9  H91  sing N N 320 
PSF C9  H92  sing N N 321 
PSF C10 H101 sing N N 322 
PSF C10 H102 sing N N 323 
PSF C10 H103 sing N N 324 
PSF C16 C17  sing N N 325 
PSF C16 H161 sing N N 326 
PSF C16 H162 sing N N 327 
PSF C17 H171 sing N N 328 
PSF C17 H172 sing N N 329 
PSF C17 H173 sing N N 330 
SER N   CA   sing N N 331 
SER N   H    sing N N 332 
SER N   H2   sing N N 333 
SER CA  C    sing N N 334 
SER CA  CB   sing N N 335 
SER CA  HA   sing N N 336 
SER C   O    doub N N 337 
SER C   OXT  sing N N 338 
SER CB  OG   sing N N 339 
SER CB  HB2  sing N N 340 
SER CB  HB3  sing N N 341 
SER OG  HG   sing N N 342 
SER OXT HXT  sing N N 343 
THR N   CA   sing N N 344 
THR N   H    sing N N 345 
THR N   H2   sing N N 346 
THR CA  C    sing N N 347 
THR CA  CB   sing N N 348 
THR CA  HA   sing N N 349 
THR C   O    doub N N 350 
THR C   OXT  sing N N 351 
THR CB  OG1  sing N N 352 
THR CB  CG2  sing N N 353 
THR CB  HB   sing N N 354 
THR OG1 HG1  sing N N 355 
THR CG2 HG21 sing N N 356 
THR CG2 HG22 sing N N 357 
THR CG2 HG23 sing N N 358 
THR OXT HXT  sing N N 359 
TRP N   CA   sing N N 360 
TRP N   H    sing N N 361 
TRP N   H2   sing N N 362 
TRP CA  C    sing N N 363 
TRP CA  CB   sing N N 364 
TRP CA  HA   sing N N 365 
TRP C   O    doub N N 366 
TRP C   OXT  sing N N 367 
TRP CB  CG   sing N N 368 
TRP CB  HB2  sing N N 369 
TRP CB  HB3  sing N N 370 
TRP CG  CD1  doub Y N 371 
TRP CG  CD2  sing Y N 372 
TRP CD1 NE1  sing Y N 373 
TRP CD1 HD1  sing N N 374 
TRP CD2 CE2  doub Y N 375 
TRP CD2 CE3  sing Y N 376 
TRP NE1 CE2  sing Y N 377 
TRP NE1 HE1  sing N N 378 
TRP CE2 CZ2  sing Y N 379 
TRP CE3 CZ3  doub Y N 380 
TRP CE3 HE3  sing N N 381 
TRP CZ2 CH2  doub Y N 382 
TRP CZ2 HZ2  sing N N 383 
TRP CZ3 CH2  sing Y N 384 
TRP CZ3 HZ3  sing N N 385 
TRP CH2 HH2  sing N N 386 
TRP OXT HXT  sing N N 387 
TYR N   CA   sing N N 388 
TYR N   H    sing N N 389 
TYR N   H2   sing N N 390 
TYR CA  C    sing N N 391 
TYR CA  CB   sing N N 392 
TYR CA  HA   sing N N 393 
TYR C   O    doub N N 394 
TYR C   OXT  sing N N 395 
TYR CB  CG   sing N N 396 
TYR CB  HB2  sing N N 397 
TYR CB  HB3  sing N N 398 
TYR CG  CD1  doub Y N 399 
TYR CG  CD2  sing Y N 400 
TYR CD1 CE1  sing Y N 401 
TYR CD1 HD1  sing N N 402 
TYR CD2 CE2  doub Y N 403 
TYR CD2 HD2  sing N N 404 
TYR CE1 CZ   doub Y N 405 
TYR CE1 HE1  sing N N 406 
TYR CE2 CZ   sing Y N 407 
TYR CE2 HE2  sing N N 408 
TYR CZ  OH   sing N N 409 
TYR OH  HH   sing N N 410 
TYR OXT HXT  sing N N 411 
VAL N   CA   sing N N 412 
VAL N   H    sing N N 413 
VAL N   H2   sing N N 414 
VAL CA  C    sing N N 415 
VAL CA  CB   sing N N 416 
VAL CA  HA   sing N N 417 
VAL C   O    doub N N 418 
VAL C   OXT  sing N N 419 
VAL CB  CG1  sing N N 420 
VAL CB  CG2  sing N N 421 
VAL CB  HB   sing N N 422 
VAL CG1 HG11 sing N N 423 
VAL CG1 HG12 sing N N 424 
VAL CG1 HG13 sing N N 425 
VAL CG2 HG21 sing N N 426 
VAL CG2 HG22 sing N N 427 
VAL CG2 HG23 sing N N 428 
VAL OXT HXT  sing N N 429 
# 
_atom_sites.entry_id                    1DSY 
_atom_sites.fract_transf_matrix[1][1]   -0.01240149 
_atom_sites.fract_transf_matrix[1][2]   0.01495653 
_atom_sites.fract_transf_matrix[1][3]   0.00285589 
_atom_sites.fract_transf_matrix[2][1]   -0.01935592 
_atom_sites.fract_transf_matrix[2][2]   -0.00326650 
_atom_sites.fract_transf_matrix[2][3]   0.00057378 
_atom_sites.fract_transf_matrix[3][1]   0.00058480 
_atom_sites.fract_transf_matrix[3][2]   -0.00157258 
_atom_sites.fract_transf_matrix[3][3]   0.01077516 
_atom_sites.fract_transf_vector[1]      0.325113 
_atom_sites.fract_transf_vector[2]      0.723940 
_atom_sites.fract_transf_vector[3]      0.101613 
# 
loop_
_atom_type.symbol 
C  
CA 
N  
O  
P  
S  
# 
loop_
_atom_site.group_PDB 
_atom_site.id 
_atom_site.type_symbol 
_atom_site.label_atom_id 
_atom_site.label_alt_id 
_atom_site.label_comp_id 
_atom_site.label_asym_id 
_atom_site.label_entity_id 
_atom_site.label_seq_id 
_atom_site.pdbx_PDB_ins_code 
_atom_site.Cartn_x 
_atom_site.Cartn_y 
_atom_site.Cartn_z 
_atom_site.occupancy 
_atom_site.B_iso_or_equiv 
_atom_site.pdbx_formal_charge 
_atom_site.auth_seq_id 
_atom_site.auth_comp_id 
_atom_site.auth_asym_id 
_atom_site.auth_atom_id 
_atom_site.pdbx_PDB_model_num 
ATOM   1    N  N   . THR A 1 2   ? -10.620 7.352   -7.705  1.00 49.23 ? 156 THR A N   1 
ATOM   2    C  CA  . THR A 1 2   ? -11.460 6.126   -7.542  1.00 49.63 ? 156 THR A CA  1 
ATOM   3    C  C   . THR A 1 2   ? -12.559 6.319   -6.510  1.00 49.80 ? 156 THR A C   1 
ATOM   4    O  O   . THR A 1 2   ? -13.600 5.665   -6.573  1.00 49.57 ? 156 THR A O   1 
ATOM   5    C  CB  . THR A 1 2   ? -10.604 4.964   -7.130  1.00 50.99 ? 156 THR A CB  1 
ATOM   6    N  N   . GLU A 1 3   ? -12.310 7.210   -5.555  1.00 49.21 ? 157 GLU A N   1 
ATOM   7    C  CA  . GLU A 1 3   ? -13.252 7.515   -4.486  1.00 49.38 ? 157 GLU A CA  1 
ATOM   8    C  C   . GLU A 1 3   ? -12.472 8.178   -3.364  1.00 50.13 ? 157 GLU A C   1 
ATOM   9    O  O   . GLU A 1 3   ? -11.334 7.796   -3.081  1.00 53.40 ? 157 GLU A O   1 
ATOM   10   C  CB  . GLU A 1 3   ? -13.915 6.244   -3.971  1.00 49.59 ? 157 GLU A CB  1 
ATOM   11   N  N   . LYS A 1 4   ? -13.092 9.171   -2.735  1.00 48.06 ? 158 LYS A N   1 
ATOM   12   C  CA  . LYS A 1 4   ? -12.496 9.914   -1.631  1.00 46.09 ? 158 LYS A CA  1 
ATOM   13   C  C   . LYS A 1 4   ? -10.972 10.070  -1.666  1.00 42.03 ? 158 LYS A C   1 
ATOM   14   O  O   . LYS A 1 4   ? -10.465 11.144  -1.970  1.00 40.25 ? 158 LYS A O   1 
ATOM   15   C  CB  . LYS A 1 4   ? -12.911 9.284   -0.293  1.00 50.27 ? 158 LYS A CB  1 
ATOM   16   C  CG  . LYS A 1 4   ? -12.462 10.082  0.924   1.00 56.00 ? 158 LYS A CG  1 
ATOM   17   C  CD  . LYS A 1 4   ? -12.928 9.456   2.238   1.00 61.07 ? 158 LYS A CD  1 
ATOM   18   C  CE  . LYS A 1 4   ? -12.473 10.301  3.428   1.00 64.38 ? 158 LYS A CE  1 
ATOM   19   N  NZ  . LYS A 1 4   ? -12.925 9.751   4.741   1.00 67.95 ? 158 LYS A NZ  1 
ATOM   20   N  N   . ARG A 1 5   ? -10.245 9.000   -1.366  1.00 38.53 ? 159 ARG A N   1 
ATOM   21   C  CA  . ARG A 1 5   ? -8.787  9.052   -1.322  1.00 33.72 ? 159 ARG A CA  1 
ATOM   22   C  C   . ARG A 1 5   ? -8.017  8.589   -2.556  1.00 31.18 ? 159 ARG A C   1 
ATOM   23   O  O   . ARG A 1 5   ? -6.833  8.291   -2.463  1.00 33.02 ? 159 ARG A O   1 
ATOM   24   C  CB  . ARG A 1 5   ? -8.308  8.262   -0.115  1.00 33.37 ? 159 ARG A CB  1 
ATOM   25   C  CG  . ARG A 1 5   ? -8.863  8.769   1.196   1.00 32.17 ? 159 ARG A CG  1 
ATOM   26   C  CD  . ARG A 1 5   ? -8.696  7.724   2.265   1.00 31.33 ? 159 ARG A CD  1 
ATOM   27   N  NE  . ARG A 1 5   ? -9.050  8.225   3.582   1.00 29.36 ? 159 ARG A NE  1 
ATOM   28   C  CZ  . ARG A 1 5   ? -8.374  9.166   4.228   1.00 31.12 ? 159 ARG A CZ  1 
ATOM   29   N  NH1 . ARG A 1 5   ? -7.304  9.721   3.674   1.00 28.79 ? 159 ARG A NH1 1 
ATOM   30   N  NH2 . ARG A 1 5   ? -8.757  9.537   5.441   1.00 33.44 ? 159 ARG A NH2 1 
ATOM   31   N  N   . GLY A 1 6   ? -8.669  8.531   -3.708  1.00 27.75 ? 160 GLY A N   1 
ATOM   32   C  CA  . GLY A 1 6   ? -7.973  8.104   -4.905  1.00 24.51 ? 160 GLY A CA  1 
ATOM   33   C  C   . GLY A 1 6   ? -7.842  6.596   -4.999  1.00 23.39 ? 160 GLY A C   1 
ATOM   34   O  O   . GLY A 1 6   ? -8.503  5.865   -4.264  1.00 23.33 ? 160 GLY A O   1 
ATOM   35   N  N   . ARG A 1 7   ? -6.992  6.126   -5.906  1.00 21.97 ? 161 ARG A N   1 
ATOM   36   C  CA  . ARG A 1 7   ? -6.792  4.695   -6.092  1.00 21.52 ? 161 ARG A CA  1 
ATOM   37   C  C   . ARG A 1 7   ? -5.356  4.347   -6.420  1.00 20.64 ? 161 ARG A C   1 
ATOM   38   O  O   . ARG A 1 7   ? -4.567  5.209   -6.788  1.00 22.96 ? 161 ARG A O   1 
ATOM   39   C  CB  . ARG A 1 7   ? -7.695  4.177   -7.197  1.00 23.44 ? 161 ARG A CB  1 
ATOM   40   C  CG  . ARG A 1 7   ? -7.472  4.819   -8.553  1.00 28.28 ? 161 ARG A CG  1 
ATOM   41   C  CD  . ARG A 1 7   ? -8.666  4.556   -9.445  1.00 32.45 ? 161 ARG A CD  1 
ATOM   42   N  NE  . ARG A 1 7   ? -8.333  4.565   -10.860 1.00 38.83 ? 161 ARG A NE  1 
ATOM   43   C  CZ  . ARG A 1 7   ? -9.209  4.332   -11.833 1.00 40.97 ? 161 ARG A CZ  1 
ATOM   44   N  NH1 . ARG A 1 7   ? -10.480 4.076   -11.533 1.00 38.48 ? 161 ARG A NH1 1 
ATOM   45   N  NH2 . ARG A 1 7   ? -8.812  4.345   -13.104 1.00 43.60 ? 161 ARG A NH2 1 
ATOM   46   N  N   . ILE A 1 8   ? -5.030  3.069   -6.298  1.00 18.60 ? 162 ILE A N   1 
ATOM   47   C  CA  . ILE A 1 8   ? -3.684  2.602   -6.554  1.00 17.67 ? 162 ILE A CA  1 
ATOM   48   C  C   . ILE A 1 8   ? -3.729  1.308   -7.343  1.00 19.70 ? 162 ILE A C   1 
ATOM   49   O  O   . ILE A 1 8   ? -4.665  0.522   -7.206  1.00 19.87 ? 162 ILE A O   1 
ATOM   50   C  CB  . ILE A 1 8   ? -2.936  2.373   -5.221  1.00 17.34 ? 162 ILE A CB  1 
ATOM   51   C  CG1 . ILE A 1 8   ? -1.545  1.804   -5.479  1.00 17.50 ? 162 ILE A CG1 1 
ATOM   52   C  CG2 . ILE A 1 8   ? -3.720  1.421   -4.340  1.00 17.87 ? 162 ILE A CG2 1 
ATOM   53   C  CD1 . ILE A 1 8   ? -0.681  1.782   -4.251  1.00 18.60 ? 162 ILE A CD1 1 
ATOM   54   N  N   . TYR A 1 9   ? -2.719  1.093   -8.178  1.00 20.98 ? 163 TYR A N   1 
ATOM   55   C  CA  . TYR A 1 9   ? -2.648  -0.115  -8.980  1.00 22.66 ? 163 TYR A CA  1 
ATOM   56   C  C   . TYR A 1 9   ? -1.572  -1.040  -8.408  1.00 25.75 ? 163 TYR A C   1 
ATOM   57   O  O   . TYR A 1 9   ? -0.385  -0.704  -8.388  1.00 26.39 ? 163 TYR A O   1 
ATOM   58   C  CB  . TYR A 1 9   ? -2.352  0.245   -10.433 1.00 22.97 ? 163 TYR A CB  1 
ATOM   59   C  CG  . TYR A 1 9   ? -2.423  -0.916  -11.394 1.00 24.40 ? 163 TYR A CG  1 
ATOM   60   C  CD1 . TYR A 1 9   ? -1.414  -1.882  -11.430 1.00 24.76 ? 163 TYR A CD1 1 
ATOM   61   C  CD2 . TYR A 1 9   ? -3.498  -1.052  -12.275 1.00 25.43 ? 163 TYR A CD2 1 
ATOM   62   C  CE1 . TYR A 1 9   ? -1.468  -2.946  -12.322 1.00 26.33 ? 163 TYR A CE1 1 
ATOM   63   C  CE2 . TYR A 1 9   ? -3.562  -2.120  -13.178 1.00 26.11 ? 163 TYR A CE2 1 
ATOM   64   C  CZ  . TYR A 1 9   ? -2.545  -3.059  -13.191 1.00 27.00 ? 163 TYR A CZ  1 
ATOM   65   O  OH  . TYR A 1 9   ? -2.604  -4.114  -14.065 1.00 30.49 ? 163 TYR A OH  1 
ATOM   66   N  N   . LEU A 1 10  ? -2.000  -2.210  -7.947  1.00 26.02 ? 164 LEU A N   1 
ATOM   67   C  CA  . LEU A 1 10  ? -1.095  -3.175  -7.350  1.00 27.56 ? 164 LEU A CA  1 
ATOM   68   C  C   . LEU A 1 10  ? -1.160  -4.536  -8.019  1.00 28.64 ? 164 LEU A C   1 
ATOM   69   O  O   . LEU A 1 10  ? -2.124  -4.858  -8.713  1.00 29.29 ? 164 LEU A O   1 
ATOM   70   C  CB  . LEU A 1 10  ? -1.458  -3.394  -5.881  1.00 29.58 ? 164 LEU A CB  1 
ATOM   71   C  CG  . LEU A 1 10  ? -1.649  -2.210  -4.945  1.00 33.55 ? 164 LEU A CG  1 
ATOM   72   C  CD1 . LEU A 1 10  ? -2.247  -2.697  -3.635  1.00 33.53 ? 164 LEU A CD1 1 
ATOM   73   C  CD2 . LEU A 1 10  ? -0.316  -1.517  -4.716  1.00 36.47 ? 164 LEU A CD2 1 
ATOM   74   N  N   . LYS A 1 11  ? -0.120  -5.324  -7.781  1.00 28.43 ? 165 LYS A N   1 
ATOM   75   C  CA  . LYS A 1 11  ? -0.025  -6.699  -8.243  1.00 29.55 ? 165 LYS A CA  1 
ATOM   76   C  C   . LYS A 1 11  ? 0.593   -7.421  -7.055  1.00 29.63 ? 165 LYS A C   1 
ATOM   77   O  O   . LYS A 1 11  ? 1.563   -6.943  -6.468  1.00 29.04 ? 165 LYS A O   1 
ATOM   78   C  CB  . LYS A 1 11  ? 0.872   -6.838  -9.472  1.00 31.71 ? 165 LYS A CB  1 
ATOM   79   C  CG  . LYS A 1 11  ? 0.170   -6.514  -10.774 1.00 38.72 ? 165 LYS A CG  1 
ATOM   80   C  CD  . LYS A 1 11  ? 0.860   -7.172  -11.968 1.00 42.83 ? 165 LYS A CD  1 
ATOM   81   C  CE  . LYS A 1 11  ? 0.051   -6.959  -13.250 1.00 45.63 ? 165 LYS A CE  1 
ATOM   82   N  NZ  . LYS A 1 11  ? 0.657   -7.628  -14.440 1.00 46.92 ? 165 LYS A NZ  1 
ATOM   83   N  N   . ALA A 1 12  ? 0.010   -8.549  -6.676  1.00 29.50 ? 166 ALA A N   1 
ATOM   84   C  CA  . ALA A 1 12  ? 0.518   -9.308  -5.542  1.00 31.06 ? 166 ALA A CA  1 
ATOM   85   C  C   . ALA A 1 12  ? 0.103   -10.760 -5.653  1.00 33.23 ? 166 ALA A C   1 
ATOM   86   O  O   . ALA A 1 12  ? -1.084  -11.076 -5.648  1.00 34.35 ? 166 ALA A O   1 
ATOM   87   C  CB  . ALA A 1 12  ? -0.005  -8.718  -4.240  1.00 29.54 ? 166 ALA A CB  1 
ATOM   88   N  N   . GLU A 1 13  ? 1.094   -11.637 -5.759  1.00 36.19 ? 167 GLU A N   1 
ATOM   89   C  CA  . GLU A 1 13  ? 0.859   -13.069 -5.867  1.00 40.06 ? 167 GLU A CA  1 
ATOM   90   C  C   . GLU A 1 13  ? 1.852   -13.804 -4.975  1.00 41.32 ? 167 GLU A C   1 
ATOM   91   O  O   . GLU A 1 13  ? 3.000   -13.388 -4.862  1.00 42.56 ? 167 GLU A O   1 
ATOM   92   C  CB  . GLU A 1 13  ? 1.038   -13.526 -7.315  1.00 41.46 ? 167 GLU A CB  1 
ATOM   93   C  CG  . GLU A 1 13  ? 2.354   -13.098 -7.942  1.00 45.27 ? 167 GLU A CG  1 
ATOM   94   C  CD  . GLU A 1 13  ? 2.657   -13.848 -9.222  1.00 48.80 ? 167 GLU A CD  1 
ATOM   95   O  OE1 . GLU A 1 13  ? 1.730   -14.043 -10.034 1.00 51.67 ? 167 GLU A OE1 1 
ATOM   96   O  OE2 . GLU A 1 13  ? 3.828   -14.235 -9.424  1.00 51.84 ? 167 GLU A OE2 1 
ATOM   97   N  N   . VAL A 1 14  ? 1.404   -14.882 -4.334  1.00 42.83 ? 168 VAL A N   1 
ATOM   98   C  CA  . VAL A 1 14  ? 2.269   -15.687 -3.466  1.00 45.38 ? 168 VAL A CA  1 
ATOM   99   C  C   . VAL A 1 14  ? 2.831   -16.847 -4.294  1.00 47.89 ? 168 VAL A C   1 
ATOM   100  O  O   . VAL A 1 14  ? 2.070   -17.676 -4.788  1.00 47.67 ? 168 VAL A O   1 
ATOM   101  C  CB  . VAL A 1 14  ? 1.482   -16.252 -2.268  1.00 43.91 ? 168 VAL A CB  1 
ATOM   102  C  CG1 . VAL A 1 14  ? 2.325   -17.281 -1.540  1.00 43.43 ? 168 VAL A CG1 1 
ATOM   103  C  CG2 . VAL A 1 14  ? 1.098   -15.129 -1.323  1.00 44.47 ? 168 VAL A CG2 1 
ATOM   104  N  N   . THR A 1 15  ? 4.156   -16.931 -4.424  1.00 51.07 ? 169 THR A N   1 
ATOM   105  C  CA  . THR A 1 15  ? 4.747   -17.970 -5.272  1.00 53.97 ? 169 THR A CA  1 
ATOM   106  C  C   . THR A 1 15  ? 5.961   -18.781 -4.801  1.00 55.66 ? 169 THR A C   1 
ATOM   107  O  O   . THR A 1 15  ? 6.828   -19.137 -5.588  1.00 57.35 ? 169 THR A O   1 
ATOM   108  C  CB  . THR A 1 15  ? 5.091   -17.360 -6.649  1.00 55.40 ? 169 THR A CB  1 
ATOM   109  O  OG1 . THR A 1 15  ? 3.930   -16.701 -7.168  1.00 56.81 ? 169 THR A OG1 1 
ATOM   110  C  CG2 . THR A 1 15  ? 5.509   -18.429 -7.643  1.00 55.60 ? 169 THR A CG2 1 
ATOM   111  N  N   . ASP A 1 16  ? 6.023   -19.101 -3.528  1.00 58.18 ? 170 ASP A N   1 
ATOM   112  C  CA  . ASP A 1 16  ? 7.131   -19.893 -3.010  1.00 60.18 ? 170 ASP A CA  1 
ATOM   113  C  C   . ASP A 1 16  ? 6.491   -20.208 -1.711  1.00 60.24 ? 170 ASP A C   1 
ATOM   114  O  O   . ASP A 1 16  ? 5.727   -21.151 -1.521  1.00 61.53 ? 170 ASP A O   1 
ATOM   115  C  CB  . ASP A 1 16  ? 8.345   -18.994 -2.728  1.00 63.01 ? 170 ASP A CB  1 
ATOM   116  C  CG  . ASP A 1 16  ? 9.555   -19.760 -2.212  1.00 65.76 ? 170 ASP A CG  1 
ATOM   117  O  OD1 . ASP A 1 16  ? 10.439  -20.054 -3.042  1.00 67.49 ? 170 ASP A OD1 1 
ATOM   118  O  OD2 . ASP A 1 16  ? 9.629   -20.063 -0.998  1.00 66.90 ? 170 ASP A OD2 1 
ATOM   119  N  N   . GLU A 1 17  ? 6.795   -19.255 -0.867  1.00 59.16 ? 171 GLU A N   1 
ATOM   120  C  CA  . GLU A 1 17  ? 6.411   -19.087 0.486   1.00 58.25 ? 171 GLU A CA  1 
ATOM   121  C  C   . GLU A 1 17  ? 7.088   -17.723 0.416   1.00 54.22 ? 171 GLU A C   1 
ATOM   122  O  O   . GLU A 1 17  ? 7.662   -17.227 1.367   1.00 53.14 ? 171 GLU A O   1 
ATOM   123  C  CB  . GLU A 1 17  ? 7.144   -20.099 1.357   1.00 61.28 ? 171 GLU A CB  1 
ATOM   124  C  CG  . GLU A 1 17  ? 6.551   -21.494 1.215   1.00 66.18 ? 171 GLU A CG  1 
ATOM   125  C  CD  . GLU A 1 17  ? 7.413   -22.574 1.825   1.00 70.02 ? 171 GLU A CD  1 
ATOM   126  O  OE1 . GLU A 1 17  ? 8.272   -22.241 2.669   1.00 71.55 ? 171 GLU A OE1 1 
ATOM   127  O  OE2 . GLU A 1 17  ? 7.222   -23.759 1.470   1.00 73.72 ? 171 GLU A OE2 1 
ATOM   128  N  N   . LYS A 1 18  ? 7.067   -17.176 -0.800  1.00 50.06 ? 172 LYS A N   1 
ATOM   129  C  CA  . LYS A 1 18  ? 7.605   -15.857 -1.089  1.00 47.03 ? 172 LYS A CA  1 
ATOM   130  C  C   . LYS A 1 18  ? 6.440   -15.056 -1.651  1.00 42.31 ? 172 LYS A C   1 
ATOM   131  O  O   . LYS A 1 18  ? 5.705   -15.512 -2.528  1.00 41.70 ? 172 LYS A O   1 
ATOM   132  C  CB  . LYS A 1 18  ? 8.775   -15.902 -2.093  1.00 49.45 ? 172 LYS A CB  1 
ATOM   133  C  CG  . LYS A 1 18  ? 8.421   -15.961 -3.580  1.00 56.81 ? 172 LYS A CG  1 
ATOM   134  C  CD  . LYS A 1 18  ? 9.705   -15.839 -4.415  1.00 62.73 ? 172 LYS A CD  1 
ATOM   135  C  CE  . LYS A 1 18  ? 9.563   -16.396 -5.840  1.00 64.98 ? 172 LYS A CE  1 
ATOM   136  N  NZ  . LYS A 1 18  ? 10.283  -17.689 -6.009  1.00 65.21 ? 172 LYS A NZ  1 
ATOM   137  N  N   . LEU A 1 19  ? 6.253   -13.870 -1.101  1.00 38.04 ? 173 LEU A N   1 
ATOM   138  C  CA  . LEU A 1 19  ? 5.181   -12.986 -1.509  1.00 34.19 ? 173 LEU A CA  1 
ATOM   139  C  C   . LEU A 1 19  ? 5.750   -11.866 -2.363  1.00 31.83 ? 173 LEU A C   1 
ATOM   140  O  O   . LEU A 1 19  ? 6.617   -11.119 -1.916  1.00 31.66 ? 173 LEU A O   1 
ATOM   141  C  CB  . LEU A 1 19  ? 4.503   -12.409 -0.268  1.00 32.35 ? 173 LEU A CB  1 
ATOM   142  C  CG  . LEU A 1 19  ? 3.460   -11.300 -0.429  1.00 30.99 ? 173 LEU A CG  1 
ATOM   143  C  CD1 . LEU A 1 19  ? 2.293   -11.759 -1.293  1.00 28.20 ? 173 LEU A CD1 1 
ATOM   144  C  CD2 . LEU A 1 19  ? 2.985   -10.904 0.954   1.00 28.73 ? 173 LEU A CD2 1 
ATOM   145  N  N   . HIS A 1 20  ? 5.265   -11.758 -3.592  1.00 30.97 ? 174 HIS A N   1 
ATOM   146  C  CA  . HIS A 1 20  ? 5.731   -10.718 -4.502  1.00 31.31 ? 174 HIS A CA  1 
ATOM   147  C  C   . HIS A 1 20  ? 4.705   -9.618  -4.625  1.00 29.86 ? 174 HIS A C   1 
ATOM   148  O  O   . HIS A 1 20  ? 3.522   -9.885  -4.843  1.00 31.84 ? 174 HIS A O   1 
ATOM   149  C  CB  . HIS A 1 20  ? 5.993   -11.298 -5.885  1.00 33.47 ? 174 HIS A CB  1 
ATOM   150  C  CG  . HIS A 1 20  ? 7.097   -12.264 -5.933  1.00 36.36 ? 174 HIS A CG  1 
ATOM   151  N  ND1 . HIS A 1 20  ? 8.432   -11.912 -5.677  1.00 38.57 ? 174 HIS A ND1 1 
ATOM   152  C  CD2 . HIS A 1 20  ? 7.145   -13.599 -6.197  1.00 36.83 ? 174 HIS A CD2 1 
ATOM   153  C  CE1 . HIS A 1 20  ? 9.191   -12.969 -5.792  1.00 38.75 ? 174 HIS A CE1 1 
ATOM   154  N  NE2 . HIS A 1 20  ? 8.441   -14.003 -6.108  1.00 37.59 ? 174 HIS A NE2 1 
ATOM   155  N  N   . VAL A 1 21  ? 5.154   -8.380  -4.495  1.00 25.81 ? 175 VAL A N   1 
ATOM   156  C  CA  . VAL A 1 21  ? 4.246   -7.257  -4.613  1.00 22.46 ? 175 VAL A CA  1 
ATOM   157  C  C   . VAL A 1 21  ? 4.826   -6.199  -5.526  1.00 20.13 ? 175 VAL A C   1 
ATOM   158  O  O   . VAL A 1 21  ? 6.003   -5.864  -5.438  1.00 20.27 ? 175 VAL A O   1 
ATOM   159  C  CB  . VAL A 1 21  ? 3.951   -6.614  -3.242  1.00 22.63 ? 175 VAL A CB  1 
ATOM   160  C  CG1 . VAL A 1 21  ? 2.968   -5.465  -3.418  1.00 20.47 ? 175 VAL A CG1 1 
ATOM   161  C  CG2 . VAL A 1 21  ? 3.391   -7.656  -2.282  1.00 23.31 ? 175 VAL A CG2 1 
ATOM   162  N  N   . THR A 1 22  ? 4.001   -5.699  -6.429  1.00 19.26 ? 176 THR A N   1 
ATOM   163  C  CA  . THR A 1 22  ? 4.436   -4.645  -7.324  1.00 17.72 ? 176 THR A CA  1 
ATOM   164  C  C   . THR A 1 22  ? 3.512   -3.460  -7.149  1.00 16.32 ? 176 THR A C   1 
ATOM   165  O  O   . THR A 1 22  ? 2.301   -3.573  -7.306  1.00 14.02 ? 176 THR A O   1 
ATOM   166  C  CB  . THR A 1 22  ? 4.420   -5.082  -8.795  1.00 16.79 ? 176 THR A CB  1 
ATOM   167  O  OG1 . THR A 1 22  ? 5.437   -6.065  -9.003  1.00 21.75 ? 176 THR A OG1 1 
ATOM   168  C  CG2 . THR A 1 22  ? 4.709   -3.903  -9.704  1.00 17.23 ? 176 THR A CG2 1 
ATOM   169  N  N   . VAL A 1 23  ? 4.103   -2.335  -6.773  1.00 17.15 ? 177 VAL A N   1 
ATOM   170  C  CA  . VAL A 1 23  ? 3.362   -1.101  -6.594  1.00 16.95 ? 177 VAL A CA  1 
ATOM   171  C  C   . VAL A 1 23  ? 3.649   -0.329  -7.864  1.00 18.43 ? 177 VAL A C   1 
ATOM   172  O  O   . VAL A 1 23  ? 4.796   0.010   -8.146  1.00 18.43 ? 177 VAL A O   1 
ATOM   173  C  CB  . VAL A 1 23  ? 3.877   -0.320  -5.384  1.00 14.36 ? 177 VAL A CB  1 
ATOM   174  C  CG1 . VAL A 1 23  ? 3.187   1.024   -5.303  1.00 14.52 ? 177 VAL A CG1 1 
ATOM   175  C  CG2 . VAL A 1 23  ? 3.629   -1.116  -4.125  1.00 15.95 ? 177 VAL A CG2 1 
ATOM   176  N  N   . ARG A 1 24  ? 2.616   -0.069  -8.649  1.00 19.30 ? 178 ARG A N   1 
ATOM   177  C  CA  . ARG A 1 24  ? 2.822   0.646   -9.896  1.00 20.93 ? 178 ARG A CA  1 
ATOM   178  C  C   . ARG A 1 24  ? 2.652   2.150   -9.749  1.00 21.20 ? 178 ARG A C   1 
ATOM   179  O  O   . ARG A 1 24  ? 3.628   2.897   -9.694  1.00 24.02 ? 178 ARG A O   1 
ATOM   180  C  CB  . ARG A 1 24  ? 1.864   0.120   -10.967 1.00 20.67 ? 178 ARG A CB  1 
ATOM   181  C  CG  . ARG A 1 24  ? 2.460   0.120   -12.357 1.00 23.74 ? 178 ARG A CG  1 
ATOM   182  C  CD  . ARG A 1 24  ? 1.479   -0.418  -13.358 1.00 24.48 ? 178 ARG A CD  1 
ATOM   183  N  NE  . ARG A 1 24  ? 0.362   0.504   -13.503 1.00 30.21 ? 178 ARG A NE  1 
ATOM   184  C  CZ  . ARG A 1 24  ? -0.755  0.238   -14.171 1.00 31.02 ? 178 ARG A CZ  1 
ATOM   185  N  NH1 . ARG A 1 24  ? -0.915  -0.942  -14.761 1.00 32.69 ? 178 ARG A NH1 1 
ATOM   186  N  NH2 . ARG A 1 24  ? -1.708  1.160   -14.258 1.00 31.78 ? 178 ARG A NH2 1 
ATOM   187  N  N   . ASP A 1 25  ? 1.404   2.592   -9.677  1.00 20.84 ? 179 ASP A N   1 
ATOM   188  C  CA  . ASP A 1 25  ? 1.106   4.003   -9.575  1.00 22.43 ? 179 ASP A CA  1 
ATOM   189  C  C   . ASP A 1 25  ? -0.204  4.227   -8.832  1.00 24.04 ? 179 ASP A C   1 
ATOM   190  O  O   . ASP A 1 25  ? -0.950  3.286   -8.578  1.00 25.67 ? 179 ASP A O   1 
ATOM   191  C  CB  . ASP A 1 25  ? 1.019   4.595   -10.981 1.00 23.77 ? 179 ASP A CB  1 
ATOM   192  C  CG  . ASP A 1 25  ? -0.099  3.977   -11.808 1.00 25.94 ? 179 ASP A CG  1 
ATOM   193  O  OD1 . ASP A 1 25  ? -0.165  2.735   -11.912 1.00 26.71 ? 179 ASP A OD1 1 
ATOM   194  O  OD2 . ASP A 1 25  ? -0.913  4.738   -12.365 1.00 28.69 ? 179 ASP A OD2 1 
ATOM   195  N  N   . ALA A 1 26  ? -0.470  5.478   -8.473  1.00 23.95 ? 180 ALA A N   1 
ATOM   196  C  CA  . ALA A 1 26  ? -1.699  5.829   -7.781  1.00 24.62 ? 180 ALA A CA  1 
ATOM   197  C  C   . ALA A 1 26  ? -2.336  6.971   -8.553  1.00 26.05 ? 180 ALA A C   1 
ATOM   198  O  O   . ALA A 1 26  ? -1.674  7.616   -9.361  1.00 26.73 ? 180 ALA A O   1 
ATOM   199  C  CB  . ALA A 1 26  ? -1.398  6.259   -6.355  1.00 23.86 ? 180 ALA A CB  1 
ATOM   200  N  N   . LYS A 1 27  ? -3.621  7.216   -8.316  1.00 28.37 ? 181 LYS A N   1 
ATOM   201  C  CA  . LYS A 1 27  ? -4.327  8.293   -9.002  1.00 29.99 ? 181 LYS A CA  1 
ATOM   202  C  C   . LYS A 1 27  ? -5.260  9.038   -8.069  1.00 29.22 ? 181 LYS A C   1 
ATOM   203  O  O   . LYS A 1 27  ? -5.837  8.451   -7.154  1.00 29.40 ? 181 LYS A O   1 
ATOM   204  C  CB  . LYS A 1 27  ? -5.165  7.748   -10.167 1.00 33.86 ? 181 LYS A CB  1 
ATOM   205  C  CG  . LYS A 1 27  ? -4.379  7.224   -11.352 1.00 38.83 ? 181 LYS A CG  1 
ATOM   206  C  CD  . LYS A 1 27  ? -5.324  6.798   -12.467 1.00 42.99 ? 181 LYS A CD  1 
ATOM   207  C  CE  . LYS A 1 27  ? -4.564  6.323   -13.704 1.00 47.69 ? 181 LYS A CE  1 
ATOM   208  N  NZ  . LYS A 1 27  ? -5.476  5.789   -14.773 1.00 51.02 ? 181 LYS A NZ  1 
ATOM   209  N  N   . ASN A 1 28  ? -5.402  10.335  -8.307  1.00 27.73 ? 182 ASN A N   1 
ATOM   210  C  CA  . ASN A 1 28  ? -6.301  11.169  -7.525  1.00 27.45 ? 182 ASN A CA  1 
ATOM   211  C  C   . ASN A 1 28  ? -6.081  11.162  -6.026  1.00 26.42 ? 182 ASN A C   1 
ATOM   212  O  O   . ASN A 1 28  ? -7.042  11.175  -5.254  1.00 26.92 ? 182 ASN A O   1 
ATOM   213  C  CB  . ASN A 1 28  ? -7.742  10.760  -7.812  1.00 29.17 ? 182 ASN A CB  1 
ATOM   214  C  CG  . ASN A 1 28  ? -8.069  10.825  -9.279  1.00 33.23 ? 182 ASN A CG  1 
ATOM   215  O  OD1 . ASN A 1 28  ? -8.025  11.897  -9.888  1.00 37.27 ? 182 ASN A OD1 1 
ATOM   216  N  ND2 . ASN A 1 28  ? -8.391  9.676   -9.866  1.00 35.20 ? 182 ASN A ND2 1 
ATOM   217  N  N   . LEU A 1 29  ? -4.823  11.155  -5.606  1.00 24.85 ? 183 LEU A N   1 
ATOM   218  C  CA  . LEU A 1 29  ? -4.518  11.161  -4.187  1.00 24.56 ? 183 LEU A CA  1 
ATOM   219  C  C   . LEU A 1 29  ? -4.943  12.497  -3.596  1.00 25.74 ? 183 LEU A C   1 
ATOM   220  O  O   . LEU A 1 29  ? -5.018  13.500  -4.303  1.00 26.66 ? 183 LEU A O   1 
ATOM   221  C  CB  . LEU A 1 29  ? -3.029  10.929  -3.974  1.00 22.55 ? 183 LEU A CB  1 
ATOM   222  C  CG  . LEU A 1 29  ? -2.520  9.606   -4.545  1.00 22.85 ? 183 LEU A CG  1 
ATOM   223  C  CD1 . LEU A 1 29  ? -1.039  9.472   -4.262  1.00 20.18 ? 183 LEU A CD1 1 
ATOM   224  C  CD2 . LEU A 1 29  ? -3.300  8.439   -3.930  1.00 21.71 ? 183 LEU A CD2 1 
ATOM   225  N  N   . ILE A 1 30  ? -5.231  12.510  -2.302  1.00 27.81 ? 184 ILE A N   1 
ATOM   226  C  CA  . ILE A 1 30  ? -5.650  13.732  -1.623  1.00 28.08 ? 184 ILE A CA  1 
ATOM   227  C  C   . ILE A 1 30  ? -4.450  14.605  -1.276  1.00 27.62 ? 184 ILE A C   1 
ATOM   228  O  O   . ILE A 1 30  ? -3.441  14.116  -0.772  1.00 26.85 ? 184 ILE A O   1 
ATOM   229  C  CB  . ILE A 1 30  ? -6.416  13.413  -0.318  1.00 29.43 ? 184 ILE A CB  1 
ATOM   230  C  CG1 . ILE A 1 30  ? -7.692  12.642  -0.640  1.00 30.25 ? 184 ILE A CG1 1 
ATOM   231  C  CG2 . ILE A 1 30  ? -6.794  14.691  0.402   1.00 31.05 ? 184 ILE A CG2 1 
ATOM   232  C  CD1 . ILE A 1 30  ? -8.443  12.210  0.589   1.00 32.81 ? 184 ILE A CD1 1 
ATOM   233  N  N   . PRO A 1 31  ? -4.544  15.915  -1.555  1.00 28.39 ? 185 PRO A N   1 
ATOM   234  C  CA  . PRO A 1 31  ? -3.448  16.845  -1.259  1.00 27.49 ? 185 PRO A CA  1 
ATOM   235  C  C   . PRO A 1 31  ? -3.316  16.997  0.244   1.00 26.67 ? 185 PRO A C   1 
ATOM   236  O  O   . PRO A 1 31  ? -4.293  17.328  0.917   1.00 26.38 ? 185 PRO A O   1 
ATOM   237  C  CB  . PRO A 1 31  ? -3.904  18.136  -1.925  1.00 27.63 ? 185 PRO A CB  1 
ATOM   238  C  CG  . PRO A 1 31  ? -5.384  18.057  -1.793  1.00 28.27 ? 185 PRO A CG  1 
ATOM   239  C  CD  . PRO A 1 31  ? -5.676  16.625  -2.171  1.00 26.92 ? 185 PRO A CD  1 
ATOM   240  N  N   . MET A 1 32  ? -2.117  16.752  0.763   1.00 24.64 ? 186 MET A N   1 
ATOM   241  C  CA  . MET A 1 32  ? -1.882  16.849  2.196   1.00 24.73 ? 186 MET A CA  1 
ATOM   242  C  C   . MET A 1 32  ? -0.886  17.944  2.559   1.00 24.91 ? 186 MET A C   1 
ATOM   243  O  O   . MET A 1 32  ? -0.391  18.005  3.686   1.00 22.06 ? 186 MET A O   1 
ATOM   244  C  CB  . MET A 1 32  ? -1.395  15.505  2.745   1.00 26.12 ? 186 MET A CB  1 
ATOM   245  C  CG  . MET A 1 32  ? -2.459  14.411  2.789   1.00 25.69 ? 186 MET A CG  1 
ATOM   246  S  SD  . MET A 1 32  ? -3.936  14.911  3.698   1.00 29.95 ? 186 MET A SD  1 
ATOM   247  C  CE  . MET A 1 32  ? -3.363  14.861  5.395   1.00 28.10 ? 186 MET A CE  1 
ATOM   248  N  N   . ASP A 1 33  ? -0.607  18.818  1.602   1.00 25.55 ? 187 ASP A N   1 
ATOM   249  C  CA  . ASP A 1 33  ? 0.327   19.903  1.844   1.00 27.96 ? 187 ASP A CA  1 
ATOM   250  C  C   . ASP A 1 33  ? -0.248  21.270  1.548   1.00 29.28 ? 187 ASP A C   1 
ATOM   251  O  O   . ASP A 1 33  ? -1.206  21.406  0.785   1.00 29.93 ? 187 ASP A O   1 
ATOM   252  C  CB  . ASP A 1 33  ? 1.584   19.706  1.011   1.00 28.68 ? 187 ASP A CB  1 
ATOM   253  C  CG  . ASP A 1 33  ? 2.326   18.475  1.403   1.00 29.94 ? 187 ASP A CG  1 
ATOM   254  O  OD1 . ASP A 1 33  ? 2.430   18.236  2.618   1.00 32.48 ? 187 ASP A OD1 1 
ATOM   255  O  OD2 . ASP A 1 33  ? 2.802   17.746  0.516   1.00 30.89 ? 187 ASP A OD2 1 
ATOM   256  N  N   . PRO A 1 34  ? 0.330   22.310  2.162   1.00 29.89 ? 188 PRO A N   1 
ATOM   257  C  CA  . PRO A 1 34  ? -0.142  23.677  1.945   1.00 30.79 ? 188 PRO A CA  1 
ATOM   258  C  C   . PRO A 1 34  ? -0.192  24.087  0.463   1.00 31.76 ? 188 PRO A C   1 
ATOM   259  O  O   . PRO A 1 34  ? -1.035  24.899  0.073   1.00 33.31 ? 188 PRO A O   1 
ATOM   260  C  CB  . PRO A 1 34  ? 0.855   24.512  2.746   1.00 30.48 ? 188 PRO A CB  1 
ATOM   261  C  CG  . PRO A 1 34  ? 1.188   23.611  3.906   1.00 29.72 ? 188 PRO A CG  1 
ATOM   262  C  CD  . PRO A 1 34  ? 1.328   22.252  3.252   1.00 30.06 ? 188 PRO A CD  1 
ATOM   263  N  N   . ASN A 1 35  ? 0.687   23.530  -0.365  1.00 32.11 ? 189 ASN A N   1 
ATOM   264  C  CA  . ASN A 1 35  ? 0.700   23.901  -1.780  1.00 31.33 ? 189 ASN A CA  1 
ATOM   265  C  C   . ASN A 1 35  ? -0.287  23.115  -2.625  1.00 30.04 ? 189 ASN A C   1 
ATOM   266  O  O   . ASN A 1 35  ? -0.212  23.130  -3.851  1.00 32.30 ? 189 ASN A O   1 
ATOM   267  C  CB  . ASN A 1 35  ? 2.107   23.761  -2.373  1.00 31.32 ? 189 ASN A CB  1 
ATOM   268  C  CG  . ASN A 1 35  ? 2.589   22.328  -2.409  1.00 32.06 ? 189 ASN A CG  1 
ATOM   269  O  OD1 . ASN A 1 35  ? 1.925   21.420  -1.910  1.00 33.31 ? 189 ASN A OD1 1 
ATOM   270  N  ND2 . ASN A 1 35  ? 3.773   22.122  -2.977  1.00 31.83 ? 189 ASN A ND2 1 
ATOM   271  N  N   . GLY A 1 36  ? -1.214  22.429  -1.968  1.00 27.30 ? 190 GLY A N   1 
ATOM   272  C  CA  . GLY A 1 36  ? -2.213  21.669  -2.694  1.00 26.48 ? 190 GLY A CA  1 
ATOM   273  C  C   . GLY A 1 36  ? -1.738  20.356  -3.281  1.00 25.46 ? 190 GLY A C   1 
ATOM   274  O  O   . GLY A 1 36  ? -2.412  19.783  -4.133  1.00 27.88 ? 190 GLY A O   1 
ATOM   275  N  N   . LEU A 1 37  ? -0.591  19.870  -2.833  1.00 23.93 ? 191 LEU A N   1 
ATOM   276  C  CA  . LEU A 1 37  ? -0.063  18.604  -3.333  1.00 23.95 ? 191 LEU A CA  1 
ATOM   277  C  C   . LEU A 1 37  ? 0.390   17.751  -2.163  1.00 22.72 ? 191 LEU A C   1 
ATOM   278  O  O   . LEU A 1 37  ? -0.012  17.979  -1.028  1.00 24.74 ? 191 LEU A O   1 
ATOM   279  C  CB  . LEU A 1 37  ? 1.126   18.855  -4.267  1.00 24.11 ? 191 LEU A CB  1 
ATOM   280  C  CG  . LEU A 1 37  ? 0.860   19.734  -5.490  1.00 23.68 ? 191 LEU A CG  1 
ATOM   281  C  CD1 . LEU A 1 37  ? 2.173   20.085  -6.151  1.00 24.52 ? 191 LEU A CD1 1 
ATOM   282  C  CD2 . LEU A 1 37  ? -0.058  19.011  -6.456  1.00 23.88 ? 191 LEU A CD2 1 
ATOM   283  N  N   . SER A 1 38  ? 1.226   16.763  -2.452  1.00 23.19 ? 192 SER A N   1 
ATOM   284  C  CA  . SER A 1 38  ? 1.760   15.873  -1.423  1.00 22.20 ? 192 SER A CA  1 
ATOM   285  C  C   . SER A 1 38  ? 2.945   15.087  -1.974  1.00 19.08 ? 192 SER A C   1 
ATOM   286  O  O   . SER A 1 38  ? 3.157   15.034  -3.184  1.00 18.74 ? 192 SER A O   1 
ATOM   287  C  CB  . SER A 1 38  ? 0.673   14.922  -0.912  1.00 22.29 ? 192 SER A CB  1 
ATOM   288  O  OG  . SER A 1 38  ? 0.147   14.149  -1.970  1.00 25.86 ? 192 SER A OG  1 
ATOM   289  N  N   . ASP A 1 39  ? 3.716   14.483  -1.078  1.00 17.97 ? 193 ASP A N   1 
ATOM   290  C  CA  . ASP A 1 39  ? 4.898   13.714  -1.445  1.00 17.34 ? 193 ASP A CA  1 
ATOM   291  C  C   . ASP A 1 39  ? 4.706   12.277  -1.005  1.00 16.37 ? 193 ASP A C   1 
ATOM   292  O  O   . ASP A 1 39  ? 5.271   11.842  -0.002  1.00 16.49 ? 193 ASP A O   1 
ATOM   293  C  CB  . ASP A 1 39  ? 6.103   14.330  -0.758  1.00 16.43 ? 193 ASP A CB  1 
ATOM   294  C  CG  . ASP A 1 39  ? 6.145   15.816  -0.942  1.00 18.73 ? 193 ASP A CG  1 
ATOM   295  O  OD1 . ASP A 1 39  ? 6.503   16.261  -2.048  1.00 21.74 ? 193 ASP A OD1 1 
ATOM   296  O  OD2 . ASP A 1 39  ? 5.787   16.537  0.003   1.00 17.11 ? 193 ASP A OD2 1 
ATOM   297  N  N   . PRO A 1 40  ? 3.923   11.511  -1.775  1.00 15.74 ? 194 PRO A N   1 
ATOM   298  C  CA  . PRO A 1 40  ? 3.627   10.111  -1.474  1.00 15.07 ? 194 PRO A CA  1 
ATOM   299  C  C   . PRO A 1 40  ? 4.734   9.083   -1.614  1.00 14.95 ? 194 PRO A C   1 
ATOM   300  O  O   . PRO A 1 40  ? 5.652   9.228   -2.422  1.00 17.63 ? 194 PRO A O   1 
ATOM   301  C  CB  . PRO A 1 40  ? 2.465   9.809   -2.410  1.00 14.29 ? 194 PRO A CB  1 
ATOM   302  C  CG  . PRO A 1 40  ? 2.852   10.578  -3.637  1.00 14.82 ? 194 PRO A CG  1 
ATOM   303  C  CD  . PRO A 1 40  ? 3.306   11.910  -3.054  1.00 14.72 ? 194 PRO A CD  1 
ATOM   304  N  N   . TYR A 1 41  ? 4.616   8.045   -0.796  1.00 13.50 ? 195 TYR A N   1 
ATOM   305  C  CA  . TYR A 1 41  ? 5.502   6.893   -0.792  1.00 11.33 ? 195 TYR A CA  1 
ATOM   306  C  C   . TYR A 1 41  ? 4.640   5.802   -0.161  1.00 12.86 ? 195 TYR A C   1 
ATOM   307  O  O   . TYR A 1 41  ? 3.715   6.097   0.605   1.00 10.48 ? 195 TYR A O   1 
ATOM   308  C  CB  . TYR A 1 41  ? 6.776   7.162   0.008   1.00 8.23  ? 195 TYR A CB  1 
ATOM   309  C  CG  . TYR A 1 41  ? 6.604   7.334   1.497   1.00 11.19 ? 195 TYR A CG  1 
ATOM   310  C  CD1 . TYR A 1 41  ? 6.668   6.240   2.355   1.00 11.02 ? 195 TYR A CD1 1 
ATOM   311  C  CD2 . TYR A 1 41  ? 6.414   8.601   2.055   1.00 13.02 ? 195 TYR A CD2 1 
ATOM   312  C  CE1 . TYR A 1 41  ? 6.544   6.399   3.739   1.00 11.11 ? 195 TYR A CE1 1 
ATOM   313  C  CE2 . TYR A 1 41  ? 6.285   8.772   3.440   1.00 12.18 ? 195 TYR A CE2 1 
ATOM   314  C  CZ  . TYR A 1 41  ? 6.353   7.667   4.273   1.00 13.62 ? 195 TYR A CZ  1 
ATOM   315  O  OH  . TYR A 1 41  ? 6.215   7.823   5.635   1.00 12.73 ? 195 TYR A OH  1 
ATOM   316  N  N   . VAL A 1 42  ? 4.914   4.551   -0.497  1.00 12.83 ? 196 VAL A N   1 
ATOM   317  C  CA  . VAL A 1 42  ? 4.115   3.458   0.024   1.00 14.06 ? 196 VAL A CA  1 
ATOM   318  C  C   . VAL A 1 42  ? 4.851   2.612   1.037   1.00 15.20 ? 196 VAL A C   1 
ATOM   319  O  O   . VAL A 1 42  ? 6.036   2.318   0.877   1.00 16.27 ? 196 VAL A O   1 
ATOM   320  C  CB  . VAL A 1 42  ? 3.643   2.535   -1.113  1.00 14.99 ? 196 VAL A CB  1 
ATOM   321  C  CG1 . VAL A 1 42  ? 2.582   1.589   -0.608  1.00 17.33 ? 196 VAL A CG1 1 
ATOM   322  C  CG2 . VAL A 1 42  ? 3.119   3.361   -2.267  1.00 17.01 ? 196 VAL A CG2 1 
ATOM   323  N  N   . LYS A 1 43  ? 4.134   2.225   2.083   1.00 16.19 ? 197 LYS A N   1 
ATOM   324  C  CA  . LYS A 1 43  ? 4.687   1.379   3.120   1.00 18.41 ? 197 LYS A CA  1 
ATOM   325  C  C   . LYS A 1 43  ? 4.014   0.031   3.025   1.00 17.83 ? 197 LYS A C   1 
ATOM   326  O  O   . LYS A 1 43  ? 2.793   -0.046  2.939   1.00 18.89 ? 197 LYS A O   1 
ATOM   327  C  CB  . LYS A 1 43  ? 4.416   1.964   4.492   1.00 23.34 ? 197 LYS A CB  1 
ATOM   328  C  CG  . LYS A 1 43  ? 5.652   2.404   5.211   1.00 34.91 ? 197 LYS A CG  1 
ATOM   329  C  CD  . LYS A 1 43  ? 5.391   2.478   6.699   1.00 43.28 ? 197 LYS A CD  1 
ATOM   330  C  CE  . LYS A 1 43  ? 6.527   3.191   7.413   1.00 49.71 ? 197 LYS A CE  1 
ATOM   331  N  NZ  . LYS A 1 43  ? 6.415   3.119   8.907   1.00 53.79 ? 197 LYS A NZ  1 
ATOM   332  N  N   . LEU A 1 44  ? 4.809   -1.032  3.029   1.00 17.12 ? 198 LEU A N   1 
ATOM   333  C  CA  . LEU A 1 44  ? 4.285   -2.381  2.954   1.00 16.06 ? 198 LEU A CA  1 
ATOM   334  C  C   . LEU A 1 44  ? 4.668   -3.068  4.243   1.00 18.00 ? 198 LEU A C   1 
ATOM   335  O  O   . LEU A 1 44  ? 5.800   -2.952  4.704   1.00 18.28 ? 198 LEU A O   1 
ATOM   336  C  CB  . LEU A 1 44  ? 4.892   -3.135  1.772   1.00 16.71 ? 198 LEU A CB  1 
ATOM   337  C  CG  . LEU A 1 44  ? 4.704   -2.571  0.366   1.00 16.20 ? 198 LEU A CG  1 
ATOM   338  C  CD1 . LEU A 1 44  ? 5.166   -3.599  -0.637  1.00 20.58 ? 198 LEU A CD1 1 
ATOM   339  C  CD2 . LEU A 1 44  ? 3.240   -2.263  0.116   1.00 23.92 ? 198 LEU A CD2 1 
ATOM   340  N  N   . LYS A 1 45  ? 3.730   -3.806  4.814   1.00 20.79 ? 199 LYS A N   1 
ATOM   341  C  CA  . LYS A 1 45  ? 3.977   -4.478  6.075   1.00 21.39 ? 199 LYS A CA  1 
ATOM   342  C  C   . LYS A 1 45  ? 3.121   -5.742  6.187   1.00 19.29 ? 199 LYS A C   1 
ATOM   343  O  O   . LYS A 1 45  ? 2.023   -5.797  5.640   1.00 20.11 ? 199 LYS A O   1 
ATOM   344  C  CB  . LYS A 1 45  ? 3.641   -3.484  7.195   1.00 24.28 ? 199 LYS A CB  1 
ATOM   345  C  CG  . LYS A 1 45  ? 4.091   -3.851  8.592   1.00 30.86 ? 199 LYS A CG  1 
ATOM   346  C  CD  . LYS A 1 45  ? 3.955   -2.628  9.501   1.00 33.77 ? 199 LYS A CD  1 
ATOM   347  C  CE  . LYS A 1 45  ? 4.254   -2.940  10.971  1.00 37.08 ? 199 LYS A CE  1 
ATOM   348  N  NZ  . LYS A 1 45  ? 5.704   -3.158  11.264  1.00 41.11 ? 199 LYS A NZ  1 
ATOM   349  N  N   . LEU A 1 46  ? 3.640   -6.767  6.853   1.00 16.53 ? 200 LEU A N   1 
ATOM   350  C  CA  . LEU A 1 46  ? 2.869   -7.987  7.067   1.00 16.84 ? 200 LEU A CA  1 
ATOM   351  C  C   . LEU A 1 46  ? 2.324   -7.793  8.474   1.00 16.15 ? 200 LEU A C   1 
ATOM   352  O  O   . LEU A 1 46  ? 3.091   -7.739  9.422   1.00 17.59 ? 200 LEU A O   1 
ATOM   353  C  CB  . LEU A 1 46  ? 3.757   -9.236  7.025   1.00 16.04 ? 200 LEU A CB  1 
ATOM   354  C  CG  . LEU A 1 46  ? 4.198   -9.754  5.656   1.00 17.14 ? 200 LEU A CG  1 
ATOM   355  C  CD1 . LEU A 1 46  ? 5.052   -11.000 5.816   1.00 16.03 ? 200 LEU A CD1 1 
ATOM   356  C  CD2 . LEU A 1 46  ? 2.972   -10.060 4.822   1.00 16.04 ? 200 LEU A CD2 1 
ATOM   357  N  N   . ILE A 1 47  ? 1.012   -7.655  8.616   1.00 15.69 ? 201 ILE A N   1 
ATOM   358  C  CA  . ILE A 1 47  ? 0.438   -7.447  9.943   1.00 16.04 ? 201 ILE A CA  1 
ATOM   359  C  C   . ILE A 1 47  ? -0.360  -8.633  10.459  1.00 16.53 ? 201 ILE A C   1 
ATOM   360  O  O   . ILE A 1 47  ? -1.004  -9.335  9.683   1.00 19.21 ? 201 ILE A O   1 
ATOM   361  C  CB  . ILE A 1 47  ? -0.462  -6.206  9.970   1.00 13.09 ? 201 ILE A CB  1 
ATOM   362  C  CG1 . ILE A 1 47  ? -1.557  -6.322  8.915   1.00 12.98 ? 201 ILE A CG1 1 
ATOM   363  C  CG2 . ILE A 1 47  ? 0.369   -4.978  9.725   1.00 11.71 ? 201 ILE A CG2 1 
ATOM   364  C  CD1 . ILE A 1 47  ? -2.603  -5.207  8.982   1.00 11.32 ? 201 ILE A CD1 1 
ATOM   365  N  N   . PRO A 1 48  ? -0.326  -8.874  11.782  1.00 17.18 ? 202 PRO A N   1 
ATOM   366  C  CA  . PRO A 1 48  ? 0.430   -8.094  12.770  1.00 17.95 ? 202 PRO A CA  1 
ATOM   367  C  C   . PRO A 1 48  ? 1.941   -8.327  12.708  1.00 18.58 ? 202 PRO A C   1 
ATOM   368  O  O   . PRO A 1 48  ? 2.395   -9.384  12.285  1.00 19.23 ? 202 PRO A O   1 
ATOM   369  C  CB  . PRO A 1 48  ? -0.181  -8.534  14.101  1.00 15.01 ? 202 PRO A CB  1 
ATOM   370  C  CG  . PRO A 1 48  ? -0.564  -9.933  13.841  1.00 17.74 ? 202 PRO A CG  1 
ATOM   371  C  CD  . PRO A 1 48  ? -1.178  -9.872  12.456  1.00 16.11 ? 202 PRO A CD  1 
ATOM   372  N  N   . ASP A 1 49  ? 2.700   -7.324  13.147  1.00 19.38 ? 203 ASP A N   1 
ATOM   373  C  CA  . ASP A 1 49  ? 4.163   -7.351  13.140  1.00 19.08 ? 203 ASP A CA  1 
ATOM   374  C  C   . ASP A 1 49  ? 4.677   -6.894  14.511  1.00 20.15 ? 203 ASP A C   1 
ATOM   375  O  O   . ASP A 1 49  ? 5.168   -5.779  14.665  1.00 19.17 ? 203 ASP A O   1 
ATOM   376  C  CB  . ASP A 1 49  ? 4.665   -6.419  12.035  1.00 19.17 ? 203 ASP A CB  1 
ATOM   377  C  CG  . ASP A 1 49  ? 6.153   -6.537  11.787  1.00 19.32 ? 203 ASP A CG  1 
ATOM   378  O  OD1 . ASP A 1 49  ? 6.798   -7.443  12.347  1.00 20.26 ? 203 ASP A OD1 1 
ATOM   379  O  OD2 . ASP A 1 49  ? 6.683   -5.717  11.011  1.00 21.38 ? 203 ASP A OD2 1 
ATOM   380  N  N   . PRO A 1 50  ? 4.593   -7.775  15.520  1.00 22.95 ? 204 PRO A N   1 
ATOM   381  C  CA  . PRO A 1 50  ? 5.029   -7.485  16.890  1.00 23.47 ? 204 PRO A CA  1 
ATOM   382  C  C   . PRO A 1 50  ? 6.435   -6.916  17.039  1.00 25.14 ? 204 PRO A C   1 
ATOM   383  O  O   . PRO A 1 50  ? 6.666   -6.035  17.871  1.00 24.24 ? 204 PRO A O   1 
ATOM   384  C  CB  . PRO A 1 50  ? 4.901   -8.838  17.588  1.00 21.75 ? 204 PRO A CB  1 
ATOM   385  C  CG  . PRO A 1 50  ? 3.851   -9.547  16.790  1.00 20.39 ? 204 PRO A CG  1 
ATOM   386  C  CD  . PRO A 1 50  ? 4.235   -9.199  15.390  1.00 21.89 ? 204 PRO A CD  1 
ATOM   387  N  N   . LYS A 1 51  ? 7.373   -7.418  16.243  1.00 25.48 ? 205 LYS A N   1 
ATOM   388  C  CA  . LYS A 1 51  ? 8.750   -6.964  16.347  1.00 26.50 ? 205 LYS A CA  1 
ATOM   389  C  C   . LYS A 1 51  ? 9.122   -5.879  15.369  1.00 26.88 ? 205 LYS A C   1 
ATOM   390  O  O   . LYS A 1 51  ? 10.252  -5.411  15.389  1.00 29.74 ? 205 LYS A O   1 
ATOM   391  C  CB  . LYS A 1 51  ? 9.708   -8.138  16.159  1.00 27.98 ? 205 LYS A CB  1 
ATOM   392  C  CG  . LYS A 1 51  ? 9.358   -9.350  16.983  1.00 31.58 ? 205 LYS A CG  1 
ATOM   393  C  CD  . LYS A 1 51  ? 10.474  -10.364 16.997  1.00 34.46 ? 205 LYS A CD  1 
ATOM   394  C  CE  . LYS A 1 51  ? 10.042  -11.579 17.796  1.00 38.25 ? 205 LYS A CE  1 
ATOM   395  N  NZ  . LYS A 1 51  ? 11.198  -12.374 18.289  1.00 42.05 ? 205 LYS A NZ  1 
ATOM   396  N  N   . ASN A 1 52  ? 8.191   -5.473  14.512  1.00 28.01 ? 206 ASN A N   1 
ATOM   397  C  CA  . ASN A 1 52  ? 8.505   -4.436  13.536  1.00 29.96 ? 206 ASN A CA  1 
ATOM   398  C  C   . ASN A 1 52  ? 9.644   -4.898  12.642  1.00 29.67 ? 206 ASN A C   1 
ATOM   399  O  O   . ASN A 1 52  ? 10.650  -4.207  12.524  1.00 30.53 ? 206 ASN A O   1 
ATOM   400  C  CB  . ASN A 1 52  ? 8.947   -3.160  14.242  1.00 30.32 ? 206 ASN A CB  1 
ATOM   401  C  CG  . ASN A 1 52  ? 7.914   -2.078  14.179  1.00 33.96 ? 206 ASN A CG  1 
ATOM   402  O  OD1 . ASN A 1 52  ? 7.416   -1.628  15.206  1.00 37.55 ? 206 ASN A OD1 1 
ATOM   403  N  ND2 . ASN A 1 52  ? 7.577   -1.649  12.966  1.00 35.82 ? 206 ASN A ND2 1 
ATOM   404  N  N   . GLU A 1 53  ? 9.497   -6.052  12.002  1.00 29.95 ? 207 GLU A N   1 
ATOM   405  C  CA  . GLU A 1 53  ? 10.574  -6.543  11.155  1.00 30.89 ? 207 GLU A CA  1 
ATOM   406  C  C   . GLU A 1 53  ? 10.224  -6.710  9.685   1.00 29.50 ? 207 GLU A C   1 
ATOM   407  O  O   . GLU A 1 53  ? 11.071  -7.114  8.899   1.00 30.51 ? 207 GLU A O   1 
ATOM   408  C  CB  . GLU A 1 53  ? 11.090  -7.885  11.684  1.00 35.06 ? 207 GLU A CB  1 
ATOM   409  C  CG  . GLU A 1 53  ? 11.227  -7.950  13.193  1.00 43.02 ? 207 GLU A CG  1 
ATOM   410  C  CD  . GLU A 1 53  ? 12.438  -8.747  13.648  1.00 46.91 ? 207 GLU A CD  1 
ATOM   411  O  OE1 . GLU A 1 53  ? 12.441  -9.992  13.487  1.00 48.15 ? 207 GLU A OE1 1 
ATOM   412  O  OE2 . GLU A 1 53  ? 13.388  -8.116  14.167  1.00 49.26 ? 207 GLU A OE2 1 
ATOM   413  N  N   . SER A 1 54  ? 8.994   -6.409  9.295   1.00 27.63 ? 208 SER A N   1 
ATOM   414  C  CA  . SER A 1 54  ? 8.609   -6.603  7.901   1.00 26.85 ? 208 SER A CA  1 
ATOM   415  C  C   . SER A 1 54  ? 8.410   -5.335  7.088   1.00 27.23 ? 208 SER A C   1 
ATOM   416  O  O   . SER A 1 54  ? 8.060   -5.390  5.914   1.00 29.80 ? 208 SER A O   1 
ATOM   417  C  CB  . SER A 1 54  ? 7.342   -7.447  7.833   1.00 25.47 ? 208 SER A CB  1 
ATOM   418  O  OG  . SER A 1 54  ? 6.286   -6.816  8.525   1.00 27.27 ? 208 SER A OG  1 
ATOM   419  N  N   . LYS A 1 55  ? 8.649   -4.192  7.704   1.00 27.16 ? 209 LYS A N   1 
ATOM   420  C  CA  . LYS A 1 55  ? 8.474   -2.923  7.028   1.00 27.01 ? 209 LYS A CA  1 
ATOM   421  C  C   . LYS A 1 55  ? 9.344   -2.731  5.769   1.00 24.91 ? 209 LYS A C   1 
ATOM   422  O  O   . LYS A 1 55  ? 10.570  -2.826  5.820   1.00 24.30 ? 209 LYS A O   1 
ATOM   423  C  CB  . LYS A 1 55  ? 8.729   -1.806  8.041   1.00 30.66 ? 209 LYS A CB  1 
ATOM   424  C  CG  . LYS A 1 55  ? 8.402   -0.405  7.563   1.00 36.44 ? 209 LYS A CG  1 
ATOM   425  C  CD  . LYS A 1 55  ? 8.387   0.548   8.748   1.00 40.00 ? 209 LYS A CD  1 
ATOM   426  C  CE  . LYS A 1 55  ? 8.979   1.889   8.356   1.00 42.50 ? 209 LYS A CE  1 
ATOM   427  N  NZ  . LYS A 1 55  ? 9.577   2.624   9.505   1.00 44.85 ? 209 LYS A NZ  1 
ATOM   428  N  N   . GLN A 1 56  ? 8.698   -2.496  4.632   1.00 21.92 ? 210 GLN A N   1 
ATOM   429  C  CA  . GLN A 1 56  ? 9.407   -2.227  3.386   1.00 21.38 ? 210 GLN A CA  1 
ATOM   430  C  C   . GLN A 1 56  ? 8.798   -0.923  2.895   1.00 21.09 ? 210 GLN A C   1 
ATOM   431  O  O   . GLN A 1 56  ? 7.674   -0.588  3.254   1.00 21.68 ? 210 GLN A O   1 
ATOM   432  C  CB  . GLN A 1 56  ? 9.222   -3.354  2.362   1.00 22.29 ? 210 GLN A CB  1 
ATOM   433  C  CG  . GLN A 1 56  ? 9.823   -4.679  2.817   1.00 24.44 ? 210 GLN A CG  1 
ATOM   434  C  CD  . GLN A 1 56  ? 10.271  -5.563  1.671   1.00 25.79 ? 210 GLN A CD  1 
ATOM   435  O  OE1 . GLN A 1 56  ? 11.192  -5.219  0.930   1.00 27.32 ? 210 GLN A OE1 1 
ATOM   436  N  NE2 . GLN A 1 56  ? 9.627   -6.713  1.522   1.00 28.15 ? 210 GLN A NE2 1 
ATOM   437  N  N   . LYS A 1 57  ? 9.515   -0.177  2.076   1.00 20.96 ? 211 LYS A N   1 
ATOM   438  C  CA  . LYS A 1 57  ? 8.990   1.108   1.655   1.00 22.09 ? 211 LYS A CA  1 
ATOM   439  C  C   . LYS A 1 57  ? 9.483   1.545   0.280   1.00 21.96 ? 211 LYS A C   1 
ATOM   440  O  O   . LYS A 1 57  ? 10.620  1.276   -0.097  1.00 24.43 ? 211 LYS A O   1 
ATOM   441  C  CB  . LYS A 1 57  ? 9.371   2.109   2.736   1.00 23.67 ? 211 LYS A CB  1 
ATOM   442  C  CG  . LYS A 1 57  ? 9.213   3.556   2.420   1.00 30.02 ? 211 LYS A CG  1 
ATOM   443  C  CD  . LYS A 1 57  ? 9.711   4.376   3.610   1.00 34.75 ? 211 LYS A CD  1 
ATOM   444  C  CE  . LYS A 1 57  ? 11.161  4.026   3.959   1.00 36.52 ? 211 LYS A CE  1 
ATOM   445  N  NZ  . LYS A 1 57  ? 11.656  4.775   5.148   1.00 39.88 ? 211 LYS A NZ  1 
ATOM   446  N  N   . THR A 1 58  ? 8.613   2.200   -0.483  1.00 19.65 ? 212 THR A N   1 
ATOM   447  C  CA  . THR A 1 58  ? 8.993   2.665   -1.816  1.00 19.58 ? 212 THR A CA  1 
ATOM   448  C  C   . THR A 1 58  ? 9.719   3.992   -1.668  1.00 19.25 ? 212 THR A C   1 
ATOM   449  O  O   . THR A 1 58  ? 9.879   4.497   -0.567  1.00 19.39 ? 212 THR A O   1 
ATOM   450  C  CB  . THR A 1 58  ? 7.763   2.908   -2.723  1.00 17.62 ? 212 THR A CB  1 
ATOM   451  O  OG1 . THR A 1 58  ? 7.056   4.068   -2.270  1.00 15.41 ? 212 THR A OG1 1 
ATOM   452  C  CG2 . THR A 1 58  ? 6.834   1.723   -2.697  1.00 18.14 ? 212 THR A CG2 1 
ATOM   453  N  N   . LYS A 1 59  ? 10.178  4.550   -2.780  1.00 20.09 ? 213 LYS A N   1 
ATOM   454  C  CA  . LYS A 1 59  ? 10.845  5.834   -2.729  1.00 21.23 ? 213 LYS A CA  1 
ATOM   455  C  C   . LYS A 1 59  ? 9.751   6.888   -2.577  1.00 19.55 ? 213 LYS A C   1 
ATOM   456  O  O   . LYS A 1 59  ? 8.568   6.604   -2.769  1.00 19.00 ? 213 LYS A O   1 
ATOM   457  C  CB  . LYS A 1 59  ? 11.648  6.072   -4.014  1.00 26.18 ? 213 LYS A CB  1 
ATOM   458  C  CG  . LYS A 1 59  ? 12.845  5.132   -4.156  1.00 33.80 ? 213 LYS A CG  1 
ATOM   459  C  CD  . LYS A 1 59  ? 13.563  5.287   -5.488  1.00 38.59 ? 213 LYS A CD  1 
ATOM   460  C  CE  . LYS A 1 59  ? 14.645  4.218   -5.640  1.00 40.85 ? 213 LYS A CE  1 
ATOM   461  N  NZ  . LYS A 1 59  ? 15.261  4.224   -6.999  1.00 45.25 ? 213 LYS A NZ  1 
ATOM   462  N  N   . THR A 1 60  ? 10.144  8.094   -2.209  1.00 16.64 ? 214 THR A N   1 
ATOM   463  C  CA  . THR A 1 60  ? 9.186   9.169   -2.062  1.00 15.89 ? 214 THR A CA  1 
ATOM   464  C  C   . THR A 1 60  ? 9.174   9.978   -3.348  1.00 16.92 ? 214 THR A C   1 
ATOM   465  O  O   . THR A 1 60  ? 10.220  10.261  -3.915  1.00 18.44 ? 214 THR A O   1 
ATOM   466  C  CB  . THR A 1 60  ? 9.576   10.107  -0.918  1.00 15.18 ? 214 THR A CB  1 
ATOM   467  O  OG1 . THR A 1 60  ? 9.584   9.378   0.311   1.00 17.61 ? 214 THR A OG1 1 
ATOM   468  C  CG2 . THR A 1 60  ? 8.601   11.274  -0.831  1.00 11.87 ? 214 THR A CG2 1 
ATOM   469  N  N   . ILE A 1 61  ? 7.993   10.333  -3.818  1.00 16.72 ? 215 ILE A N   1 
ATOM   470  C  CA  . ILE A 1 61  ? 7.898   11.139  -5.021  1.00 18.80 ? 215 ILE A CA  1 
ATOM   471  C  C   . ILE A 1 61  ? 7.316   12.465  -4.572  1.00 19.54 ? 215 ILE A C   1 
ATOM   472  O  O   . ILE A 1 61  ? 6.204   12.521  -4.048  1.00 19.20 ? 215 ILE A O   1 
ATOM   473  C  CB  . ILE A 1 61  ? 6.988   10.481  -6.084  1.00 17.88 ? 215 ILE A CB  1 
ATOM   474  C  CG1 . ILE A 1 61  ? 7.626   9.177   -6.570  1.00 16.81 ? 215 ILE A CG1 1 
ATOM   475  C  CG2 . ILE A 1 61  ? 6.795   11.424  -7.266  1.00 16.68 ? 215 ILE A CG2 1 
ATOM   476  C  CD1 . ILE A 1 61  ? 6.734   8.374   -7.476  1.00 16.90 ? 215 ILE A CD1 1 
ATOM   477  N  N   . ARG A 1 62  ? 8.084   13.529  -4.773  1.00 20.98 ? 216 ARG A N   1 
ATOM   478  C  CA  . ARG A 1 62  ? 7.661   14.854  -4.357  1.00 24.30 ? 216 ARG A CA  1 
ATOM   479  C  C   . ARG A 1 62  ? 6.731   15.599  -5.305  1.00 24.24 ? 216 ARG A C   1 
ATOM   480  O  O   . ARG A 1 62  ? 6.726   15.379  -6.516  1.00 24.99 ? 216 ARG A O   1 
ATOM   481  C  CB  . ARG A 1 62  ? 8.896   15.711  -4.056  1.00 26.27 ? 216 ARG A CB  1 
ATOM   482  C  CG  . ARG A 1 62  ? 9.849   15.052  -3.065  1.00 31.43 ? 216 ARG A CG  1 
ATOM   483  C  CD  . ARG A 1 62  ? 10.807  16.035  -2.405  1.00 37.96 ? 216 ARG A CD  1 
ATOM   484  N  NE  . ARG A 1 62  ? 10.185  16.771  -1.303  1.00 44.67 ? 216 ARG A NE  1 
ATOM   485  C  CZ  . ARG A 1 62  ? 9.392   17.829  -1.449  1.00 49.35 ? 216 ARG A CZ  1 
ATOM   486  N  NH1 . ARG A 1 62  ? 9.115   18.298  -2.660  1.00 51.48 ? 216 ARG A NH1 1 
ATOM   487  N  NH2 . ARG A 1 62  ? 8.871   18.424  -0.378  1.00 50.99 ? 216 ARG A NH2 1 
ATOM   488  N  N   . SER A 1 63  ? 5.922   16.466  -4.711  1.00 25.62 ? 217 SER A N   1 
ATOM   489  C  CA  . SER A 1 63  ? 4.979   17.310  -5.434  1.00 29.22 ? 217 SER A CA  1 
ATOM   490  C  C   . SER A 1 63  ? 4.103   16.633  -6.490  1.00 29.50 ? 217 SER A C   1 
ATOM   491  O  O   . SER A 1 63  ? 4.090   17.054  -7.654  1.00 31.14 ? 217 SER A O   1 
ATOM   492  C  CB  . SER A 1 63  ? 5.737   18.475  -6.085  1.00 31.15 ? 217 SER A CB  1 
ATOM   493  O  OG  . SER A 1 63  ? 6.429   19.244  -5.115  1.00 33.68 ? 217 SER A OG  1 
ATOM   494  N  N   . THR A 1 64  ? 3.357   15.603  -6.102  1.00 27.23 ? 218 THR A N   1 
ATOM   495  C  CA  . THR A 1 64  ? 2.483   14.944  -7.063  1.00 25.97 ? 218 THR A CA  1 
ATOM   496  C  C   . THR A 1 64  ? 1.324   14.217  -6.413  1.00 27.06 ? 218 THR A C   1 
ATOM   497  O  O   . THR A 1 64  ? 1.427   13.762  -5.271  1.00 28.74 ? 218 THR A O   1 
ATOM   498  C  CB  . THR A 1 64  ? 3.252   13.945  -7.927  1.00 24.36 ? 218 THR A CB  1 
ATOM   499  O  OG1 . THR A 1 64  ? 2.373   13.409  -8.916  1.00 22.36 ? 218 THR A OG1 1 
ATOM   500  C  CG2 . THR A 1 64  ? 3.798   12.811  -7.073  1.00 24.71 ? 218 THR A CG2 1 
ATOM   501  N  N   . LEU A 1 65  ? 0.217   14.115  -7.140  1.00 26.35 ? 219 LEU A N   1 
ATOM   502  C  CA  . LEU A 1 65  ? -0.966  13.428  -6.627  1.00 26.26 ? 219 LEU A CA  1 
ATOM   503  C  C   . LEU A 1 65  ? -1.275  12.199  -7.471  1.00 25.46 ? 219 LEU A C   1 
ATOM   504  O  O   . LEU A 1 65  ? -2.263  11.503  -7.238  1.00 26.15 ? 219 LEU A O   1 
ATOM   505  C  CB  . LEU A 1 65  ? -2.175  14.366  -6.604  1.00 24.71 ? 219 LEU A CB  1 
ATOM   506  C  CG  . LEU A 1 65  ? -2.039  15.609  -5.727  1.00 24.85 ? 219 LEU A CG  1 
ATOM   507  C  CD1 . LEU A 1 65  ? -3.329  16.403  -5.783  1.00 26.76 ? 219 LEU A CD1 1 
ATOM   508  C  CD2 . LEU A 1 65  ? -1.724  15.208  -4.305  1.00 24.03 ? 219 LEU A CD2 1 
ATOM   509  N  N   . ASN A 1 66  ? -0.425  11.943  -8.458  1.00 23.95 ? 220 ASN A N   1 
ATOM   510  C  CA  . ASN A 1 66  ? -0.582  10.786  -9.322  1.00 24.17 ? 220 ASN A CA  1 
ATOM   511  C  C   . ASN A 1 66  ? 0.782   10.158  -9.556  1.00 24.01 ? 220 ASN A C   1 
ATOM   512  O  O   . ASN A 1 66  ? 1.228   10.024  -10.694 1.00 26.03 ? 220 ASN A O   1 
ATOM   513  C  CB  . ASN A 1 66  ? -1.211  11.187  -10.660 1.00 25.08 ? 220 ASN A CB  1 
ATOM   514  C  CG  . ASN A 1 66  ? -2.586  11.794  -10.488 1.00 28.18 ? 220 ASN A CG  1 
ATOM   515  O  OD1 . ASN A 1 66  ? -2.728  13.011  -10.350 1.00 28.85 ? 220 ASN A OD1 1 
ATOM   516  N  ND2 . ASN A 1 66  ? -3.610  10.943  -10.466 1.00 27.79 ? 220 ASN A ND2 1 
ATOM   517  N  N   . PRO A 1 67  ? 1.460   9.750   -8.469  1.00 22.80 ? 221 PRO A N   1 
ATOM   518  C  CA  . PRO A 1 67  ? 2.788   9.134   -8.561  1.00 22.86 ? 221 PRO A CA  1 
ATOM   519  C  C   . PRO A 1 67  ? 2.866   7.803   -9.305  1.00 22.61 ? 221 PRO A C   1 
ATOM   520  O  O   . PRO A 1 67  ? 1.877   7.097   -9.448  1.00 21.43 ? 221 PRO A O   1 
ATOM   521  C  CB  . PRO A 1 67  ? 3.198   8.993   -7.101  1.00 21.15 ? 221 PRO A CB  1 
ATOM   522  C  CG  . PRO A 1 67  ? 1.889   8.761   -6.418  1.00 20.33 ? 221 PRO A CG  1 
ATOM   523  C  CD  . PRO A 1 67  ? 1.010   9.796   -7.067  1.00 21.25 ? 221 PRO A CD  1 
ATOM   524  N  N   . GLN A 1 68  ? 4.063   7.490   -9.781  1.00 24.06 ? 222 GLN A N   1 
ATOM   525  C  CA  . GLN A 1 68  ? 4.349   6.247   -10.482 1.00 26.08 ? 222 GLN A CA  1 
ATOM   526  C  C   . GLN A 1 68  ? 5.623   5.687   -9.878  1.00 24.83 ? 222 GLN A C   1 
ATOM   527  O  O   . GLN A 1 68  ? 6.723   6.123   -10.216 1.00 24.53 ? 222 GLN A O   1 
ATOM   528  C  CB  . GLN A 1 68  ? 4.582   6.487   -11.972 1.00 29.96 ? 222 GLN A CB  1 
ATOM   529  C  CG  . GLN A 1 68  ? 3.329   6.737   -12.771 1.00 37.88 ? 222 GLN A CG  1 
ATOM   530  C  CD  . GLN A 1 68  ? 3.427   6.150   -14.163 1.00 42.91 ? 222 GLN A CD  1 
ATOM   531  O  OE1 . GLN A 1 68  ? 3.519   4.925   -14.333 1.00 42.08 ? 222 GLN A OE1 1 
ATOM   532  N  NE2 . GLN A 1 68  ? 3.418   7.019   -15.175 1.00 45.34 ? 222 GLN A NE2 1 
ATOM   533  N  N   . TRP A 1 69  ? 5.484   4.722   -8.984  1.00 22.27 ? 223 TRP A N   1 
ATOM   534  C  CA  . TRP A 1 69  ? 6.654   4.145   -8.355  1.00 21.44 ? 223 TRP A CA  1 
ATOM   535  C  C   . TRP A 1 69  ? 7.309   3.031   -9.160  1.00 22.74 ? 223 TRP A C   1 
ATOM   536  O  O   . TRP A 1 69  ? 8.532   2.984   -9.264  1.00 24.69 ? 223 TRP A O   1 
ATOM   537  C  CB  . TRP A 1 69  ? 6.289   3.630   -6.971  1.00 17.53 ? 223 TRP A CB  1 
ATOM   538  C  CG  . TRP A 1 69  ? 5.930   4.715   -6.011  1.00 12.96 ? 223 TRP A CG  1 
ATOM   539  C  CD1 . TRP A 1 69  ? 6.784   5.536   -5.346  1.00 13.16 ? 223 TRP A CD1 1 
ATOM   540  C  CD2 . TRP A 1 69  ? 4.607   5.063   -5.573  1.00 12.01 ? 223 TRP A CD2 1 
ATOM   541  N  NE1 . TRP A 1 69  ? 6.079   6.379   -4.522  1.00 13.30 ? 223 TRP A NE1 1 
ATOM   542  C  CE2 . TRP A 1 69  ? 4.764   6.118   -4.653  1.00 12.47 ? 223 TRP A CE2 1 
ATOM   543  C  CE3 . TRP A 1 69  ? 3.336   4.596   -5.899  1.00 13.55 ? 223 TRP A CE3 1 
ATOM   544  C  CZ2 . TRP A 1 69  ? 3.649   6.689   -4.016  1.00 12.75 ? 223 TRP A CZ2 1 
ATOM   545  C  CZ3 . TRP A 1 69  ? 2.246   5.171   -5.265  1.00 13.87 ? 223 TRP A CZ3 1 
ATOM   546  C  CH2 . TRP A 1 69  ? 2.410   6.218   -4.343  1.00 12.86 ? 223 TRP A CH2 1 
ATOM   547  N  N   . ASN A 1 70  ? 6.505   2.145   -9.734  1.00 24.28 ? 224 ASN A N   1 
ATOM   548  C  CA  . ASN A 1 70  ? 7.030   1.014   -10.497 1.00 26.35 ? 224 ASN A CA  1 
ATOM   549  C  C   . ASN A 1 70  ? 8.153   0.334   -9.728  1.00 26.03 ? 224 ASN A C   1 
ATOM   550  O  O   . ASN A 1 70  ? 9.259   0.153   -10.239 1.00 29.67 ? 224 ASN A O   1 
ATOM   551  C  CB  . ASN A 1 70  ? 7.528   1.471   -11.870 1.00 29.01 ? 224 ASN A CB  1 
ATOM   552  C  CG  . ASN A 1 70  ? 6.388   1.783   -12.821 1.00 33.23 ? 224 ASN A CG  1 
ATOM   553  O  OD1 . ASN A 1 70  ? 5.458   0.990   -12.956 1.00 35.66 ? 224 ASN A OD1 1 
ATOM   554  N  ND2 . ASN A 1 70  ? 6.453   2.934   -13.486 1.00 33.76 ? 224 ASN A ND2 1 
ATOM   555  N  N   . GLU A 1 71  ? 7.854   -0.028  -8.486  1.00 24.06 ? 225 GLU A N   1 
ATOM   556  C  CA  . GLU A 1 71  ? 8.805   -0.687  -7.607  1.00 22.03 ? 225 GLU A CA  1 
ATOM   557  C  C   . GLU A 1 71  ? 8.222   -2.007  -7.128  1.00 21.85 ? 225 GLU A C   1 
ATOM   558  O  O   . GLU A 1 71  ? 7.014   -2.129  -6.917  1.00 21.51 ? 225 GLU A O   1 
ATOM   559  C  CB  . GLU A 1 71  ? 9.119   0.202   -6.405  1.00 21.63 ? 225 GLU A CB  1 
ATOM   560  C  CG  . GLU A 1 71  ? 9.879   1.471   -6.743  1.00 22.38 ? 225 GLU A CG  1 
ATOM   561  C  CD  . GLU A 1 71  ? 10.341  2.221   -5.504  1.00 24.24 ? 225 GLU A CD  1 
ATOM   562  O  OE1 . GLU A 1 71  ? 10.984  1.582   -4.642  1.00 23.51 ? 225 GLU A OE1 1 
ATOM   563  O  OE2 . GLU A 1 71  ? 10.066  3.439   -5.393  1.00 24.52 ? 225 GLU A OE2 1 
ATOM   564  N  N   . SER A 1 72  ? 9.087   -2.997  -6.958  1.00 21.66 ? 226 SER A N   1 
ATOM   565  C  CA  . SER A 1 72  ? 8.655   -4.311  -6.510  1.00 20.09 ? 226 SER A CA  1 
ATOM   566  C  C   . SER A 1 72  ? 9.343   -4.724  -5.223  1.00 19.65 ? 226 SER A C   1 
ATOM   567  O  O   . SER A 1 72  ? 10.436  -4.254  -4.909  1.00 17.43 ? 226 SER A O   1 
ATOM   568  C  CB  . SER A 1 72  ? 8.931   -5.357  -7.590  1.00 21.59 ? 226 SER A CB  1 
ATOM   569  O  OG  . SER A 1 72  ? 8.063   -5.186  -8.693  1.00 25.52 ? 226 SER A OG  1 
ATOM   570  N  N   . PHE A 1 73  ? 8.682   -5.612  -4.484  1.00 20.07 ? 227 PHE A N   1 
ATOM   571  C  CA  . PHE A 1 73  ? 9.202   -6.104  -3.220  1.00 18.60 ? 227 PHE A CA  1 
ATOM   572  C  C   . PHE A 1 73  ? 8.922   -7.586  -3.049  1.00 20.57 ? 227 PHE A C   1 
ATOM   573  O  O   . PHE A 1 73  ? 8.024   -8.144  -3.685  1.00 21.19 ? 227 PHE A O   1 
ATOM   574  C  CB  . PHE A 1 73  ? 8.572   -5.338  -2.057  1.00 16.62 ? 227 PHE A CB  1 
ATOM   575  C  CG  . PHE A 1 73  ? 8.681   -3.853  -2.191  1.00 14.81 ? 227 PHE A CG  1 
ATOM   576  C  CD1 . PHE A 1 73  ? 7.827   -3.156  -3.040  1.00 14.59 ? 227 PHE A CD1 1 
ATOM   577  C  CD2 . PHE A 1 73  ? 9.674   -3.158  -1.519  1.00 16.65 ? 227 PHE A CD2 1 
ATOM   578  C  CE1 . PHE A 1 73  ? 7.966   -1.793  -3.225  1.00 14.69 ? 227 PHE A CE1 1 
ATOM   579  C  CE2 . PHE A 1 73  ? 9.827   -1.785  -1.697  1.00 18.30 ? 227 PHE A CE2 1 
ATOM   580  C  CZ  . PHE A 1 73  ? 8.968   -1.101  -2.554  1.00 17.68 ? 227 PHE A CZ  1 
ATOM   581  N  N   . THR A 1 74  ? 9.701   -8.218  -2.181  1.00 20.98 ? 228 THR A N   1 
ATOM   582  C  CA  . THR A 1 74  ? 9.539   -9.633  -1.902  1.00 21.14 ? 228 THR A CA  1 
ATOM   583  C  C   . THR A 1 74  ? 9.486   -9.868  -0.407  1.00 21.68 ? 228 THR A C   1 
ATOM   584  O  O   . THR A 1 74  ? 10.191  -9.208  0.365   1.00 21.71 ? 228 THR A O   1 
ATOM   585  C  CB  . THR A 1 74  ? 10.702  -10.477 -2.471  1.00 20.00 ? 228 THR A CB  1 
ATOM   586  O  OG1 . THR A 1 74  ? 10.668  -10.440 -3.903  1.00 23.79 ? 228 THR A OG1 1 
ATOM   587  C  CG2 . THR A 1 74  ? 10.585  -11.928 -2.006  1.00 20.01 ? 228 THR A CG2 1 
ATOM   588  N  N   . PHE A 1 75  ? 8.634   -10.805 -0.008  1.00 20.31 ? 229 PHE A N   1 
ATOM   589  C  CA  . PHE A 1 75  ? 8.510   -11.172 1.391   1.00 22.19 ? 229 PHE A CA  1 
ATOM   590  C  C   . PHE A 1 75  ? 8.685   -12.681 1.531   1.00 22.00 ? 229 PHE A C   1 
ATOM   591  O  O   . PHE A 1 75  ? 7.963   -13.455 0.911   1.00 21.03 ? 229 PHE A O   1 
ATOM   592  C  CB  . PHE A 1 75  ? 7.140   -10.768 1.954   1.00 21.37 ? 229 PHE A CB  1 
ATOM   593  C  CG  . PHE A 1 75  ? 6.958   -9.288  2.146   1.00 18.58 ? 229 PHE A CG  1 
ATOM   594  C  CD1 . PHE A 1 75  ? 6.417   -8.507  1.136   1.00 18.13 ? 229 PHE A CD1 1 
ATOM   595  C  CD2 . PHE A 1 75  ? 7.312   -8.677  3.346   1.00 19.43 ? 229 PHE A CD2 1 
ATOM   596  C  CE1 . PHE A 1 75  ? 6.211   -7.152  1.317   1.00 13.92 ? 229 PHE A CE1 1 
ATOM   597  C  CE2 . PHE A 1 75  ? 7.112   -7.311  3.544   1.00 16.22 ? 229 PHE A CE2 1 
ATOM   598  C  CZ  . PHE A 1 75  ? 6.563   -6.549  2.524   1.00 18.66 ? 229 PHE A CZ  1 
ATOM   599  N  N   . LYS A 1 76  ? 9.660   -13.102 2.327   1.00 24.18 ? 230 LYS A N   1 
ATOM   600  C  CA  . LYS A 1 76  ? 9.878   -14.526 2.559   1.00 25.27 ? 230 LYS A CA  1 
ATOM   601  C  C   . LYS A 1 76  ? 8.724   -14.903 3.487   1.00 25.90 ? 230 LYS A C   1 
ATOM   602  O  O   . LYS A 1 76  ? 8.515   -14.254 4.508   1.00 27.46 ? 230 LYS A O   1 
ATOM   603  C  CB  . LYS A 1 76  ? 11.209  -14.744 3.278   1.00 26.09 ? 230 LYS A CB  1 
ATOM   604  C  CG  . LYS A 1 76  ? 12.130  -15.776 2.648   1.00 27.58 ? 230 LYS A CG  1 
ATOM   605  C  CD  . LYS A 1 76  ? 12.936  -15.184 1.513   1.00 24.66 ? 230 LYS A CD  1 
ATOM   606  C  CE  . LYS A 1 76  ? 14.410  -15.507 1.668   1.00 22.90 ? 230 LYS A CE  1 
ATOM   607  N  NZ  . LYS A 1 76  ? 15.222  -14.259 1.695   1.00 20.33 ? 230 LYS A NZ  1 
ATOM   608  N  N   . LEU A 1 77  ? 7.963   -15.928 3.134   1.00 26.87 ? 231 LEU A N   1 
ATOM   609  C  CA  . LEU A 1 77  ? 6.838   -16.341 3.966   1.00 28.61 ? 231 LEU A CA  1 
ATOM   610  C  C   . LEU A 1 77  ? 7.126   -17.567 4.810   1.00 31.85 ? 231 LEU A C   1 
ATOM   611  O  O   . LEU A 1 77  ? 8.028   -18.350 4.523   1.00 31.93 ? 231 LEU A O   1 
ATOM   612  C  CB  . LEU A 1 77  ? 5.596   -16.617 3.112   1.00 26.68 ? 231 LEU A CB  1 
ATOM   613  C  CG  . LEU A 1 77  ? 4.845   -15.435 2.503   1.00 24.90 ? 231 LEU A CG  1 
ATOM   614  C  CD1 . LEU A 1 77  ? 3.624   -15.951 1.762   1.00 25.94 ? 231 LEU A CD1 1 
ATOM   615  C  CD2 . LEU A 1 77  ? 4.416   -14.474 3.595   1.00 23.07 ? 231 LEU A CD2 1 
ATOM   616  N  N   . LYS A 1 78  ? 6.341   -17.716 5.865   1.00 36.66 ? 232 LYS A N   1 
ATOM   617  C  CA  . LYS A 1 78  ? 6.454   -18.838 6.782   1.00 40.62 ? 232 LYS A CA  1 
ATOM   618  C  C   . LYS A 1 78  ? 5.051   -19.349 7.046   1.00 42.61 ? 232 LYS A C   1 
ATOM   619  O  O   . LYS A 1 78  ? 4.072   -18.670 6.743   1.00 43.99 ? 232 LYS A O   1 
ATOM   620  C  CB  . LYS A 1 78  ? 7.063   -18.395 8.108   1.00 41.68 ? 232 LYS A CB  1 
ATOM   621  C  CG  . LYS A 1 78  ? 8.571   -18.291 8.117   1.00 45.73 ? 232 LYS A CG  1 
ATOM   622  C  CD  . LYS A 1 78  ? 9.061   -18.046 9.539   1.00 47.88 ? 232 LYS A CD  1 
ATOM   623  C  CE  . LYS A 1 78  ? 10.577  -18.084 9.633   1.00 51.37 ? 232 LYS A CE  1 
ATOM   624  N  NZ  . LYS A 1 78  ? 11.060  -17.986 11.042  1.00 53.14 ? 232 LYS A NZ  1 
ATOM   625  N  N   . PRO A 1 79  ? 4.931   -20.558 7.612   1.00 44.20 ? 233 PRO A N   1 
ATOM   626  C  CA  . PRO A 1 79  ? 3.599   -21.102 7.897   1.00 44.01 ? 233 PRO A CA  1 
ATOM   627  C  C   . PRO A 1 79  ? 2.848   -20.177 8.858   1.00 43.18 ? 233 PRO A C   1 
ATOM   628  O  O   . PRO A 1 79  ? 1.630   -20.046 8.789   1.00 42.93 ? 233 PRO A O   1 
ATOM   629  C  CB  . PRO A 1 79  ? 3.912   -22.457 8.521   1.00 44.91 ? 233 PRO A CB  1 
ATOM   630  C  CG  . PRO A 1 79  ? 5.197   -22.847 7.837   1.00 43.91 ? 233 PRO A CG  1 
ATOM   631  C  CD  . PRO A 1 79  ? 5.979   -21.562 7.876   1.00 43.35 ? 233 PRO A CD  1 
ATOM   632  N  N   . SER A 1 80  ? 3.597   -19.527 9.739   1.00 43.03 ? 234 SER A N   1 
ATOM   633  C  CA  . SER A 1 80  ? 3.023   -18.611 10.719  1.00 44.26 ? 234 SER A CA  1 
ATOM   634  C  C   . SER A 1 80  ? 2.509   -17.335 10.061  1.00 44.61 ? 234 SER A C   1 
ATOM   635  O  O   . SER A 1 80  ? 2.092   -16.410 10.758  1.00 47.38 ? 234 SER A O   1 
ATOM   636  C  CB  . SER A 1 80  ? 4.072   -18.221 11.767  1.00 44.00 ? 234 SER A CB  1 
ATOM   637  O  OG  . SER A 1 80  ? 4.781   -19.349 12.247  1.00 47.53 ? 234 SER A OG  1 
ATOM   638  N  N   . ASP A 1 81  ? 2.541   -17.270 8.732   1.00 42.47 ? 235 ASP A N   1 
ATOM   639  C  CA  . ASP A 1 81  ? 2.091   -16.064 8.042   1.00 40.64 ? 235 ASP A CA  1 
ATOM   640  C  C   . ASP A 1 81  ? 0.778   -16.203 7.295   1.00 41.24 ? 235 ASP A C   1 
ATOM   641  O  O   . ASP A 1 81  ? 0.357   -15.271 6.612   1.00 41.40 ? 235 ASP A O   1 
ATOM   642  C  CB  . ASP A 1 81  ? 3.164   -15.567 7.068   1.00 37.90 ? 235 ASP A CB  1 
ATOM   643  C  CG  . ASP A 1 81  ? 4.418   -15.102 7.775   1.00 35.98 ? 235 ASP A CG  1 
ATOM   644  O  OD1 . ASP A 1 81  ? 4.300   -14.327 8.740   1.00 36.47 ? 235 ASP A OD1 1 
ATOM   645  O  OD2 . ASP A 1 81  ? 5.523   -15.505 7.364   1.00 36.64 ? 235 ASP A OD2 1 
ATOM   646  N  N   . LYS A 1 82  ? 0.129   -17.355 7.425   1.00 41.23 ? 236 LYS A N   1 
ATOM   647  C  CA  . LYS A 1 82  ? -1.138  -17.569 6.742   1.00 41.36 ? 236 LYS A CA  1 
ATOM   648  C  C   . LYS A 1 82  ? -2.226  -16.694 7.328   1.00 38.90 ? 236 LYS A C   1 
ATOM   649  O  O   . LYS A 1 82  ? -3.132  -16.267 6.619   1.00 39.84 ? 236 LYS A O   1 
ATOM   650  C  CB  . LYS A 1 82  ? -1.562  -19.034 6.842   1.00 45.72 ? 236 LYS A CB  1 
ATOM   651  C  CG  . LYS A 1 82  ? -0.622  -20.001 6.144   1.00 51.71 ? 236 LYS A CG  1 
ATOM   652  C  CD  . LYS A 1 82  ? -1.155  -21.427 6.214   1.00 56.00 ? 236 LYS A CD  1 
ATOM   653  C  CE  . LYS A 1 82  ? -0.218  -22.411 5.522   1.00 58.64 ? 236 LYS A CE  1 
ATOM   654  N  NZ  . LYS A 1 82  ? -0.748  -23.807 5.559   1.00 62.22 ? 236 LYS A NZ  1 
ATOM   655  N  N   . ASP A 1 83  ? -2.129  -16.421 8.623   1.00 35.50 ? 237 ASP A N   1 
ATOM   656  C  CA  . ASP A 1 83  ? -3.120  -15.603 9.303   1.00 34.69 ? 237 ASP A CA  1 
ATOM   657  C  C   . ASP A 1 83  ? -2.824  -14.108 9.295   1.00 32.02 ? 237 ASP A C   1 
ATOM   658  O  O   . ASP A 1 83  ? -3.619  -13.318 9.799   1.00 33.11 ? 237 ASP A O   1 
ATOM   659  C  CB  . ASP A 1 83  ? -3.276  -16.061 10.755  1.00 38.32 ? 237 ASP A CB  1 
ATOM   660  C  CG  . ASP A 1 83  ? -3.883  -17.444 10.869  1.00 42.49 ? 237 ASP A CG  1 
ATOM   661  O  OD1 . ASP A 1 83  ? -4.997  -17.657 10.341  1.00 43.06 ? 237 ASP A OD1 1 
ATOM   662  O  OD2 . ASP A 1 83  ? -3.243  -18.315 11.497  1.00 43.93 ? 237 ASP A OD2 1 
ATOM   663  N  N   . ARG A 1 84  ? -1.687  -13.715 8.738   1.00 28.22 ? 238 ARG A N   1 
ATOM   664  C  CA  . ARG A 1 84  ? -1.332  -12.305 8.698   1.00 25.87 ? 238 ARG A CA  1 
ATOM   665  C  C   . ARG A 1 84  ? -1.880  -11.640 7.430   1.00 23.77 ? 238 ARG A C   1 
ATOM   666  O  O   . ARG A 1 84  ? -2.376  -12.315 6.530   1.00 22.60 ? 238 ARG A O   1 
ATOM   667  C  CB  . ARG A 1 84  ? 0.190   -12.150 8.777   1.00 27.44 ? 238 ARG A CB  1 
ATOM   668  C  CG  . ARG A 1 84  ? 0.815   -12.822 10.000  1.00 29.48 ? 238 ARG A CG  1 
ATOM   669  C  CD  . ARG A 1 84  ? 2.334   -12.704 10.005  1.00 31.01 ? 238 ARG A CD  1 
ATOM   670  N  NE  . ARG A 1 84  ? 2.807   -11.353 10.303  1.00 35.43 ? 238 ARG A NE  1 
ATOM   671  C  CZ  . ARG A 1 84  ? 4.072   -10.947 10.155  1.00 36.91 ? 238 ARG A CZ  1 
ATOM   672  N  NH1 . ARG A 1 84  ? 5.005   -11.782 9.709   1.00 36.12 ? 238 ARG A NH1 1 
ATOM   673  N  NH2 . ARG A 1 84  ? 4.413   -9.700  10.460  1.00 35.45 ? 238 ARG A NH2 1 
ATOM   674  N  N   . ARG A 1 85  ? -1.809  -10.315 7.371   1.00 21.30 ? 239 ARG A N   1 
ATOM   675  C  CA  . ARG A 1 85  ? -2.287  -9.587  6.202   1.00 21.70 ? 239 ARG A CA  1 
ATOM   676  C  C   . ARG A 1 85  ? -1.197  -8.675  5.648   1.00 22.03 ? 239 ARG A C   1 
ATOM   677  O  O   . ARG A 1 85  ? -0.337  -8.197  6.389   1.00 20.92 ? 239 ARG A O   1 
ATOM   678  C  CB  . ARG A 1 85  ? -3.508  -8.725  6.549   1.00 18.17 ? 239 ARG A CB  1 
ATOM   679  C  CG  . ARG A 1 85  ? -4.676  -9.477  7.141   1.00 18.98 ? 239 ARG A CG  1 
ATOM   680  C  CD  . ARG A 1 85  ? -5.729  -8.507  7.668   1.00 19.66 ? 239 ARG A CD  1 
ATOM   681  N  NE  . ARG A 1 85  ? -6.364  -7.747  6.597   1.00 21.05 ? 239 ARG A NE  1 
ATOM   682  C  CZ  . ARG A 1 85  ? -7.192  -8.273  5.702   1.00 20.86 ? 239 ARG A CZ  1 
ATOM   683  N  NH1 . ARG A 1 85  ? -7.491  -9.564  5.756   1.00 21.95 ? 239 ARG A NH1 1 
ATOM   684  N  NH2 . ARG A 1 85  ? -7.707  -7.521  4.740   1.00 19.61 ? 239 ARG A NH2 1 
ATOM   685  N  N   . LEU A 1 86  ? -1.229  -8.454  4.336   1.00 22.09 ? 240 LEU A N   1 
ATOM   686  C  CA  . LEU A 1 86  ? -0.289  -7.552  3.688   1.00 20.79 ? 240 LEU A CA  1 
ATOM   687  C  C   . LEU A 1 86  ? -0.918  -6.169  3.824   1.00 20.28 ? 240 LEU A C   1 
ATOM   688  O  O   . LEU A 1 86  ? -2.035  -5.939  3.364   1.00 20.07 ? 240 LEU A O   1 
ATOM   689  C  CB  . LEU A 1 86  ? -0.134  -7.899  2.206   1.00 21.96 ? 240 LEU A CB  1 
ATOM   690  C  CG  . LEU A 1 86  ? 0.583   -6.868  1.324   1.00 21.67 ? 240 LEU A CG  1 
ATOM   691  C  CD1 . LEU A 1 86  ? 2.040   -6.736  1.733   1.00 19.97 ? 240 LEU A CD1 1 
ATOM   692  C  CD2 . LEU A 1 86  ? 0.484   -7.302  -0.125  1.00 22.52 ? 240 LEU A CD2 1 
ATOM   693  N  N   . SER A 1 87  ? -0.212  -5.257  4.477   1.00 18.99 ? 241 SER A N   1 
ATOM   694  C  CA  . SER A 1 87  ? -0.714  -3.906  4.668   1.00 17.72 ? 241 SER A CA  1 
ATOM   695  C  C   . SER A 1 87  ? -0.048  -2.957  3.665   1.00 16.83 ? 241 SER A C   1 
ATOM   696  O  O   . SER A 1 87  ? 1.171   -2.937  3.530   1.00 18.50 ? 241 SER A O   1 
ATOM   697  C  CB  . SER A 1 87  ? -0.436  -3.456  6.108   1.00 16.53 ? 241 SER A CB  1 
ATOM   698  O  OG  . SER A 1 87  ? -0.776  -2.096  6.294   1.00 16.65 ? 241 SER A OG  1 
ATOM   699  N  N   . VAL A 1 88  ? -0.860  -2.187  2.948   1.00 15.23 ? 242 VAL A N   1 
ATOM   700  C  CA  . VAL A 1 88  ? -0.362  -1.238  1.961   1.00 13.31 ? 242 VAL A CA  1 
ATOM   701  C  C   . VAL A 1 88  ? -0.868  0.154   2.309   1.00 12.91 ? 242 VAL A C   1 
ATOM   702  O  O   . VAL A 1 88  ? -2.054  0.421   2.187   1.00 13.79 ? 242 VAL A O   1 
ATOM   703  C  CB  . VAL A 1 88  ? -0.850  -1.604  0.547   1.00 12.84 ? 242 VAL A CB  1 
ATOM   704  C  CG1 . VAL A 1 88  ? -0.235  -0.669  -0.489  1.00 10.48 ? 242 VAL A CG1 1 
ATOM   705  C  CG2 . VAL A 1 88  ? -0.488  -3.027  0.242   1.00 12.73 ? 242 VAL A CG2 1 
ATOM   706  N  N   . GLU A 1 89  ? 0.028   1.036   2.746   1.00 13.58 ? 243 GLU A N   1 
ATOM   707  C  CA  . GLU A 1 89  ? -0.364  2.397   3.114   1.00 14.65 ? 243 GLU A CA  1 
ATOM   708  C  C   . GLU A 1 89  ? 0.406   3.467   2.335   1.00 15.02 ? 243 GLU A C   1 
ATOM   709  O  O   . GLU A 1 89  ? 1.608   3.340   2.088   1.00 15.14 ? 243 GLU A O   1 
ATOM   710  C  CB  . GLU A 1 89  ? -0.140  2.636   4.610   1.00 13.97 ? 243 GLU A CB  1 
ATOM   711  C  CG  . GLU A 1 89  ? -0.736  1.592   5.531   1.00 16.43 ? 243 GLU A CG  1 
ATOM   712  C  CD  . GLU A 1 89  ? -0.605  1.978   6.997   1.00 18.31 ? 243 GLU A CD  1 
ATOM   713  O  OE1 . GLU A 1 89  ? 0.522   2.308   7.425   1.00 15.89 ? 243 GLU A OE1 1 
ATOM   714  O  OE2 . GLU A 1 89  ? -1.625  1.950   7.724   1.00 19.94 ? 243 GLU A OE2 1 
ATOM   715  N  N   . ILE A 1 90  ? -0.294  4.522   1.940   1.00 13.62 ? 244 ILE A N   1 
ATOM   716  C  CA  . ILE A 1 90  ? 0.345   5.611   1.226   1.00 12.16 ? 244 ILE A CA  1 
ATOM   717  C  C   . ILE A 1 90  ? 0.441   6.751   2.223   1.00 13.39 ? 244 ILE A C   1 
ATOM   718  O  O   . ILE A 1 90  ? -0.549  7.115   2.853   1.00 13.02 ? 244 ILE A O   1 
ATOM   719  C  CB  . ILE A 1 90  ? -0.481  6.063   0.015   1.00 12.34 ? 244 ILE A CB  1 
ATOM   720  C  CG1 . ILE A 1 90  ? -0.758  4.868   -0.897  1.00 11.69 ? 244 ILE A CG1 1 
ATOM   721  C  CG2 . ILE A 1 90  ? 0.264   7.138   -0.752  1.00 10.54 ? 244 ILE A CG2 1 
ATOM   722  C  CD1 . ILE A 1 90  ? -1.427  5.232   -2.201  1.00 14.12 ? 244 ILE A CD1 1 
ATOM   723  N  N   . TRP A 1 91  ? 1.643   7.287   2.389   1.00 14.87 ? 245 TRP A N   1 
ATOM   724  C  CA  . TRP A 1 91  ? 1.871   8.381   3.319   1.00 14.81 ? 245 TRP A CA  1 
ATOM   725  C  C   . TRP A 1 91  ? 2.477   9.574   2.605   1.00 16.06 ? 245 TRP A C   1 
ATOM   726  O  O   . TRP A 1 91  ? 3.116   9.431   1.567   1.00 15.86 ? 245 TRP A O   1 
ATOM   727  C  CB  . TRP A 1 91  ? 2.809   7.954   4.449   1.00 14.80 ? 245 TRP A CB  1 
ATOM   728  C  CG  . TRP A 1 91  ? 2.224   6.975   5.410   1.00 15.53 ? 245 TRP A CG  1 
ATOM   729  C  CD1 . TRP A 1 91  ? 2.151   5.619   5.259   1.00 19.07 ? 245 TRP A CD1 1 
ATOM   730  C  CD2 . TRP A 1 91  ? 1.642   7.242   6.687   1.00 17.44 ? 245 TRP A CD2 1 
ATOM   731  N  NE1 . TRP A 1 91  ? 1.572   5.035   6.353   1.00 21.36 ? 245 TRP A NE1 1 
ATOM   732  C  CE2 . TRP A 1 91  ? 1.244   6.041   7.266   1.00 18.29 ? 245 TRP A CE2 1 
ATOM   733  C  CE3 . TRP A 1 91  ? 1.423   8.439   7.414   1.00 18.04 ? 245 TRP A CE3 1 
ATOM   734  C  CZ2 . TRP A 1 91  ? 0.640   5.930   8.512   1.00 19.94 ? 245 TRP A CZ2 1 
ATOM   735  C  CZ3 . TRP A 1 91  ? 0.818   8.348   8.663   1.00 21.49 ? 245 TRP A CZ3 1 
ATOM   736  C  CH2 . TRP A 1 91  ? 0.435   7.104   9.200   1.00 21.40 ? 245 TRP A CH2 1 
ATOM   737  N  N   . ASP A 1 92  ? 2.266   10.752  3.178   1.00 18.26 ? 246 ASP A N   1 
ATOM   738  C  CA  . ASP A 1 92  ? 2.793   11.989  2.623   1.00 18.08 ? 246 ASP A CA  1 
ATOM   739  C  C   . ASP A 1 92  ? 3.975   12.464  3.462   1.00 17.02 ? 246 ASP A C   1 
ATOM   740  O  O   . ASP A 1 92  ? 3.818   12.838  4.624   1.00 17.22 ? 246 ASP A O   1 
ATOM   741  C  CB  . ASP A 1 92  ? 1.694   13.056  2.599   1.00 19.64 ? 246 ASP A CB  1 
ATOM   742  C  CG  . ASP A 1 92  ? 2.245   14.456  2.431   1.00 19.69 ? 246 ASP A CG  1 
ATOM   743  O  OD1 . ASP A 1 92  ? 3.135   14.658  1.582   1.00 17.74 ? 246 ASP A OD1 1 
ATOM   744  O  OD2 . ASP A 1 92  ? 1.778   15.359  3.150   1.00 21.36 ? 246 ASP A OD2 1 
ATOM   745  N  N   . TRP A 1 93  ? 5.160   12.428  2.866   1.00 16.07 ? 247 TRP A N   1 
ATOM   746  C  CA  . TRP A 1 93  ? 6.386   12.839  3.532   1.00 16.78 ? 247 TRP A CA  1 
ATOM   747  C  C   . TRP A 1 93  ? 6.388   14.338  3.858   1.00 18.52 ? 247 TRP A C   1 
ATOM   748  O  O   . TRP A 1 93  ? 6.209   15.177  2.976   1.00 17.39 ? 247 TRP A O   1 
ATOM   749  C  CB  . TRP A 1 93  ? 7.586   12.504  2.640   1.00 16.46 ? 247 TRP A CB  1 
ATOM   750  C  CG  . TRP A 1 93  ? 8.930   12.697  3.300   1.00 21.22 ? 247 TRP A CG  1 
ATOM   751  C  CD1 . TRP A 1 93  ? 9.600   11.801  4.101   1.00 20.38 ? 247 TRP A CD1 1 
ATOM   752  C  CD2 . TRP A 1 93  ? 9.752   13.864  3.239   1.00 21.98 ? 247 TRP A CD2 1 
ATOM   753  N  NE1 . TRP A 1 93  ? 10.784  12.346  4.537   1.00 21.13 ? 247 TRP A NE1 1 
ATOM   754  C  CE2 . TRP A 1 93  ? 10.906  13.626  4.020   1.00 21.14 ? 247 TRP A CE2 1 
ATOM   755  C  CE3 . TRP A 1 93  ? 9.632   15.114  2.594   1.00 20.33 ? 247 TRP A CE3 1 
ATOM   756  C  CZ2 . TRP A 1 93  ? 11.928  14.557  4.181   1.00 20.49 ? 247 TRP A CZ2 1 
ATOM   757  C  CZ3 . TRP A 1 93  ? 10.642  16.048  2.748   1.00 20.84 ? 247 TRP A CZ3 1 
ATOM   758  C  CH2 . TRP A 1 93  ? 11.777  15.764  3.538   1.00 22.08 ? 247 TRP A CH2 1 
ATOM   759  N  N   . ASP A 1 94  ? 6.558   14.663  5.136   1.00 20.81 ? 248 ASP A N   1 
ATOM   760  C  CA  . ASP A 1 94  ? 6.628   16.055  5.576   1.00 22.57 ? 248 ASP A CA  1 
ATOM   761  C  C   . ASP A 1 94  ? 7.956   16.183  6.313   1.00 25.41 ? 248 ASP A C   1 
ATOM   762  O  O   . ASP A 1 94  ? 8.351   15.281  7.057   1.00 29.11 ? 248 ASP A O   1 
ATOM   763  C  CB  . ASP A 1 94  ? 5.473   16.416  6.520   1.00 20.22 ? 248 ASP A CB  1 
ATOM   764  C  CG  . ASP A 1 94  ? 4.122   16.438  5.823   1.00 22.53 ? 248 ASP A CG  1 
ATOM   765  O  OD1 . ASP A 1 94  ? 4.077   16.683  4.603   1.00 22.64 ? 248 ASP A OD1 1 
ATOM   766  O  OD2 . ASP A 1 94  ? 3.094   16.226  6.501   1.00 25.56 ? 248 ASP A OD2 1 
ATOM   767  N  N   . ARG A 1 95  ? 8.653   17.291  6.097   1.00 26.86 ? 249 ARG A N   1 
ATOM   768  C  CA  . ARG A 1 95  ? 9.947   17.510  6.732   1.00 29.41 ? 249 ARG A CA  1 
ATOM   769  C  C   . ARG A 1 95  ? 9.898   18.144  8.106   1.00 27.90 ? 249 ARG A C   1 
ATOM   770  O  O   . ARG A 1 95  ? 10.690  17.787  8.980   1.00 29.29 ? 249 ARG A O   1 
ATOM   771  C  CB  . ARG A 1 95  ? 10.841  18.369  5.829   1.00 31.81 ? 249 ARG A CB  1 
ATOM   772  C  CG  . ARG A 1 95  ? 11.980  19.054  6.567   1.00 35.64 ? 249 ARG A CG  1 
ATOM   773  C  CD  . ARG A 1 95  ? 12.835  19.895  5.642   1.00 37.46 ? 249 ARG A CD  1 
ATOM   774  N  NE  . ARG A 1 95  ? 14.018  19.172  5.191   1.00 38.70 ? 249 ARG A NE  1 
ATOM   775  C  CZ  . ARG A 1 95  ? 14.295  18.922  3.917   1.00 38.30 ? 249 ARG A CZ  1 
ATOM   776  N  NH1 . ARG A 1 95  ? 13.462  19.342  2.968   1.00 38.74 ? 249 ARG A NH1 1 
ATOM   777  N  NH2 . ARG A 1 95  ? 15.385  18.258  3.580   1.00 38.78 ? 249 ARG A NH2 1 
ATOM   778  N  N   . THR A 1 96  ? 8.984   19.086  8.303   1.00 28.50 ? 250 THR A N   1 
ATOM   779  C  CA  . THR A 1 96  ? 8.886   19.782  9.584   1.00 29.05 ? 250 THR A CA  1 
ATOM   780  C  C   . THR A 1 96  ? 7.756   19.309  10.491  1.00 30.80 ? 250 THR A C   1 
ATOM   781  O  O   . THR A 1 96  ? 7.507   19.901  11.539  1.00 32.33 ? 250 THR A O   1 
ATOM   782  C  CB  . THR A 1 96  ? 8.742   21.289  9.369   1.00 25.85 ? 250 THR A CB  1 
ATOM   783  O  OG1 . THR A 1 96  ? 7.527   21.555  8.667   1.00 26.05 ? 250 THR A OG1 1 
ATOM   784  C  CG2 . THR A 1 96  ? 9.901   21.812  8.552   1.00 22.57 ? 250 THR A CG2 1 
ATOM   785  N  N   . THR A 1 97  ? 7.079   18.240  10.088  1.00 31.68 ? 251 THR A N   1 
ATOM   786  C  CA  . THR A 1 97  ? 5.990   17.676  10.873  1.00 31.54 ? 251 THR A CA  1 
ATOM   787  C  C   . THR A 1 97  ? 5.843   16.208  10.529  1.00 31.67 ? 251 THR A C   1 
ATOM   788  O  O   . THR A 1 97  ? 6.449   15.732  9.571   1.00 33.54 ? 251 THR A O   1 
ATOM   789  C  CB  . THR A 1 97  ? 4.654   18.373  10.583  1.00 32.27 ? 251 THR A CB  1 
ATOM   790  O  OG1 . THR A 1 97  ? 4.416   18.388  9.169   1.00 34.29 ? 251 THR A OG1 1 
ATOM   791  C  CG2 . THR A 1 97  ? 4.668   19.792  11.119  1.00 32.79 ? 251 THR A CG2 1 
ATOM   792  N  N   . ARG A 1 98  ? 5.044   15.497  11.317  1.00 31.91 ? 252 ARG A N   1 
ATOM   793  C  CA  . ARG A 1 98  ? 4.806   14.077  11.085  1.00 31.09 ? 252 ARG A CA  1 
ATOM   794  C  C   . ARG A 1 98  ? 4.172   13.894  9.704   1.00 29.54 ? 252 ARG A C   1 
ATOM   795  O  O   . ARG A 1 98  ? 3.414   14.750  9.238   1.00 28.33 ? 252 ARG A O   1 
ATOM   796  C  CB  . ARG A 1 98  ? 3.885   13.521  12.169  1.00 31.31 ? 252 ARG A CB  1 
ATOM   797  N  N   . ASN A 1 99  ? 4.498   12.788  9.047   1.00 27.20 ? 253 ASN A N   1 
ATOM   798  C  CA  . ASN A 1 99  ? 3.941   12.515  7.731   1.00 25.59 ? 253 ASN A CA  1 
ATOM   799  C  C   . ASN A 1 99  ? 2.422   12.368  7.864   1.00 24.91 ? 253 ASN A C   1 
ATOM   800  O  O   . ASN A 1 99  ? 1.912   12.063  8.945   1.00 23.80 ? 253 ASN A O   1 
ATOM   801  C  CB  . ASN A 1 99  ? 4.576   11.252  7.139   1.00 23.43 ? 253 ASN A CB  1 
ATOM   802  C  CG  . ASN A 1 99  ? 6.086   11.362  7.017   1.00 23.50 ? 253 ASN A CG  1 
ATOM   803  O  OD1 . ASN A 1 99  ? 6.643   12.459  7.024   1.00 22.27 ? 253 ASN A OD1 1 
ATOM   804  N  ND2 . ASN A 1 99  ? 6.754   10.229  6.891   1.00 25.46 ? 253 ASN A ND2 1 
ATOM   805  N  N   . ASP A 1 100 ? 1.707   12.610  6.769   1.00 23.30 ? 254 ASP A N   1 
ATOM   806  C  CA  . ASP A 1 100 ? 0.257   12.528  6.762   1.00 22.60 ? 254 ASP A CA  1 
ATOM   807  C  C   . ASP A 1 100 ? -0.268  11.310  6.045   1.00 20.71 ? 254 ASP A C   1 
ATOM   808  O  O   . ASP A 1 100 ? 0.090   11.055  4.899   1.00 22.49 ? 254 ASP A O   1 
ATOM   809  C  CB  . ASP A 1 100 ? -0.347  13.772  6.110   1.00 24.91 ? 254 ASP A CB  1 
ATOM   810  C  CG  . ASP A 1 100 ? -0.055  15.033  6.888   1.00 27.85 ? 254 ASP A CG  1 
ATOM   811  O  OD1 . ASP A 1 100 ? -0.200  15.004  8.129   1.00 29.83 ? 254 ASP A OD1 1 
ATOM   812  O  OD2 . ASP A 1 100 ? 0.308   16.052  6.263   1.00 29.64 ? 254 ASP A OD2 1 
ATOM   813  N  N   . PHE A 1 101 ? -1.132  10.567  6.722   1.00 19.54 ? 255 PHE A N   1 
ATOM   814  C  CA  . PHE A 1 101 ? -1.730  9.372   6.146   1.00 20.37 ? 255 PHE A CA  1 
ATOM   815  C  C   . PHE A 1 101 ? -2.575  9.784   4.942   1.00 19.51 ? 255 PHE A C   1 
ATOM   816  O  O   . PHE A 1 101 ? -3.323  10.754  5.013   1.00 20.46 ? 255 PHE A O   1 
ATOM   817  C  CB  . PHE A 1 101 ? -2.615  8.678   7.177   1.00 18.79 ? 255 PHE A CB  1 
ATOM   818  C  CG  . PHE A 1 101 ? -3.341  7.487   6.649   1.00 20.15 ? 255 PHE A CG  1 
ATOM   819  C  CD1 . PHE A 1 101 ? -2.712  6.241   6.589   1.00 19.09 ? 255 PHE A CD1 1 
ATOM   820  C  CD2 . PHE A 1 101 ? -4.634  7.619   6.143   1.00 19.04 ? 255 PHE A CD2 1 
ATOM   821  C  CE1 . PHE A 1 101 ? -3.376  5.133   6.058   1.00 16.51 ? 255 PHE A CE1 1 
ATOM   822  C  CE2 . PHE A 1 101 ? -5.307  6.518   5.608   1.00 18.60 ? 255 PHE A CE2 1 
ATOM   823  C  CZ  . PHE A 1 101 ? -4.669  5.274   5.553   1.00 18.39 ? 255 PHE A CZ  1 
ATOM   824  N  N   . MET A 1 102 ? -2.455  9.047   3.844   1.00 17.80 ? 256 MET A N   1 
ATOM   825  C  CA  . MET A 1 102 ? -3.216  9.361   2.642   1.00 16.99 ? 256 MET A CA  1 
ATOM   826  C  C   . MET A 1 102 ? -4.249  8.291   2.264   1.00 17.90 ? 256 MET A C   1 
ATOM   827  O  O   . MET A 1 102 ? -5.301  8.613   1.728   1.00 19.53 ? 256 MET A O   1 
ATOM   828  C  CB  . MET A 1 102 ? -2.260  9.600   1.470   1.00 15.78 ? 256 MET A CB  1 
ATOM   829  C  CG  . MET A 1 102 ? -1.308  10.774  1.685   1.00 16.67 ? 256 MET A CG  1 
ATOM   830  S  SD  . MET A 1 102 ? -0.229  11.103  0.254   1.00 19.47 ? 256 MET A SD  1 
ATOM   831  C  CE  . MET A 1 102 ? -1.442  11.715  -0.914  1.00 15.82 ? 256 MET A CE  1 
ATOM   832  N  N   . GLY A 1 103 ? -3.955  7.026   2.543   1.00 18.05 ? 257 GLY A N   1 
ATOM   833  C  CA  . GLY A 1 103 ? -4.890  5.965   2.204   1.00 19.58 ? 257 GLY A CA  1 
ATOM   834  C  C   . GLY A 1 103 ? -4.287  4.584   2.384   1.00 19.81 ? 257 GLY A C   1 
ATOM   835  O  O   . GLY A 1 103 ? -3.067  4.444   2.397   1.00 23.12 ? 257 GLY A O   1 
ATOM   836  N  N   . SER A 1 104 ? -5.126  3.560   2.518   1.00 18.93 ? 258 SER A N   1 
ATOM   837  C  CA  . SER A 1 104 ? -4.623  2.205   2.709   1.00 18.03 ? 258 SER A CA  1 
ATOM   838  C  C   . SER A 1 104 ? -5.530  1.083   2.215   1.00 20.28 ? 258 SER A C   1 
ATOM   839  O  O   . SER A 1 104 ? -6.628  1.314   1.717   1.00 20.58 ? 258 SER A O   1 
ATOM   840  C  CB  . SER A 1 104 ? -4.341  1.970   4.188   1.00 16.79 ? 258 SER A CB  1 
ATOM   841  O  OG  . SER A 1 104 ? -5.508  2.208   4.950   1.00 14.00 ? 258 SER A OG  1 
ATOM   842  N  N   . LEU A 1 105 ? -5.027  -0.140  2.361   1.00 21.75 ? 259 LEU A N   1 
ATOM   843  C  CA  . LEU A 1 105 ? -5.722  -1.371  1.999   1.00 21.77 ? 259 LEU A CA  1 
ATOM   844  C  C   . LEU A 1 105 ? -5.008  -2.478  2.759   1.00 21.40 ? 259 LEU A C   1 
ATOM   845  O  O   . LEU A 1 105 ? -4.093  -2.224  3.546   1.00 20.79 ? 259 LEU A O   1 
ATOM   846  C  CB  . LEU A 1 105 ? -5.548  -1.748  0.536   1.00 24.67 ? 259 LEU A CB  1 
ATOM   847  C  CG  . LEU A 1 105 ? -5.875  -1.019  -0.741  1.00 29.79 ? 259 LEU A CG  1 
ATOM   848  C  CD1 . LEU A 1 105 ? -4.809  0.005   -1.092  1.00 31.59 ? 259 LEU A CD1 1 
ATOM   849  C  CD2 . LEU A 1 105 ? -5.926  -2.094  -1.818  1.00 33.40 ? 259 LEU A CD2 1 
ATOM   850  N  N   . SER A 1 106 ? -5.420  -3.711  2.479   1.00 18.76 ? 260 SER A N   1 
ATOM   851  C  CA  . SER A 1 106 ? -4.809  -4.888  3.058   1.00 16.64 ? 260 SER A CA  1 
ATOM   852  C  C   . SER A 1 106 ? -5.411  -6.134  2.432   1.00 17.37 ? 260 SER A C   1 
ATOM   853  O  O   . SER A 1 106 ? -6.580  -6.154  2.057   1.00 16.44 ? 260 SER A O   1 
ATOM   854  C  CB  . SER A 1 106 ? -4.988  -4.913  4.581   1.00 15.12 ? 260 SER A CB  1 
ATOM   855  O  OG  . SER A 1 106 ? -6.331  -5.089  4.950   1.00 11.41 ? 260 SER A OG  1 
ATOM   856  N  N   . PHE A 1 107 ? -4.582  -7.159  2.276   1.00 18.98 ? 261 PHE A N   1 
ATOM   857  C  CA  . PHE A 1 107 ? -5.032  -8.428  1.728   1.00 19.79 ? 261 PHE A CA  1 
ATOM   858  C  C   . PHE A 1 107 ? -4.631  -9.475  2.745   1.00 20.60 ? 261 PHE A C   1 
ATOM   859  O  O   . PHE A 1 107 ? -3.615  -9.321  3.424   1.00 20.75 ? 261 PHE A O   1 
ATOM   860  C  CB  . PHE A 1 107 ? -4.323  -8.788  0.418   1.00 19.20 ? 261 PHE A CB  1 
ATOM   861  C  CG  . PHE A 1 107 ? -4.464  -7.760  -0.667  1.00 20.04 ? 261 PHE A CG  1 
ATOM   862  C  CD1 . PHE A 1 107 ? -3.566  -6.703  -0.757  1.00 20.14 ? 261 PHE A CD1 1 
ATOM   863  C  CD2 . PHE A 1 107 ? -5.445  -7.892  -1.641  1.00 18.99 ? 261 PHE A CD2 1 
ATOM   864  C  CE1 . PHE A 1 107 ? -3.652  -5.779  -1.801  1.00 20.64 ? 261 PHE A CE1 1 
ATOM   865  C  CE2 . PHE A 1 107 ? -5.545  -6.975  -2.683  1.00 21.20 ? 261 PHE A CE2 1 
ATOM   866  C  CZ  . PHE A 1 107 ? -4.636  -5.922  -2.770  1.00 21.51 ? 261 PHE A CZ  1 
ATOM   867  N  N   . GLY A 1 108 ? -5.425  -10.536 2.857   1.00 20.87 ? 262 GLY A N   1 
ATOM   868  C  CA  . GLY A 1 108 ? -5.078  -11.608 3.766   1.00 19.20 ? 262 GLY A CA  1 
ATOM   869  C  C   . GLY A 1 108 ? -4.096  -12.457 2.988   1.00 19.98 ? 262 GLY A C   1 
ATOM   870  O  O   . GLY A 1 108 ? -4.254  -12.632 1.785   1.00 18.94 ? 262 GLY A O   1 
ATOM   871  N  N   . VAL A 1 109 ? -3.069  -12.976 3.644   1.00 22.81 ? 263 VAL A N   1 
ATOM   872  C  CA  . VAL A 1 109 ? -2.100  -13.791 2.935   1.00 24.85 ? 263 VAL A CA  1 
ATOM   873  C  C   . VAL A 1 109 ? -2.785  -14.995 2.300   1.00 27.71 ? 263 VAL A C   1 
ATOM   874  O  O   . VAL A 1 109 ? -2.536  -15.312 1.136   1.00 27.43 ? 263 VAL A O   1 
ATOM   875  C  CB  . VAL A 1 109 ? -0.990  -14.258 3.868   1.00 24.56 ? 263 VAL A CB  1 
ATOM   876  C  CG1 . VAL A 1 109 ? -0.061  -15.203 3.137   1.00 25.80 ? 263 VAL A CG1 1 
ATOM   877  C  CG2 . VAL A 1 109 ? -0.220  -13.051 4.377   1.00 22.69 ? 263 VAL A CG2 1 
ATOM   878  N  N   . SER A 1 110 ? -3.657  -15.650 3.068   1.00 29.75 ? 264 SER A N   1 
ATOM   879  C  CA  . SER A 1 110 ? -4.396  -16.810 2.574   1.00 31.97 ? 264 SER A CA  1 
ATOM   880  C  C   . SER A 1 110 ? -5.094  -16.410 1.291   1.00 32.84 ? 264 SER A C   1 
ATOM   881  O  O   . SER A 1 110 ? -5.047  -17.123 0.287   1.00 33.61 ? 264 SER A O   1 
ATOM   882  C  CB  . SER A 1 110 ? -5.453  -17.244 3.590   1.00 31.51 ? 264 SER A CB  1 
ATOM   883  O  OG  . SER A 1 110 ? -4.855  -17.674 4.799   1.00 37.89 ? 264 SER A OG  1 
ATOM   884  N  N   . GLU A 1 111 ? -5.741  -15.254 1.356   1.00 34.23 ? 265 GLU A N   1 
ATOM   885  C  CA  . GLU A 1 111 ? -6.475  -14.671 0.246   1.00 35.14 ? 265 GLU A CA  1 
ATOM   886  C  C   . GLU A 1 111 ? -5.606  -14.619 -1.016  1.00 36.47 ? 265 GLU A C   1 
ATOM   887  O  O   . GLU A 1 111 ? -6.031  -15.034 -2.097  1.00 37.81 ? 265 GLU A O   1 
ATOM   888  C  CB  . GLU A 1 111 ? -6.909  -13.264 0.644   1.00 36.62 ? 265 GLU A CB  1 
ATOM   889  C  CG  . GLU A 1 111 ? -7.974  -12.643 -0.221  1.00 42.53 ? 265 GLU A CG  1 
ATOM   890  C  CD  . GLU A 1 111 ? -8.237  -11.190 0.151   1.00 44.21 ? 265 GLU A CD  1 
ATOM   891  O  OE1 . GLU A 1 111 ? -8.234  -10.873 1.359   1.00 45.30 ? 265 GLU A OE1 1 
ATOM   892  O  OE2 . GLU A 1 111 ? -8.457  -10.367 -0.763  1.00 46.12 ? 265 GLU A OE2 1 
ATOM   893  N  N   . LEU A 1 112 ? -4.382  -14.114 -0.872  1.00 36.37 ? 266 LEU A N   1 
ATOM   894  C  CA  . LEU A 1 112 ? -3.463  -14.002 -1.998  1.00 35.73 ? 266 LEU A CA  1 
ATOM   895  C  C   . LEU A 1 112 ? -2.963  -15.353 -2.495  1.00 37.16 ? 266 LEU A C   1 
ATOM   896  O  O   . LEU A 1 112 ? -2.554  -15.492 -3.648  1.00 37.45 ? 266 LEU A O   1 
ATOM   897  C  CB  . LEU A 1 112 ? -2.279  -13.108 -1.619  1.00 31.92 ? 266 LEU A CB  1 
ATOM   898  C  CG  . LEU A 1 112 ? -2.618  -11.618 -1.503  1.00 29.20 ? 266 LEU A CG  1 
ATOM   899  C  CD1 . LEU A 1 112 ? -1.465  -10.866 -0.872  1.00 26.25 ? 266 LEU A CD1 1 
ATOM   900  C  CD2 . LEU A 1 112 ? -2.935  -11.058 -2.886  1.00 28.35 ? 266 LEU A CD2 1 
ATOM   901  N  N   . MET A 1 113 ? -2.993  -16.356 -1.625  1.00 39.24 ? 267 MET A N   1 
ATOM   902  C  CA  . MET A 1 113 ? -2.546  -17.680 -2.021  1.00 40.74 ? 267 MET A CA  1 
ATOM   903  C  C   . MET A 1 113 ? -3.562  -18.302 -2.962  1.00 42.42 ? 267 MET A C   1 
ATOM   904  O  O   . MET A 1 113 ? -3.198  -18.967 -3.927  1.00 42.99 ? 267 MET A O   1 
ATOM   905  C  CB  . MET A 1 113 ? -2.342  -18.561 -0.794  1.00 40.25 ? 267 MET A CB  1 
ATOM   906  C  CG  . MET A 1 113 ? -1.115  -18.183 0.011   1.00 41.63 ? 267 MET A CG  1 
ATOM   907  S  SD  . MET A 1 113 ? -0.765  -19.355 1.331   1.00 45.04 ? 267 MET A SD  1 
ATOM   908  C  CE  . MET A 1 113 ? 0.375   -18.433 2.336   1.00 42.38 ? 267 MET A CE  1 
ATOM   909  N  N   . LYS A 1 114 ? -4.840  -18.076 -2.684  1.00 44.05 ? 268 LYS A N   1 
ATOM   910  C  CA  . LYS A 1 114 ? -5.897  -18.608 -3.528  1.00 47.21 ? 268 LYS A CA  1 
ATOM   911  C  C   . LYS A 1 114 ? -5.835  -17.946 -4.903  1.00 47.81 ? 268 LYS A C   1 
ATOM   912  O  O   . LYS A 1 114 ? -5.707  -18.625 -5.926  1.00 49.71 ? 268 LYS A O   1 
ATOM   913  C  CB  . LYS A 1 114 ? -7.265  -18.364 -2.882  1.00 50.14 ? 268 LYS A CB  1 
ATOM   914  C  CG  . LYS A 1 114 ? -7.452  -19.103 -1.567  1.00 54.57 ? 268 LYS A CG  1 
ATOM   915  C  CD  . LYS A 1 114 ? -8.850  -18.908 -0.996  1.00 59.13 ? 268 LYS A CD  1 
ATOM   916  C  CE  . LYS A 1 114 ? -9.035  -19.729 0.284   1.00 61.98 ? 268 LYS A CE  1 
ATOM   917  N  NZ  . LYS A 1 114 ? -10.393 -19.576 0.888   1.00 61.45 ? 268 LYS A NZ  1 
ATOM   918  N  N   . MET A 1 115 ? -5.914  -16.620 -4.931  1.00 47.00 ? 269 MET A N   1 
ATOM   919  C  CA  . MET A 1 115 ? -5.858  -15.880 -6.187  1.00 44.95 ? 269 MET A CA  1 
ATOM   920  C  C   . MET A 1 115 ? -5.041  -14.603 -6.040  1.00 43.38 ? 269 MET A C   1 
ATOM   921  O  O   . MET A 1 115 ? -5.220  -13.851 -5.080  1.00 43.57 ? 269 MET A O   1 
ATOM   922  C  CB  . MET A 1 115 ? -7.268  -15.544 -6.659  1.00 44.03 ? 269 MET A CB  1 
ATOM   923  N  N   . PRO A 1 116 ? -4.124  -14.344 -6.991  1.00 42.11 ? 270 PRO A N   1 
ATOM   924  C  CA  . PRO A 1 116 ? -3.290  -13.141 -6.946  1.00 41.68 ? 270 PRO A CA  1 
ATOM   925  C  C   . PRO A 1 116 ? -4.139  -11.879 -7.084  1.00 41.57 ? 270 PRO A C   1 
ATOM   926  O  O   . PRO A 1 116 ? -5.277  -11.927 -7.557  1.00 41.82 ? 270 PRO A O   1 
ATOM   927  C  CB  . PRO A 1 116 ? -2.355  -13.324 -8.141  1.00 41.94 ? 270 PRO A CB  1 
ATOM   928  C  CG  . PRO A 1 116 ? -2.261  -14.806 -8.275  1.00 42.38 ? 270 PRO A CG  1 
ATOM   929  C  CD  . PRO A 1 116 ? -3.691  -15.231 -8.083  1.00 41.26 ? 270 PRO A CD  1 
ATOM   930  N  N   . ALA A 1 117 ? -3.590  -10.748 -6.662  1.00 40.44 ? 271 ALA A N   1 
ATOM   931  C  CA  . ALA A 1 117 ? -4.300  -9.487  -6.773  1.00 38.21 ? 271 ALA A CA  1 
ATOM   932  C  C   . ALA A 1 117 ? -3.659  -8.761  -7.937  1.00 37.12 ? 271 ALA A C   1 
ATOM   933  O  O   . ALA A 1 117 ? -2.447  -8.846  -8.131  1.00 37.88 ? 271 ALA A O   1 
ATOM   934  C  CB  . ALA A 1 117 ? -4.146  -8.685  -5.499  1.00 38.65 ? 271 ALA A CB  1 
ATOM   935  N  N   . SER A 1 118 ? -4.462  -8.054  -8.720  1.00 36.26 ? 272 SER A N   1 
ATOM   936  C  CA  . SER A 1 118 ? -3.931  -7.330  -9.869  1.00 35.61 ? 272 SER A CA  1 
ATOM   937  C  C   . SER A 1 118 ? -4.930  -6.284  -10.348 1.00 34.11 ? 272 SER A C   1 
ATOM   938  O  O   . SER A 1 118 ? -6.072  -6.614  -10.647 1.00 35.47 ? 272 SER A O   1 
ATOM   939  C  CB  . SER A 1 118 ? -3.618  -8.315  -11.000 1.00 36.09 ? 272 SER A CB  1 
ATOM   940  O  OG  . SER A 1 118 ? -2.998  -7.667  -12.097 1.00 41.76 ? 272 SER A OG  1 
ATOM   941  N  N   . GLY A 1 119 ? -4.507  -5.026  -10.409 1.00 32.71 ? 273 GLY A N   1 
ATOM   942  C  CA  . GLY A 1 119 ? -5.404  -3.983  -10.867 1.00 29.37 ? 273 GLY A CA  1 
ATOM   943  C  C   . GLY A 1 119 ? -5.561  -2.827  -9.906  1.00 27.67 ? 273 GLY A C   1 
ATOM   944  O  O   . GLY A 1 119 ? -4.818  -2.715  -8.939  1.00 28.76 ? 273 GLY A O   1 
ATOM   945  N  N   . TRP A 1 120 ? -6.539  -1.967  -10.180 1.00 25.81 ? 274 TRP A N   1 
ATOM   946  C  CA  . TRP A 1 120 ? -6.791  -0.805  -9.347  1.00 25.28 ? 274 TRP A CA  1 
ATOM   947  C  C   . TRP A 1 120 ? -7.608  -1.145  -8.119  1.00 24.61 ? 274 TRP A C   1 
ATOM   948  O  O   . TRP A 1 120 ? -8.542  -1.934  -8.188  1.00 25.34 ? 274 TRP A O   1 
ATOM   949  C  CB  . TRP A 1 120 ? -7.532  0.280   -10.139 1.00 27.66 ? 274 TRP A CB  1 
ATOM   950  C  CG  . TRP A 1 120 ? -6.737  0.873   -11.268 1.00 31.64 ? 274 TRP A CG  1 
ATOM   951  C  CD1 . TRP A 1 120 ? -6.771  0.500   -12.583 1.00 31.97 ? 274 TRP A CD1 1 
ATOM   952  C  CD2 . TRP A 1 120 ? -5.763  1.915   -11.168 1.00 33.26 ? 274 TRP A CD2 1 
ATOM   953  N  NE1 . TRP A 1 120 ? -5.874  1.247   -13.309 1.00 33.67 ? 274 TRP A NE1 1 
ATOM   954  C  CE2 . TRP A 1 120 ? -5.239  2.123   -12.468 1.00 34.55 ? 274 TRP A CE2 1 
ATOM   955  C  CE3 . TRP A 1 120 ? -5.270  2.696   -10.114 1.00 35.15 ? 274 TRP A CE3 1 
ATOM   956  C  CZ2 . TRP A 1 120 ? -4.252  3.081   -12.733 1.00 35.81 ? 274 TRP A CZ2 1 
ATOM   957  C  CZ3 . TRP A 1 120 ? -4.286  3.651   -10.379 1.00 34.88 ? 274 TRP A CZ3 1 
ATOM   958  C  CH2 . TRP A 1 120 ? -3.790  3.831   -11.679 1.00 34.24 ? 274 TRP A CH2 1 
ATOM   959  N  N   . TYR A 1 121 ? -7.248  -0.537  -6.992  1.00 23.92 ? 275 TYR A N   1 
ATOM   960  C  CA  . TYR A 1 121 ? -7.960  -0.741  -5.739  1.00 21.73 ? 275 TYR A CA  1 
ATOM   961  C  C   . TYR A 1 121 ? -8.302  0.605   -5.129  1.00 21.07 ? 275 TYR A C   1 
ATOM   962  O  O   . TYR A 1 121 ? -7.575  1.580   -5.302  1.00 21.71 ? 275 TYR A O   1 
ATOM   963  C  CB  . TYR A 1 121 ? -7.119  -1.554  -4.754  1.00 21.28 ? 275 TYR A CB  1 
ATOM   964  C  CG  . TYR A 1 121 ? -6.983  -3.004  -5.142  1.00 23.16 ? 275 TYR A CG  1 
ATOM   965  C  CD1 . TYR A 1 121 ? -6.083  -3.399  -6.131  1.00 24.22 ? 275 TYR A CD1 1 
ATOM   966  C  CD2 . TYR A 1 121 ? -7.776  -3.979  -4.546  1.00 24.51 ? 275 TYR A CD2 1 
ATOM   967  C  CE1 . TYR A 1 121 ? -5.979  -4.733  -6.518  1.00 24.91 ? 275 TYR A CE1 1 
ATOM   968  C  CE2 . TYR A 1 121 ? -7.684  -5.315  -4.924  1.00 23.91 ? 275 TYR A CE2 1 
ATOM   969  C  CZ  . TYR A 1 121 ? -6.783  -5.685  -5.909  1.00 26.00 ? 275 TYR A CZ  1 
ATOM   970  O  OH  . TYR A 1 121 ? -6.689  -7.004  -6.288  1.00 29.18 ? 275 TYR A OH  1 
ATOM   971  N  N   . LYS A 1 122 ? -9.416  0.656   -4.415  1.00 20.27 ? 276 LYS A N   1 
ATOM   972  C  CA  . LYS A 1 122 ? -9.855  1.884   -3.783  1.00 21.69 ? 276 LYS A CA  1 
ATOM   973  C  C   . LYS A 1 122 ? -9.075  2.085   -2.496  1.00 22.89 ? 276 LYS A C   1 
ATOM   974  O  O   . LYS A 1 122 ? -8.875  1.135   -1.736  1.00 23.23 ? 276 LYS A O   1 
ATOM   975  C  CB  . LYS A 1 122 ? -11.350 1.794   -3.479  1.00 24.88 ? 276 LYS A CB  1 
ATOM   976  C  CG  . LYS A 1 122 ? -11.910 2.973   -2.714  1.00 27.15 ? 276 LYS A CG  1 
ATOM   977  C  CD  . LYS A 1 122 ? -13.337 2.694   -2.283  1.00 30.03 ? 276 LYS A CD  1 
ATOM   978  C  CE  . LYS A 1 122 ? -13.826 3.712   -1.263  1.00 32.19 ? 276 LYS A CE  1 
ATOM   979  N  NZ  . LYS A 1 122 ? -15.072 3.246   -0.579  1.00 35.09 ? 276 LYS A NZ  1 
ATOM   980  N  N   . LEU A 1 123 ? -8.621  3.316   -2.262  1.00 21.47 ? 277 LEU A N   1 
ATOM   981  C  CA  . LEU A 1 123 ? -7.871  3.639   -1.056  1.00 21.17 ? 277 LEU A CA  1 
ATOM   982  C  C   . LEU A 1 123 ? -8.838  3.964   0.070   1.00 21.96 ? 277 LEU A C   1 
ATOM   983  O  O   . LEU A 1 123 ? -9.690  4.839   -0.063  1.00 23.96 ? 277 LEU A O   1 
ATOM   984  C  CB  . LEU A 1 123 ? -6.925  4.820   -1.302  1.00 20.62 ? 277 LEU A CB  1 
ATOM   985  C  CG  . LEU A 1 123 ? -5.620  4.421   -1.992  1.00 21.15 ? 277 LEU A CG  1 
ATOM   986  C  CD1 . LEU A 1 123 ? -4.847  5.652   -2.395  1.00 20.90 ? 277 LEU A CD1 1 
ATOM   987  C  CD2 . LEU A 1 123 ? -4.802  3.551   -1.049  1.00 21.56 ? 277 LEU A CD2 1 
ATOM   988  N  N   . LEU A 1 124 ? -8.684  3.255   1.185   1.00 21.06 ? 278 LEU A N   1 
ATOM   989  C  CA  . LEU A 1 124 ? -9.550  3.411   2.344   1.00 18.67 ? 278 LEU A CA  1 
ATOM   990  C  C   . LEU A 1 124 ? -8.911  4.220   3.477   1.00 21.44 ? 278 LEU A C   1 
ATOM   991  O  O   . LEU A 1 124 ? -7.776  4.681   3.353   1.00 21.69 ? 278 LEU A O   1 
ATOM   992  C  CB  . LEU A 1 124 ? -9.937  2.019   2.832   1.00 16.36 ? 278 LEU A CB  1 
ATOM   993  C  CG  . LEU A 1 124 ? -10.304 1.085   1.670   1.00 15.68 ? 278 LEU A CG  1 
ATOM   994  C  CD1 . LEU A 1 124 ? -10.306 -0.350  2.138   1.00 14.51 ? 278 LEU A CD1 1 
ATOM   995  C  CD2 . LEU A 1 124 ? -11.670 1.470   1.101   1.00 18.17 ? 278 LEU A CD2 1 
ATOM   996  N  N   . ASN A 1 125 ? -9.653  4.408   4.571   1.00 22.87 ? 279 ASN A N   1 
ATOM   997  C  CA  . ASN A 1 125 ? -9.153  5.154   5.721   1.00 25.38 ? 279 ASN A CA  1 
ATOM   998  C  C   . ASN A 1 125 ? -8.205  4.245   6.491   1.00 25.32 ? 279 ASN A C   1 
ATOM   999  O  O   . ASN A 1 125 ? -8.221  3.035   6.301   1.00 25.09 ? 279 ASN A O   1 
ATOM   1000 C  CB  . ASN A 1 125 ? -10.309 5.620   6.615   1.00 29.91 ? 279 ASN A CB  1 
ATOM   1001 C  CG  . ASN A 1 125 ? -11.276 6.557   5.886   1.00 36.62 ? 279 ASN A CG  1 
ATOM   1002 O  OD1 . ASN A 1 125 ? -10.868 7.564   5.295   1.00 38.69 ? 279 ASN A OD1 1 
ATOM   1003 N  ND2 . ASN A 1 125 ? -12.567 6.229   5.932   1.00 40.69 ? 279 ASN A ND2 1 
ATOM   1004 N  N   . GLN A 1 126 ? -7.389  4.824   7.366   1.00 25.72 ? 280 GLN A N   1 
ATOM   1005 C  CA  . GLN A 1 126 ? -6.396  4.057   8.106   1.00 27.86 ? 280 GLN A CA  1 
ATOM   1006 C  C   . GLN A 1 126 ? -6.900  2.884   8.939   1.00 30.04 ? 280 GLN A C   1 
ATOM   1007 O  O   . GLN A 1 126 ? -6.315  1.796   8.891   1.00 30.32 ? 280 GLN A O   1 
ATOM   1008 C  CB  . GLN A 1 126 ? -5.567  5.010   8.977   1.00 28.43 ? 280 GLN A CB  1 
ATOM   1009 C  CG  . GLN A 1 126 ? -4.335  4.382   9.620   1.00 29.43 ? 280 GLN A CG  1 
ATOM   1010 C  CD  . GLN A 1 126 ? -3.420  5.420   10.262  1.00 32.82 ? 280 GLN A CD  1 
ATOM   1011 O  OE1 . GLN A 1 126 ? -3.753  6.606   10.333  1.00 32.99 ? 280 GLN A OE1 1 
ATOM   1012 N  NE2 . GLN A 1 126 ? -2.257  4.974   10.735  1.00 34.16 ? 280 GLN A NE2 1 
ATOM   1013 N  N   . GLU A 1 127 ? -7.972  3.086   9.700   1.00 31.29 ? 281 GLU A N   1 
ATOM   1014 C  CA  . GLU A 1 127 ? -8.497  2.008   10.535  1.00 33.58 ? 281 GLU A CA  1 
ATOM   1015 C  C   . GLU A 1 127 ? -9.109  0.849   9.765   1.00 32.03 ? 281 GLU A C   1 
ATOM   1016 O  O   . GLU A 1 127 ? -8.779  -0.310  10.020  1.00 31.95 ? 281 GLU A O   1 
ATOM   1017 C  CB  . GLU A 1 127 ? -9.520  2.548   11.532  1.00 38.03 ? 281 GLU A CB  1 
ATOM   1018 C  CG  . GLU A 1 127 ? -8.892  3.113   12.795  1.00 46.18 ? 281 GLU A CG  1 
ATOM   1019 C  CD  . GLU A 1 127 ? -9.921  3.477   13.855  1.00 49.25 ? 281 GLU A CD  1 
ATOM   1020 O  OE1 . GLU A 1 127 ? -10.596 2.561   14.382  1.00 48.13 ? 281 GLU A OE1 1 
ATOM   1021 O  OE2 . GLU A 1 127 ? -10.049 4.685   14.155  1.00 52.39 ? 281 GLU A OE2 1 
ATOM   1022 N  N   . GLU A 1 128 ? -10.002 1.150   8.833   1.00 29.78 ? 282 GLU A N   1 
ATOM   1023 C  CA  . GLU A 1 128 ? -10.639 0.103   8.042   1.00 29.79 ? 282 GLU A CA  1 
ATOM   1024 C  C   . GLU A 1 128 ? -9.666  -0.518  7.048   1.00 26.91 ? 282 GLU A C   1 
ATOM   1025 O  O   . GLU A 1 128 ? -9.815  -1.675  6.664   1.00 26.34 ? 282 GLU A O   1 
ATOM   1026 C  CB  . GLU A 1 128 ? -11.850 0.664   7.291   1.00 32.33 ? 282 GLU A CB  1 
ATOM   1027 C  CG  . GLU A 1 128 ? -11.515 1.798   6.340   1.00 36.08 ? 282 GLU A CG  1 
ATOM   1028 C  CD  . GLU A 1 128 ? -12.744 2.460   5.751   1.00 38.45 ? 282 GLU A CD  1 
ATOM   1029 O  OE1 . GLU A 1 128 ? -12.609 3.587   5.231   1.00 37.36 ? 282 GLU A OE1 1 
ATOM   1030 O  OE2 . GLU A 1 128 ? -13.841 1.860   5.796   1.00 41.51 ? 282 GLU A OE2 1 
ATOM   1031 N  N   . GLY A 1 129 ? -8.672  0.263   6.634   1.00 23.08 ? 283 GLY A N   1 
ATOM   1032 C  CA  . GLY A 1 129 ? -7.693  -0.223  5.683   1.00 21.36 ? 283 GLY A CA  1 
ATOM   1033 C  C   . GLY A 1 129 ? -7.057  -1.544  6.068   1.00 21.65 ? 283 GLY A C   1 
ATOM   1034 O  O   . GLY A 1 129 ? -6.728  -2.340  5.197   1.00 20.18 ? 283 GLY A O   1 
ATOM   1035 N  N   . GLU A 1 130 ? -6.892  -1.790  7.367   1.00 22.15 ? 284 GLU A N   1 
ATOM   1036 C  CA  . GLU A 1 130 ? -6.272  -3.029  7.838   1.00 22.59 ? 284 GLU A CA  1 
ATOM   1037 C  C   . GLU A 1 130 ? -7.187  -4.239  7.775   1.00 23.72 ? 284 GLU A C   1 
ATOM   1038 O  O   . GLU A 1 130 ? -6.758  -5.361  8.065   1.00 24.23 ? 284 GLU A O   1 
ATOM   1039 C  CB  . GLU A 1 130 ? -5.803  -2.888  9.280   1.00 21.07 ? 284 GLU A CB  1 
ATOM   1040 C  CG  . GLU A 1 130 ? -4.949  -1.682  9.542   1.00 27.29 ? 284 GLU A CG  1 
ATOM   1041 C  CD  . GLU A 1 130 ? -4.270  -1.740  10.896  1.00 28.25 ? 284 GLU A CD  1 
ATOM   1042 O  OE1 . GLU A 1 130 ? -4.924  -2.159  11.876  1.00 28.62 ? 284 GLU A OE1 1 
ATOM   1043 O  OE2 . GLU A 1 130 ? -3.084  -1.354  10.979  1.00 31.85 ? 284 GLU A OE2 1 
ATOM   1044 N  N   . TYR A 1 131 ? -8.438  -4.022  7.388   1.00 23.29 ? 285 TYR A N   1 
ATOM   1045 C  CA  . TYR A 1 131 ? -9.406  -5.105  7.348   1.00 21.35 ? 285 TYR A CA  1 
ATOM   1046 C  C   . TYR A 1 131 ? -9.878  -5.561  5.996   1.00 20.57 ? 285 TYR A C   1 
ATOM   1047 O  O   . TYR A 1 131 ? -10.374 -6.671  5.878   1.00 23.08 ? 285 TYR A O   1 
ATOM   1048 C  CB  . TYR A 1 131 ? -10.625 -4.731  8.178   1.00 21.92 ? 285 TYR A CB  1 
ATOM   1049 C  CG  . TYR A 1 131 ? -10.318 -4.586  9.644   1.00 22.37 ? 285 TYR A CG  1 
ATOM   1050 C  CD1 . TYR A 1 131 ? -10.299 -5.698  10.480  1.00 22.78 ? 285 TYR A CD1 1 
ATOM   1051 C  CD2 . TYR A 1 131 ? -10.056 -3.335  10.196  1.00 23.00 ? 285 TYR A CD2 1 
ATOM   1052 C  CE1 . TYR A 1 131 ? -10.034 -5.567  11.844  1.00 25.53 ? 285 TYR A CE1 1 
ATOM   1053 C  CE2 . TYR A 1 131 ? -9.787  -3.193  11.556  1.00 24.16 ? 285 TYR A CE2 1 
ATOM   1054 C  CZ  . TYR A 1 131 ? -9.779  -4.314  12.375  1.00 24.64 ? 285 TYR A CZ  1 
ATOM   1055 O  OH  . TYR A 1 131 ? -9.549  -4.181  13.725  1.00 26.40 ? 285 TYR A OH  1 
ATOM   1056 N  N   . TYR A 1 132 ? -9.752  -4.732  4.968   1.00 20.84 ? 286 TYR A N   1 
ATOM   1057 C  CA  . TYR A 1 132 ? -10.226 -5.165  3.661   1.00 21.31 ? 286 TYR A CA  1 
ATOM   1058 C  C   . TYR A 1 132 ? -9.758  -4.326  2.499   1.00 23.00 ? 286 TYR A C   1 
ATOM   1059 O  O   . TYR A 1 132 ? -9.112  -3.296  2.673   1.00 24.23 ? 286 TYR A O   1 
ATOM   1060 C  CB  . TYR A 1 132 ? -11.756 -5.200  3.645   1.00 19.86 ? 286 TYR A CB  1 
ATOM   1061 C  CG  . TYR A 1 132 ? -12.410 -3.832  3.691   1.00 18.60 ? 286 TYR A CG  1 
ATOM   1062 C  CD1 . TYR A 1 132 ? -13.136 -3.348  2.605   1.00 17.65 ? 286 TYR A CD1 1 
ATOM   1063 C  CD2 . TYR A 1 132 ? -12.311 -3.026  4.825   1.00 17.60 ? 286 TYR A CD2 1 
ATOM   1064 C  CE1 . TYR A 1 132 ? -13.750 -2.097  2.644   1.00 16.70 ? 286 TYR A CE1 1 
ATOM   1065 C  CE2 . TYR A 1 132 ? -12.923 -1.771  4.877   1.00 17.24 ? 286 TYR A CE2 1 
ATOM   1066 C  CZ  . TYR A 1 132 ? -13.641 -1.316  3.783   1.00 17.94 ? 286 TYR A CZ  1 
ATOM   1067 O  OH  . TYR A 1 132 ? -14.260 -0.082  3.822   1.00 19.84 ? 286 TYR A OH  1 
ATOM   1068 N  N   . ASN A 1 133 ? -10.116 -4.787  1.306   1.00 24.33 ? 287 ASN A N   1 
ATOM   1069 C  CA  . ASN A 1 133 ? -9.777  -4.104  0.072   1.00 25.58 ? 287 ASN A CA  1 
ATOM   1070 C  C   . ASN A 1 133 ? -10.986 -4.131  -0.865  1.00 26.89 ? 287 ASN A C   1 
ATOM   1071 O  O   . ASN A 1 133 ? -11.785 -5.061  -0.839  1.00 27.70 ? 287 ASN A O   1 
ATOM   1072 C  CB  . ASN A 1 133 ? -8.574  -4.786  -0.586  1.00 23.96 ? 287 ASN A CB  1 
ATOM   1073 C  CG  . ASN A 1 133 ? -8.881  -6.193  -1.058  1.00 22.50 ? 287 ASN A CG  1 
ATOM   1074 O  OD1 . ASN A 1 133 ? -9.628  -6.393  -2.018  1.00 22.77 ? 287 ASN A OD1 1 
ATOM   1075 N  ND2 . ASN A 1 133 ? -8.309  -7.175  -0.385  1.00 19.35 ? 287 ASN A ND2 1 
ATOM   1076 N  N   . VAL A 1 134 ? -11.119 -3.097  -1.684  1.00 28.77 ? 288 VAL A N   1 
ATOM   1077 C  CA  . VAL A 1 134 ? -12.216 -3.009  -2.634  1.00 28.25 ? 288 VAL A CA  1 
ATOM   1078 C  C   . VAL A 1 134 ? -11.622 -2.788  -4.023  1.00 29.82 ? 288 VAL A C   1 
ATOM   1079 O  O   . VAL A 1 134 ? -11.093 -1.718  -4.310  1.00 30.75 ? 288 VAL A O   1 
ATOM   1080 C  CB  . VAL A 1 134 ? -13.137 -1.826  -2.299  1.00 28.79 ? 288 VAL A CB  1 
ATOM   1081 C  CG1 . VAL A 1 134 ? -14.320 -1.813  -3.240  1.00 29.67 ? 288 VAL A CG1 1 
ATOM   1082 C  CG2 . VAL A 1 134 ? -13.601 -1.917  -0.858  1.00 28.29 ? 288 VAL A CG2 1 
ATOM   1083 N  N   . PRO A 1 135 ? -11.679 -3.805  -4.899  1.00 30.92 ? 289 PRO A N   1 
ATOM   1084 C  CA  . PRO A 1 135 ? -11.122 -3.645  -6.248  1.00 31.77 ? 289 PRO A CA  1 
ATOM   1085 C  C   . PRO A 1 135 ? -11.967 -2.733  -7.141  1.00 35.55 ? 289 PRO A C   1 
ATOM   1086 O  O   . PRO A 1 135 ? -13.162 -2.562  -6.905  1.00 36.18 ? 289 PRO A O   1 
ATOM   1087 C  CB  . PRO A 1 135 ? -11.054 -5.075  -6.760  1.00 28.90 ? 289 PRO A CB  1 
ATOM   1088 C  CG  . PRO A 1 135 ? -12.202 -5.729  -6.073  1.00 29.52 ? 289 PRO A CG  1 
ATOM   1089 C  CD  . PRO A 1 135 ? -12.111 -5.194  -4.670  1.00 29.60 ? 289 PRO A CD  1 
ATOM   1090 N  N   . ILE A 1 136 ? -11.337 -2.149  -8.161  1.00 40.02 ? 290 ILE A N   1 
ATOM   1091 C  CA  . ILE A 1 136 ? -12.017 -1.245  -9.094  1.00 44.62 ? 290 ILE A CA  1 
ATOM   1092 C  C   . ILE A 1 136 ? -11.902 -1.728  -10.537 1.00 49.60 ? 290 ILE A C   1 
ATOM   1093 O  O   . ILE A 1 136 ? -10.800 -1.942  -11.033 1.00 50.48 ? 290 ILE A O   1 
ATOM   1094 C  CB  . ILE A 1 136 ? -11.406 0.161   -9.065  1.00 43.95 ? 290 ILE A CB  1 
ATOM   1095 C  CG1 . ILE A 1 136 ? -11.402 0.719   -7.645  1.00 42.68 ? 290 ILE A CG1 1 
ATOM   1096 C  CG2 . ILE A 1 136 ? -12.189 1.074   -9.999  1.00 43.18 ? 290 ILE A CG2 1 
ATOM   1097 C  CD1 . ILE A 1 136 ? -10.370 1.799   -7.445  1.00 41.25 ? 290 ILE A CD1 1 
ATOM   1098 N  N   . PRO A 1 137 ? -13.035 -1.945  -11.217 1.00 55.03 ? 291 PRO A N   1 
ATOM   1099 C  CA  . PRO A 1 137 ? -12.992 -2.399  -12.620 1.00 59.18 ? 291 PRO A CA  1 
ATOM   1100 C  C   . PRO A 1 137 ? -13.120 -1.336  -13.717 1.00 62.98 ? 291 PRO A C   1 
ATOM   1101 O  O   . PRO A 1 137 ? -14.221 -0.924  -14.114 1.00 63.71 ? 291 PRO A O   1 
ATOM   1102 C  CB  . PRO A 1 137 ? -14.088 -3.454  -12.661 1.00 57.96 ? 291 PRO A CB  1 
ATOM   1103 C  CG  . PRO A 1 137 ? -14.051 -3.997  -11.255 1.00 57.44 ? 291 PRO A CG  1 
ATOM   1104 C  CD  . PRO A 1 137 ? -14.077 -2.697  -10.500 1.00 56.09 ? 291 PRO A CD  1 
ATOM   1105 N  N   . GLU A 1 138 ? -11.946 -0.954  -14.217 1.00 67.28 ? 292 GLU A N   1 
ATOM   1106 C  CA  . GLU A 1 138 ? -11.677 0.056   -15.240 1.00 70.63 ? 292 GLU A CA  1 
ATOM   1107 C  C   . GLU A 1 138 ? -10.973 1.149   -14.457 1.00 72.29 ? 292 GLU A C   1 
ATOM   1108 O  O   . GLU A 1 138 ? -11.671 2.059   -13.960 1.00 73.17 ? 292 GLU A O   1 
ATOM   1109 C  CB  . GLU A 1 138 ? -12.960 0.604   -15.878 1.00 71.32 ? 292 GLU A CB  1 
HETATM 1110 CA CA  . CA  B 2 .   ? 1.518   17.184  4.514   1.00 24.97 ? 501 CA  A CA  1 
HETATM 1111 CA CA  . CA  C 2 .   ? 4.575   16.681  2.226   1.00 23.44 ? 502 CA  A CA  1 
HETATM 1112 P  P   . PO4 D 3 .   ? 8.527   6.296   8.470   0.50 59.74 ? 601 PO4 A P   1 
HETATM 1113 O  O1  . PO4 D 3 .   ? 9.521   5.662   7.566   0.50 59.05 ? 601 PO4 A O1  1 
HETATM 1114 O  O2  . PO4 D 3 .   ? 8.696   7.768   8.433   0.50 60.13 ? 601 PO4 A O2  1 
HETATM 1115 O  O3  . PO4 D 3 .   ? 8.743   5.807   9.858   0.50 59.27 ? 601 PO4 A O3  1 
HETATM 1116 O  O4  . PO4 D 3 .   ? 7.158   5.943   8.028   0.50 58.88 ? 601 PO4 A O4  1 
HETATM 1117 O  O2  . PSF E 4 .   ? 6.709   19.659  2.863   0.50 46.49 ? 401 PSF A O2  1 
HETATM 1118 O  O1  . PSF E 4 .   ? 5.091   20.500  1.315   0.50 46.79 ? 401 PSF A O1  1 
HETATM 1119 P  P   . PSF E 4 .   ? 5.497   19.361  2.123   0.50 47.84 ? 401 PSF A P   1 
HETATM 1120 O  O4  . PSF E 4 .   ? 5.733   18.224  1.239   0.50 48.18 ? 401 PSF A O4  1 
HETATM 1121 O  O3  . PSF E 4 .   ? 4.430   19.004  3.109   0.50 47.69 ? 401 PSF A O3  1 
HETATM 1122 C  C2  . PSF E 4 .   ? 7.580   18.591  3.303   0.50 43.74 ? 401 PSF A C2  1 
HETATM 1123 C  C3  . PSF E 4 .   ? 8.486   19.528  4.006   0.50 41.88 ? 401 PSF A C3  1 
HETATM 1124 O  O11 . PSF E 4 .   ? 7.705   19.509  5.365   0.50 41.04 ? 401 PSF A O11 1 
HETATM 1125 O  O12 . PSF E 4 .   ? 5.634   20.082  6.252   0.50 39.59 ? 401 PSF A O12 1 
HETATM 1126 C  C1  . PSF E 4 .   ? 6.816   20.388  5.711   0.50 39.76 ? 401 PSF A C1  1 
HETATM 1127 C  C4  . PSF E 4 .   ? 9.657   20.506  3.430   0.50 41.82 ? 401 PSF A C4  1 
HETATM 1128 C  C5  . PSF E 4 .   ? 11.472  21.079  1.620   0.50 40.10 ? 401 PSF A C5  1 
HETATM 1129 O  O51 . PSF E 4 .   ? 11.548  20.896  0.342   0.50 42.08 ? 401 PSF A O51 1 
HETATM 1130 O  O52 . PSF E 4 .   ? 10.174  20.636  1.938   0.50 40.97 ? 401 PSF A O52 1 
HETATM 1131 C  C6  . PSF E 4 .   ? 12.336  21.954  2.661   0.50 39.28 ? 401 PSF A C6  1 
HETATM 1132 C  C7  . PSF E 4 .   ? 13.947  22.193  2.663   0.50 38.18 ? 401 PSF A C7  1 
HETATM 1133 C  C13 . PSF E 4 .   ? 7.203   21.711  5.538   0.50 39.30 ? 401 PSF A C13 1 
HETATM 1134 C  C14 . PSF E 4 .   ? 7.015   21.964  4.132   0.50 38.97 ? 401 PSF A C14 1 
HETATM 1135 C  C15 . PSF E 4 .   ? 7.397   23.262  3.728   0.50 39.62 ? 401 PSF A C15 1 
HETATM 1136 N  N   . PSF E 4 .   ? 4.564   23.037  3.053   0.50 45.10 ? 401 PSF A N   1 
HETATM 1137 C  CA  . PSF E 4 .   ? 4.631   22.713  1.602   0.50 45.44 ? 401 PSF A CA  1 
HETATM 1138 C  CB  . PSF E 4 .   ? 5.775   21.808  1.233   0.50 45.46 ? 401 PSF A CB  1 
HETATM 1139 C  C   . PSF E 4 .   ? 3.477   22.646  0.644   0.50 45.64 ? 401 PSF A C   1 
HETATM 1140 O  OT1 . PSF E 4 .   ? 3.712   22.172  -0.480  0.50 45.67 ? 401 PSF A OT1 1 
HETATM 1141 O  OT2 . PSF E 4 .   ? 2.375   23.062  1.015   0.50 45.51 ? 401 PSF A OT2 1 
HETATM 1142 O  O   . HOH F 5 .   ? 1.922   16.801  8.504   1.00 20.00 ? 301 HOH A O   1 
HETATM 1143 O  O   . HOH F 5 .   ? 11.930  -2.044  -7.803  1.00 31.33 ? 302 HOH A O   1 
HETATM 1144 O  O   . HOH F 5 .   ? 11.918  -6.814  -1.318  1.00 19.60 ? 303 HOH A O   1 
HETATM 1145 O  O   . HOH F 5 .   ? 1.936   19.778  6.260   1.00 24.53 ? 304 HOH A O   1 
HETATM 1146 O  O   . HOH F 5 .   ? 10.461  4.796   -7.620  1.00 23.19 ? 305 HOH A O   1 
HETATM 1147 O  O   . HOH F 5 .   ? -5.081  12.200  6.832   1.00 28.78 ? 306 HOH A O   1 
HETATM 1148 O  O   . HOH F 5 .   ? 12.871  8.789   -1.372  1.00 33.41 ? 307 HOH A O   1 
HETATM 1149 O  O   . HOH F 5 .   ? 6.971   -9.546  14.290  1.00 28.13 ? 308 HOH A O   1 
HETATM 1150 O  O   . HOH F 5 .   ? 14.032  18.307  -2.407  1.00 37.57 ? 309 HOH A O   1 
HETATM 1151 O  O   . HOH F 5 .   ? 12.515  2.311   -8.838  1.00 39.27 ? 310 HOH A O   1 
HETATM 1152 O  O   . HOH F 5 .   ? 6.756   18.727  -2.277  1.00 54.36 ? 311 HOH A O   1 
HETATM 1153 O  O   . HOH F 5 .   ? -9.237  -1.436  -1.178  1.00 12.14 ? 312 HOH A O   1 
HETATM 1154 O  O   . HOH F 5 .   ? -5.157  9.380   -0.798  1.00 27.36 ? 313 HOH A O   1 
HETATM 1155 O  O   . HOH F 5 .   ? -9.225  -8.894  2.642   1.00 31.84 ? 314 HOH A O   1 
HETATM 1156 O  O   . HOH F 5 .   ? 12.967  1.509   -2.380  1.00 28.59 ? 315 HOH A O   1 
HETATM 1157 O  O   . HOH F 5 .   ? 10.489  9.428   7.017   1.00 32.42 ? 316 HOH A O   1 
HETATM 1158 O  O   . HOH F 5 .   ? -0.631  7.400   -12.269 1.00 27.90 ? 317 HOH A O   1 
HETATM 1159 O  O   . HOH F 5 .   ? 14.772  3.918   3.020   1.00 54.03 ? 318 HOH A O   1 
HETATM 1160 O  O   . HOH F 5 .   ? 12.455  -1.502  1.610   1.00 28.83 ? 319 HOH A O   1 
HETATM 1161 O  O   . HOH F 5 .   ? 1.862   -2.767  -16.726 1.00 46.59 ? 320 HOH A O   1 
HETATM 1162 O  O   . HOH F 5 .   ? -2.332  8.976   11.900  1.00 46.77 ? 321 HOH A O   1 
HETATM 1163 O  O   . HOH F 5 .   ? 18.273  2.667   -4.098  1.00 76.09 ? 322 HOH A O   1 
HETATM 1164 O  O   . HOH F 5 .   ? 7.884   -9.363  -7.496  1.00 44.55 ? 323 HOH A O   1 
HETATM 1165 O  O   . HOH F 5 .   ? 9.139   -3.359  -11.169 1.00 31.02 ? 324 HOH A O   1 
HETATM 1166 O  O   . HOH F 5 .   ? 11.208  18.604  -5.696  1.00 38.51 ? 325 HOH A O   1 
HETATM 1167 O  O   . HOH F 5 .   ? -5.939  8.639   10.238  1.00 46.17 ? 326 HOH A O   1 
HETATM 1168 O  O   . HOH F 5 .   ? 14.095  1.480   -7.076  1.00 46.93 ? 327 HOH A O   1 
HETATM 1169 O  O   . HOH F 5 .   ? 4.494   18.504  -1.687  1.00 28.59 ? 328 HOH A O   1 
HETATM 1170 O  O   . HOH F 5 .   ? -8.355  2.597   16.325  1.00 50.61 ? 329 HOH A O   1 
HETATM 1171 O  O   . HOH F 5 .   ? -4.239  0.992   7.175   1.00 17.03 ? 330 HOH A O   1 
HETATM 1172 O  O   . HOH F 5 .   ? -0.071  -10.670 -10.418 1.00 30.12 ? 331 HOH A O   1 
HETATM 1173 O  O   . HOH F 5 .   ? -9.281  12.231  -4.494  1.00 24.74 ? 332 HOH A O   1 
HETATM 1174 O  O   . HOH F 5 .   ? -5.055  -14.337 6.049   1.00 33.91 ? 333 HOH A O   1 
HETATM 1175 O  O   . HOH F 5 .   ? -3.255  -1.312  6.120   1.00 24.07 ? 334 HOH A O   1 
HETATM 1176 O  O   . HOH F 5 .   ? 3.682   20.732  4.723   0.50 22.23 ? 335 HOH A O   1 
HETATM 1177 O  O   . HOH F 5 .   ? 3.117   -20.998 -0.856  1.00 45.38 ? 336 HOH A O   1 
HETATM 1178 O  O   . HOH F 5 .   ? 5.799   24.443  -3.015  1.00 58.40 ? 337 HOH A O   1 
HETATM 1179 O  O   . HOH F 5 .   ? 2.631   -19.169 4.676   1.00 39.29 ? 338 HOH A O   1 
HETATM 1180 O  O   . HOH F 5 .   ? -6.390  14.874  -6.992  1.50 40.54 ? 339 HOH A O   1 
# 
